data_7T7Q
# 
_entry.id   7T7Q 
# 
_audit_conform.dict_name       mmcif_pdbx.dic 
_audit_conform.dict_version    5.380 
_audit_conform.dict_location   http://mmcif.pdb.org/dictionaries/ascii/mmcif_pdbx.dic 
# 
loop_
_database_2.database_id 
_database_2.database_code 
_database_2.pdbx_database_accession 
_database_2.pdbx_DOI 
PDB   7T7Q         pdb_00007t7q 10.2210/pdb7t7q/pdb 
WWPDB D_1000261792 ?            ?                   
# 
_pdbx_database_related.db_name        PDB 
_pdbx_database_related.details        . 
_pdbx_database_related.db_id          4XEC 
_pdbx_database_related.content_type   unspecified 
# 
_pdbx_database_status.status_code                     REL 
_pdbx_database_status.status_code_sf                  REL 
_pdbx_database_status.status_code_mr                  ? 
_pdbx_database_status.entry_id                        7T7Q 
_pdbx_database_status.recvd_initial_deposition_date   2021-12-15 
_pdbx_database_status.SG_entry                        N 
_pdbx_database_status.deposit_site                    RCSB 
_pdbx_database_status.process_site                    RCSB 
_pdbx_database_status.status_code_cs                  ? 
_pdbx_database_status.status_code_nmr_data            ? 
_pdbx_database_status.methods_development_category    ? 
_pdbx_database_status.pdb_format_compatible           Y 
# 
loop_
_audit_author.name 
_audit_author.pdbx_ordinal 
_audit_author.identifier_ORCID 
'Reeve, S.M.'  1 0000-0003-2064-405X 
'Wang, S.'     2 ?                   
'Donald, B.R.' 3 0000-0001-6884-4398 
'Wright, D.L.' 4 0000-0002-0169-5962 
# 
_citation.abstract                  ? 
_citation.abstract_id_CAS           ? 
_citation.book_id_ISBN              ? 
_citation.book_publisher            ? 
_citation.book_publisher_city       ? 
_citation.book_title                ? 
_citation.coordinate_linkage        ? 
_citation.country                   US 
_citation.database_id_Medline       ? 
_citation.details                   ? 
_citation.id                        primary 
_citation.journal_abbrev            'Plos Comput.Biol.' 
_citation.journal_id_ASTM           ? 
_citation.journal_id_CSD            ? 
_citation.journal_id_ISSN           1553-7358 
_citation.journal_full              ? 
_citation.journal_issue             ? 
_citation.journal_volume            18 
_citation.language                  ? 
_citation.page_first                e1009855 
_citation.page_last                 e1009855 
_citation.title                     'Chiral evasion and stereospecific antifolate resistance in Staphylococcus aureus.' 
_citation.year                      2022 
_citation.database_id_CSD           ? 
_citation.pdbx_database_id_DOI      10.1371/journal.pcbi.1009855 
_citation.pdbx_database_id_PubMed   35143481 
_citation.pdbx_database_id_patent   ? 
_citation.unpublished_flag          ? 
# 
loop_
_citation_author.citation_id 
_citation_author.name 
_citation_author.ordinal 
_citation_author.identifier_ORCID 
primary 'Wang, S.'       1  ?                   
primary 'Reeve, S.M.'    2  0000-0003-2064-405X 
primary 'Holt, G.T.'     3  0000-0003-3354-9748 
primary 'Ojewole, A.A.'  4  0000-0003-2661-4388 
primary 'Frenkel, M.S.'  5  0000-0002-5638-7692 
primary 'Gainza, P.'     6  ?                   
primary 'Keshipeddy, S.' 7  ?                   
primary 'Fowler, V.G.'   8  0000-0002-8048-0897 
primary 'Wright, D.L.'   9  0000-0003-4634-3351 
primary 'Donald, B.R.'   10 0000-0001-6884-4398 
# 
_cell.angle_alpha                  90.00 
_cell.angle_alpha_esd              ? 
_cell.angle_beta                   90.00 
_cell.angle_beta_esd               ? 
_cell.angle_gamma                  120.00 
_cell.angle_gamma_esd              ? 
_cell.entry_id                     7T7Q 
_cell.details                      ? 
_cell.formula_units_Z              ? 
_cell.length_a                     78.875 
_cell.length_a_esd                 ? 
_cell.length_b                     78.875 
_cell.length_b_esd                 ? 
_cell.length_c                     107.993 
_cell.length_c_esd                 ? 
_cell.volume                       ? 
_cell.volume_esd                   ? 
_cell.Z_PDB                        12 
_cell.reciprocal_angle_alpha       ? 
_cell.reciprocal_angle_beta        ? 
_cell.reciprocal_angle_gamma       ? 
_cell.reciprocal_angle_alpha_esd   ? 
_cell.reciprocal_angle_beta_esd    ? 
_cell.reciprocal_angle_gamma_esd   ? 
_cell.reciprocal_length_a          ? 
_cell.reciprocal_length_b          ? 
_cell.reciprocal_length_c          ? 
_cell.reciprocal_length_a_esd      ? 
_cell.reciprocal_length_b_esd      ? 
_cell.reciprocal_length_c_esd      ? 
_cell.pdbx_unique_axis             ? 
# 
_symmetry.entry_id                         7T7Q 
_symmetry.cell_setting                     ? 
_symmetry.Int_Tables_number                178 
_symmetry.space_group_name_Hall            ? 
_symmetry.space_group_name_H-M             'P 61 2 2' 
_symmetry.pdbx_full_space_group_name_H-M   ? 
# 
loop_
_entity.id 
_entity.type 
_entity.src_method 
_entity.pdbx_description 
_entity.formula_weight 
_entity.pdbx_number_of_molecules 
_entity.pdbx_ec 
_entity.pdbx_mutation 
_entity.pdbx_fragment 
_entity.details 
1 polymer     man 'Dihydrofolate reductase'                                                                  18015.557 1  1.5.1.3 
? ? ? 
2 non-polymer man alpha-NADPH                                                                                745.421   1  ?       
? ? ? 
3 non-polymer syn '6-ethyl-5-{(3R)-3-[3-methoxy-5-(pyridin-4-yl)phenyl]but-1-yn-1-yl}pyrimidine-2,4-diamine' 373.451   1  ?       
? ? ? 
4 non-polymer syn 'ACETATE ION'                                                                              59.044    1  ?       
? ? ? 
5 water       nat water                                                                                      18.015    46 ?       
? ? ? 
# 
_entity_name_com.entity_id   1 
_entity_name_com.name        DHFR 
# 
_entity_poly.entity_id                      1 
_entity_poly.type                           'polypeptide(L)' 
_entity_poly.nstd_linkage                   no 
_entity_poly.nstd_monomer                   no 
_entity_poly.pdbx_seq_one_letter_code       
;TLSILVAHDLQRVIGFENQLPWHLPNDLKHVKKLSTGHTLVMGRKTFESIGKPLPNRRNVVLTSDTSFNVEGVDVIHSIE
DIYQLPGHVFIFGGQTLFEEMIDKVDDMYITVIEGKFRGDTFFPPYTFEDWEVASSVEGKLDEKNTIPHTFLHLIRK
;
_entity_poly.pdbx_seq_one_letter_code_can   
;TLSILVAHDLQRVIGFENQLPWHLPNDLKHVKKLSTGHTLVMGRKTFESIGKPLPNRRNVVLTSDTSFNVEGVDVIHSIE
DIYQLPGHVFIFGGQTLFEEMIDKVDDMYITVIEGKFRGDTFFPPYTFEDWEVASSVEGKLDEKNTIPHTFLHLIRK
;
_entity_poly.pdbx_strand_id                 X 
_entity_poly.pdbx_target_identifier         ? 
# 
loop_
_entity_poly_seq.entity_id 
_entity_poly_seq.num 
_entity_poly_seq.mon_id 
_entity_poly_seq.hetero 
1 1   THR n 
1 2   LEU n 
1 3   SER n 
1 4   ILE n 
1 5   LEU n 
1 6   VAL n 
1 7   ALA n 
1 8   HIS n 
1 9   ASP n 
1 10  LEU n 
1 11  GLN n 
1 12  ARG n 
1 13  VAL n 
1 14  ILE n 
1 15  GLY n 
1 16  PHE n 
1 17  GLU n 
1 18  ASN n 
1 19  GLN n 
1 20  LEU n 
1 21  PRO n 
1 22  TRP n 
1 23  HIS n 
1 24  LEU n 
1 25  PRO n 
1 26  ASN n 
1 27  ASP n 
1 28  LEU n 
1 29  LYS n 
1 30  HIS n 
1 31  VAL n 
1 32  LYS n 
1 33  LYS n 
1 34  LEU n 
1 35  SER n 
1 36  THR n 
1 37  GLY n 
1 38  HIS n 
1 39  THR n 
1 40  LEU n 
1 41  VAL n 
1 42  MET n 
1 43  GLY n 
1 44  ARG n 
1 45  LYS n 
1 46  THR n 
1 47  PHE n 
1 48  GLU n 
1 49  SER n 
1 50  ILE n 
1 51  GLY n 
1 52  LYS n 
1 53  PRO n 
1 54  LEU n 
1 55  PRO n 
1 56  ASN n 
1 57  ARG n 
1 58  ARG n 
1 59  ASN n 
1 60  VAL n 
1 61  VAL n 
1 62  LEU n 
1 63  THR n 
1 64  SER n 
1 65  ASP n 
1 66  THR n 
1 67  SER n 
1 68  PHE n 
1 69  ASN n 
1 70  VAL n 
1 71  GLU n 
1 72  GLY n 
1 73  VAL n 
1 74  ASP n 
1 75  VAL n 
1 76  ILE n 
1 77  HIS n 
1 78  SER n 
1 79  ILE n 
1 80  GLU n 
1 81  ASP n 
1 82  ILE n 
1 83  TYR n 
1 84  GLN n 
1 85  LEU n 
1 86  PRO n 
1 87  GLY n 
1 88  HIS n 
1 89  VAL n 
1 90  PHE n 
1 91  ILE n 
1 92  PHE n 
1 93  GLY n 
1 94  GLY n 
1 95  GLN n 
1 96  THR n 
1 97  LEU n 
1 98  PHE n 
1 99  GLU n 
1 100 GLU n 
1 101 MET n 
1 102 ILE n 
1 103 ASP n 
1 104 LYS n 
1 105 VAL n 
1 106 ASP n 
1 107 ASP n 
1 108 MET n 
1 109 TYR n 
1 110 ILE n 
1 111 THR n 
1 112 VAL n 
1 113 ILE n 
1 114 GLU n 
1 115 GLY n 
1 116 LYS n 
1 117 PHE n 
1 118 ARG n 
1 119 GLY n 
1 120 ASP n 
1 121 THR n 
1 122 PHE n 
1 123 PHE n 
1 124 PRO n 
1 125 PRO n 
1 126 TYR n 
1 127 THR n 
1 128 PHE n 
1 129 GLU n 
1 130 ASP n 
1 131 TRP n 
1 132 GLU n 
1 133 VAL n 
1 134 ALA n 
1 135 SER n 
1 136 SER n 
1 137 VAL n 
1 138 GLU n 
1 139 GLY n 
1 140 LYS n 
1 141 LEU n 
1 142 ASP n 
1 143 GLU n 
1 144 LYS n 
1 145 ASN n 
1 146 THR n 
1 147 ILE n 
1 148 PRO n 
1 149 HIS n 
1 150 THR n 
1 151 PHE n 
1 152 LEU n 
1 153 HIS n 
1 154 LEU n 
1 155 ILE n 
1 156 ARG n 
1 157 LYS n 
# 
_entity_src_gen.entity_id                          1 
_entity_src_gen.pdbx_src_id                        1 
_entity_src_gen.pdbx_alt_source_flag               sample 
_entity_src_gen.pdbx_seq_type                      'Biological sequence' 
_entity_src_gen.pdbx_beg_seq_num                   1 
_entity_src_gen.pdbx_end_seq_num                   157 
_entity_src_gen.gene_src_common_name               ? 
_entity_src_gen.gene_src_genus                     ? 
_entity_src_gen.pdbx_gene_src_gene                 folA 
_entity_src_gen.gene_src_species                   ? 
_entity_src_gen.gene_src_strain                    ? 
_entity_src_gen.gene_src_tissue                    ? 
_entity_src_gen.gene_src_tissue_fraction           ? 
_entity_src_gen.gene_src_details                   ? 
_entity_src_gen.pdbx_gene_src_fragment             ? 
_entity_src_gen.pdbx_gene_src_scientific_name      'Staphylococcus aureus' 
_entity_src_gen.pdbx_gene_src_ncbi_taxonomy_id     1280 
_entity_src_gen.pdbx_gene_src_variant              ? 
_entity_src_gen.pdbx_gene_src_cell_line            ? 
_entity_src_gen.pdbx_gene_src_atcc                 ? 
_entity_src_gen.pdbx_gene_src_organ                ? 
_entity_src_gen.pdbx_gene_src_organelle            ? 
_entity_src_gen.pdbx_gene_src_cell                 ? 
_entity_src_gen.pdbx_gene_src_cellular_location    ? 
_entity_src_gen.host_org_common_name               ? 
_entity_src_gen.pdbx_host_org_scientific_name      'Escherichia coli' 
_entity_src_gen.pdbx_host_org_ncbi_taxonomy_id     562 
_entity_src_gen.host_org_genus                     ? 
_entity_src_gen.pdbx_host_org_gene                 ? 
_entity_src_gen.pdbx_host_org_organ                ? 
_entity_src_gen.host_org_species                   ? 
_entity_src_gen.pdbx_host_org_tissue               ? 
_entity_src_gen.pdbx_host_org_tissue_fraction      ? 
_entity_src_gen.pdbx_host_org_strain               ? 
_entity_src_gen.pdbx_host_org_variant              ? 
_entity_src_gen.pdbx_host_org_cell_line            ? 
_entity_src_gen.pdbx_host_org_atcc                 ? 
_entity_src_gen.pdbx_host_org_culture_collection   ? 
_entity_src_gen.pdbx_host_org_cell                 ? 
_entity_src_gen.pdbx_host_org_organelle            ? 
_entity_src_gen.pdbx_host_org_cellular_location    ? 
_entity_src_gen.pdbx_host_org_vector_type          ? 
_entity_src_gen.pdbx_host_org_vector               ? 
_entity_src_gen.host_org_details                   ? 
_entity_src_gen.expression_system_id               ? 
_entity_src_gen.plasmid_name                       ? 
_entity_src_gen.plasmid_details                    ? 
_entity_src_gen.pdbx_description                   ? 
# 
_struct_ref.id                         1 
_struct_ref.db_name                    UNP 
_struct_ref.db_code                    DYR_STAAU 
_struct_ref.pdbx_db_accession          P0A017 
_struct_ref.pdbx_db_isoform            ? 
_struct_ref.entity_id                  1 
_struct_ref.pdbx_seq_one_letter_code   
;TLSILVAHDLQRVIGFENQLPWHLPNDLKHVKKLSTGHTLVMGRKTFESIGKPLPNRRNVVLTSDTSFNVEGVDVIHSIE
DIYQLPGHVFIFGGQTLFEEMIDKVDDMYITVIEGKFRGDTFFPPYTFEDWEVASSVEGKLDEKNTIPHTFLHLIRK
;
_struct_ref.pdbx_align_begin           2 
# 
_struct_ref_seq.align_id                      1 
_struct_ref_seq.ref_id                        1 
_struct_ref_seq.pdbx_PDB_id_code              7T7Q 
_struct_ref_seq.pdbx_strand_id                X 
_struct_ref_seq.seq_align_beg                 1 
_struct_ref_seq.pdbx_seq_align_beg_ins_code   ? 
_struct_ref_seq.seq_align_end                 157 
_struct_ref_seq.pdbx_seq_align_end_ins_code   ? 
_struct_ref_seq.pdbx_db_accession             P0A017 
_struct_ref_seq.db_align_beg                  2 
_struct_ref_seq.pdbx_db_align_beg_ins_code    ? 
_struct_ref_seq.db_align_end                  158 
_struct_ref_seq.pdbx_db_align_end_ins_code    ? 
_struct_ref_seq.pdbx_auth_seq_align_beg       1 
_struct_ref_seq.pdbx_auth_seq_align_end       157 
# 
loop_
_chem_comp.id 
_chem_comp.type 
_chem_comp.mon_nstd_flag 
_chem_comp.name 
_chem_comp.pdbx_synonyms 
_chem_comp.formula 
_chem_comp.formula_weight 
06U non-polymer         . '6-ethyl-5-{(3R)-3-[3-methoxy-5-(pyridin-4-yl)phenyl]but-1-yn-1-yl}pyrimidine-2,4-diamine' ? 
'C22 H23 N5 O'      373.451 
ACT non-polymer         . 'ACETATE ION'                                                                              ? 
'C2 H3 O2 -1'       59.044  
ALA 'L-peptide linking' y ALANINE                                                                                    ? 
'C3 H7 N O2'        89.093  
ARG 'L-peptide linking' y ARGININE                                                                                   ? 
'C6 H15 N4 O2 1'    175.209 
ASN 'L-peptide linking' y ASPARAGINE                                                                                 ? 
'C4 H8 N2 O3'       132.118 
ASP 'L-peptide linking' y 'ASPARTIC ACID'                                                                            ? 
'C4 H7 N O4'        133.103 
GLN 'L-peptide linking' y GLUTAMINE                                                                                  ? 
'C5 H10 N2 O3'      146.144 
GLU 'L-peptide linking' y 'GLUTAMIC ACID'                                                                            ? 
'C5 H9 N O4'        147.129 
GLY 'peptide linking'   y GLYCINE                                                                                    ? 
'C2 H5 N O2'        75.067  
HIS 'L-peptide linking' y HISTIDINE                                                                                  ? 
'C6 H10 N3 O2 1'    156.162 
HOH non-polymer         . WATER                                                                                      ? 'H2 O' 
18.015  
ILE 'L-peptide linking' y ISOLEUCINE                                                                                 ? 
'C6 H13 N O2'       131.173 
LEU 'L-peptide linking' y LEUCINE                                                                                    ? 
'C6 H13 N O2'       131.173 
LYS 'L-peptide linking' y LYSINE                                                                                     ? 
'C6 H15 N2 O2 1'    147.195 
MET 'L-peptide linking' y METHIONINE                                                                                 ? 
'C5 H11 N O2 S'     149.211 
NDW non-polymer         . alpha-NADPH                                                                                
;[[(2~{R},3~{S},4~{R},5~{S})-5-(3-aminocarbonyl-4~{H}-pyridin-1-yl)-3,4-bis(oxidanyl)oxolan-2-yl]methoxy-oxidanyl-phosphoryl] [(2~{R},3~{R},4~{R},5~{R})-5-(6-aminopurin-9-yl)-3-oxidanyl-4-phosphonooxy-oxolan-2-yl]methyl hydrogen phosphate
;
'C21 H30 N7 O17 P3' 745.421 
PHE 'L-peptide linking' y PHENYLALANINE                                                                              ? 
'C9 H11 N O2'       165.189 
PRO 'L-peptide linking' y PROLINE                                                                                    ? 
'C5 H9 N O2'        115.130 
SER 'L-peptide linking' y SERINE                                                                                     ? 
'C3 H7 N O3'        105.093 
THR 'L-peptide linking' y THREONINE                                                                                  ? 
'C4 H9 N O3'        119.119 
TRP 'L-peptide linking' y TRYPTOPHAN                                                                                 ? 
'C11 H12 N2 O2'     204.225 
TYR 'L-peptide linking' y TYROSINE                                                                                   ? 
'C9 H11 N O3'       181.189 
VAL 'L-peptide linking' y VALINE                                                                                     ? 
'C5 H11 N O2'       117.146 
# 
_exptl.absorpt_coefficient_mu     ? 
_exptl.absorpt_correction_T_max   ? 
_exptl.absorpt_correction_T_min   ? 
_exptl.absorpt_correction_type    ? 
_exptl.absorpt_process_details    ? 
_exptl.entry_id                   7T7Q 
_exptl.crystals_number            1 
_exptl.details                    ? 
_exptl.method                     'X-RAY DIFFRACTION' 
_exptl.method_details             ? 
# 
_exptl_crystal.colour                      ? 
_exptl_crystal.density_diffrn              ? 
_exptl_crystal.density_Matthews            2.69 
_exptl_crystal.density_method              ? 
_exptl_crystal.density_percent_sol         54.30 
_exptl_crystal.description                 ? 
_exptl_crystal.F_000                       ? 
_exptl_crystal.id                          1 
_exptl_crystal.preparation                 ? 
_exptl_crystal.size_max                    ? 
_exptl_crystal.size_mid                    ? 
_exptl_crystal.size_min                    ? 
_exptl_crystal.size_rad                    ? 
_exptl_crystal.colour_lustre               ? 
_exptl_crystal.colour_modifier             ? 
_exptl_crystal.colour_primary              ? 
_exptl_crystal.density_meas                ? 
_exptl_crystal.density_meas_esd            ? 
_exptl_crystal.density_meas_gt             ? 
_exptl_crystal.density_meas_lt             ? 
_exptl_crystal.density_meas_temp           ? 
_exptl_crystal.density_meas_temp_esd       ? 
_exptl_crystal.density_meas_temp_gt        ? 
_exptl_crystal.density_meas_temp_lt        ? 
_exptl_crystal.pdbx_crystal_image_url      ? 
_exptl_crystal.pdbx_crystal_image_format   ? 
_exptl_crystal.pdbx_mosaicity              ? 
_exptl_crystal.pdbx_mosaicity_esd          ? 
# 
_exptl_crystal_grow.apparatus       ? 
_exptl_crystal_grow.atmosphere      ? 
_exptl_crystal_grow.crystal_id      1 
_exptl_crystal_grow.details         ? 
_exptl_crystal_grow.method          'VAPOR DIFFUSION, HANGING DROP' 
_exptl_crystal_grow.method_ref      ? 
_exptl_crystal_grow.pH              ? 
_exptl_crystal_grow.pressure        ? 
_exptl_crystal_grow.pressure_esd    ? 
_exptl_crystal_grow.seeding         ? 
_exptl_crystal_grow.seeding_ref     ? 
_exptl_crystal_grow.temp            277 
_exptl_crystal_grow.temp_details    ? 
_exptl_crystal_grow.temp_esd        ? 
_exptl_crystal_grow.time            ? 
_exptl_crystal_grow.pdbx_details    '0.1M MES pH 6.25, 0.1M Sodium Acetate, 13% PEG 10,000, 0.5% gamma-Butrylactone' 
_exptl_crystal_grow.pdbx_pH_range   ? 
# 
_diffrn.ambient_environment              ? 
_diffrn.ambient_temp                     100 
_diffrn.ambient_temp_details             ? 
_diffrn.ambient_temp_esd                 ? 
_diffrn.crystal_id                       1 
_diffrn.crystal_support                  ? 
_diffrn.crystal_treatment                ? 
_diffrn.details                          ? 
_diffrn.id                               1 
_diffrn.ambient_pressure                 ? 
_diffrn.ambient_pressure_esd             ? 
_diffrn.ambient_pressure_gt              ? 
_diffrn.ambient_pressure_lt              ? 
_diffrn.ambient_temp_gt                  ? 
_diffrn.ambient_temp_lt                  ? 
_diffrn.pdbx_serial_crystal_experiment   N 
# 
_diffrn_detector.details                      ? 
_diffrn_detector.detector                     CCD 
_diffrn_detector.diffrn_id                    1 
_diffrn_detector.type                         'ADSC QUANTUM 315r' 
_diffrn_detector.area_resol_mean              ? 
_diffrn_detector.dtime                        ? 
_diffrn_detector.pdbx_frames_total            ? 
_diffrn_detector.pdbx_collection_time_total   ? 
_diffrn_detector.pdbx_collection_date         2014-04-25 
_diffrn_detector.pdbx_frequency               ? 
# 
_diffrn_radiation.collimation                      ? 
_diffrn_radiation.diffrn_id                        1 
_diffrn_radiation.filter_edge                      ? 
_diffrn_radiation.inhomogeneity                    ? 
_diffrn_radiation.monochromator                    ? 
_diffrn_radiation.polarisn_norm                    ? 
_diffrn_radiation.polarisn_ratio                   ? 
_diffrn_radiation.probe                            ? 
_diffrn_radiation.type                             ? 
_diffrn_radiation.xray_symbol                      ? 
_diffrn_radiation.wavelength_id                    1 
_diffrn_radiation.pdbx_monochromatic_or_laue_m_l   M 
_diffrn_radiation.pdbx_wavelength_list             ? 
_diffrn_radiation.pdbx_wavelength                  ? 
_diffrn_radiation.pdbx_diffrn_protocol             'SINGLE WAVELENGTH' 
_diffrn_radiation.pdbx_analyzer                    ? 
_diffrn_radiation.pdbx_scattering_type             x-ray 
# 
_diffrn_radiation_wavelength.id           1 
_diffrn_radiation_wavelength.wavelength   1.10 
_diffrn_radiation_wavelength.wt           1.0 
# 
_diffrn_source.current                     ? 
_diffrn_source.details                     ? 
_diffrn_source.diffrn_id                   1 
_diffrn_source.power                       ? 
_diffrn_source.size                        ? 
_diffrn_source.source                      SYNCHROTRON 
_diffrn_source.target                      ? 
_diffrn_source.type                        'NSLS BEAMLINE X25' 
_diffrn_source.voltage                     ? 
_diffrn_source.take-off_angle              ? 
_diffrn_source.pdbx_wavelength_list        1.10 
_diffrn_source.pdbx_wavelength             ? 
_diffrn_source.pdbx_synchrotron_beamline   X25 
_diffrn_source.pdbx_synchrotron_site       NSLS 
# 
_reflns.B_iso_Wilson_estimate                          38.15 
_reflns.entry_id                                       7T7Q 
_reflns.data_reduction_details                         ? 
_reflns.data_reduction_method                          ? 
_reflns.d_resolution_high                              2.20 
_reflns.d_resolution_low                               31.88 
_reflns.details                                        ? 
_reflns.limit_h_max                                    ? 
_reflns.limit_h_min                                    ? 
_reflns.limit_k_max                                    ? 
_reflns.limit_k_min                                    ? 
_reflns.limit_l_max                                    ? 
_reflns.limit_l_min                                    ? 
_reflns.number_all                                     ? 
_reflns.number_obs                                     10390 
_reflns.observed_criterion                             ? 
_reflns.observed_criterion_F_max                       ? 
_reflns.observed_criterion_F_min                       ? 
_reflns.observed_criterion_I_max                       ? 
_reflns.observed_criterion_I_min                       ? 
_reflns.observed_criterion_sigma_F                     ? 
_reflns.observed_criterion_sigma_I                     ? 
_reflns.percent_possible_obs                           97.95 
_reflns.R_free_details                                 ? 
_reflns.Rmerge_F_all                                   ? 
_reflns.Rmerge_F_obs                                   ? 
_reflns.Friedel_coverage                               ? 
_reflns.number_gt                                      ? 
_reflns.threshold_expression                           ? 
_reflns.pdbx_redundancy                                18.2 
_reflns.pdbx_Rmerge_I_obs                              0.16 
_reflns.pdbx_Rmerge_I_all                              ? 
_reflns.pdbx_Rsym_value                                ? 
_reflns.pdbx_netI_over_av_sigmaI                       ? 
_reflns.pdbx_netI_over_sigmaI                          20.81 
_reflns.pdbx_res_netI_over_av_sigmaI_2                 ? 
_reflns.pdbx_res_netI_over_sigmaI_2                    ? 
_reflns.pdbx_chi_squared                               ? 
_reflns.pdbx_scaling_rejects                           ? 
_reflns.pdbx_d_res_high_opt                            ? 
_reflns.pdbx_d_res_low_opt                             ? 
_reflns.pdbx_d_res_opt_method                          ? 
_reflns.phase_calculation_details                      ? 
_reflns.pdbx_Rrim_I_all                                ? 
_reflns.pdbx_Rpim_I_all                                ? 
_reflns.pdbx_d_opt                                     ? 
_reflns.pdbx_number_measured_all                       ? 
_reflns.pdbx_diffrn_id                                 1 
_reflns.pdbx_ordinal                                   1 
_reflns.pdbx_CC_half                                   ? 
_reflns.pdbx_CC_star                                   ? 
_reflns.pdbx_R_split                                   ? 
_reflns.pdbx_aniso_diffraction_limit_axis_1_ortho[1]   ? 
_reflns.pdbx_aniso_diffraction_limit_axis_1_ortho[2]   ? 
_reflns.pdbx_aniso_diffraction_limit_axis_1_ortho[3]   ? 
_reflns.pdbx_aniso_diffraction_limit_axis_2_ortho[1]   ? 
_reflns.pdbx_aniso_diffraction_limit_axis_2_ortho[2]   ? 
_reflns.pdbx_aniso_diffraction_limit_axis_2_ortho[3]   ? 
_reflns.pdbx_aniso_diffraction_limit_axis_3_ortho[1]   ? 
_reflns.pdbx_aniso_diffraction_limit_axis_3_ortho[2]   ? 
_reflns.pdbx_aniso_diffraction_limit_axis_3_ortho[3]   ? 
_reflns.pdbx_aniso_diffraction_limit_1                 ? 
_reflns.pdbx_aniso_diffraction_limit_2                 ? 
_reflns.pdbx_aniso_diffraction_limit_3                 ? 
_reflns.pdbx_aniso_B_tensor_eigenvector_1_ortho[1]     ? 
_reflns.pdbx_aniso_B_tensor_eigenvector_1_ortho[2]     ? 
_reflns.pdbx_aniso_B_tensor_eigenvector_1_ortho[3]     ? 
_reflns.pdbx_aniso_B_tensor_eigenvector_2_ortho[1]     ? 
_reflns.pdbx_aniso_B_tensor_eigenvector_2_ortho[2]     ? 
_reflns.pdbx_aniso_B_tensor_eigenvector_2_ortho[3]     ? 
_reflns.pdbx_aniso_B_tensor_eigenvector_3_ortho[1]     ? 
_reflns.pdbx_aniso_B_tensor_eigenvector_3_ortho[2]     ? 
_reflns.pdbx_aniso_B_tensor_eigenvector_3_ortho[3]     ? 
_reflns.pdbx_aniso_B_tensor_eigenvalue_1               ? 
_reflns.pdbx_aniso_B_tensor_eigenvalue_2               ? 
_reflns.pdbx_aniso_B_tensor_eigenvalue_3               ? 
_reflns.pdbx_orthogonalization_convention              ? 
_reflns.pdbx_percent_possible_ellipsoidal              ? 
_reflns.pdbx_percent_possible_spherical                ? 
_reflns.pdbx_percent_possible_ellipsoidal_anomalous    ? 
_reflns.pdbx_percent_possible_spherical_anomalous      ? 
_reflns.pdbx_redundancy_anomalous                      ? 
_reflns.pdbx_CC_half_anomalous                         ? 
_reflns.pdbx_absDiff_over_sigma_anomalous              ? 
_reflns.pdbx_percent_possible_anomalous                ? 
_reflns.pdbx_observed_signal_threshold                 ? 
_reflns.pdbx_signal_type                               ? 
_reflns.pdbx_signal_details                            ? 
_reflns.pdbx_signal_software_id                        ? 
# 
_reflns_shell.d_res_high                                    2.20 
_reflns_shell.d_res_low                                     2.42 
_reflns_shell.meanI_over_sigI_all                           ? 
_reflns_shell.meanI_over_sigI_obs                           ? 
_reflns_shell.number_measured_all                           ? 
_reflns_shell.number_measured_obs                           ? 
_reflns_shell.number_possible                               ? 
_reflns_shell.number_unique_all                             ? 
_reflns_shell.number_unique_obs                             866 
_reflns_shell.percent_possible_all                          92.0 
_reflns_shell.percent_possible_obs                          ? 
_reflns_shell.Rmerge_F_all                                  ? 
_reflns_shell.Rmerge_F_obs                                  ? 
_reflns_shell.Rmerge_I_all                                  ? 
_reflns_shell.Rmerge_I_obs                                  0.9 
_reflns_shell.meanI_over_sigI_gt                            ? 
_reflns_shell.meanI_over_uI_all                             ? 
_reflns_shell.meanI_over_uI_gt                              ? 
_reflns_shell.number_measured_gt                            ? 
_reflns_shell.number_unique_gt                              ? 
_reflns_shell.percent_possible_gt                           ? 
_reflns_shell.Rmerge_F_gt                                   ? 
_reflns_shell.Rmerge_I_gt                                   ? 
_reflns_shell.pdbx_redundancy                               ? 
_reflns_shell.pdbx_Rsym_value                               ? 
_reflns_shell.pdbx_chi_squared                              ? 
_reflns_shell.pdbx_netI_over_sigmaI_all                     ? 
_reflns_shell.pdbx_netI_over_sigmaI_obs                     ? 
_reflns_shell.pdbx_Rrim_I_all                               ? 
_reflns_shell.pdbx_Rpim_I_all                               ? 
_reflns_shell.pdbx_rejects                                  ? 
_reflns_shell.pdbx_ordinal                                  1 
_reflns_shell.pdbx_diffrn_id                                1 
_reflns_shell.pdbx_CC_half                                  ? 
_reflns_shell.pdbx_CC_star                                  ? 
_reflns_shell.pdbx_R_split                                  ? 
_reflns_shell.pdbx_percent_possible_ellipsoidal             ? 
_reflns_shell.pdbx_percent_possible_spherical               ? 
_reflns_shell.pdbx_percent_possible_ellipsoidal_anomalous   ? 
_reflns_shell.pdbx_percent_possible_spherical_anomalous     ? 
_reflns_shell.pdbx_redundancy_anomalous                     ? 
_reflns_shell.pdbx_CC_half_anomalous                        ? 
_reflns_shell.pdbx_absDiff_over_sigma_anomalous             ? 
_reflns_shell.pdbx_percent_possible_anomalous               ? 
# 
_refine.aniso_B[1][1]                            ? 
_refine.aniso_B[1][2]                            ? 
_refine.aniso_B[1][3]                            ? 
_refine.aniso_B[2][2]                            ? 
_refine.aniso_B[2][3]                            ? 
_refine.aniso_B[3][3]                            ? 
_refine.B_iso_max                                ? 
_refine.B_iso_mean                               ? 
_refine.B_iso_min                                ? 
_refine.correlation_coeff_Fo_to_Fc               ? 
_refine.correlation_coeff_Fo_to_Fc_free          ? 
_refine.details                                  ? 
_refine.diff_density_max                         ? 
_refine.diff_density_max_esd                     ? 
_refine.diff_density_min                         ? 
_refine.diff_density_min_esd                     ? 
_refine.diff_density_rms                         ? 
_refine.diff_density_rms_esd                     ? 
_refine.entry_id                                 7T7Q 
_refine.pdbx_refine_id                           'X-RAY DIFFRACTION' 
_refine.ls_abs_structure_details                 ? 
_refine.ls_abs_structure_Flack                   ? 
_refine.ls_abs_structure_Flack_esd               ? 
_refine.ls_abs_structure_Rogers                  ? 
_refine.ls_abs_structure_Rogers_esd              ? 
_refine.ls_d_res_high                            2.200 
_refine.ls_d_res_low                             31.846 
_refine.ls_extinction_coef                       ? 
_refine.ls_extinction_coef_esd                   ? 
_refine.ls_extinction_expression                 ? 
_refine.ls_extinction_method                     ? 
_refine.ls_goodness_of_fit_all                   ? 
_refine.ls_goodness_of_fit_all_esd               ? 
_refine.ls_goodness_of_fit_obs                   ? 
_refine.ls_goodness_of_fit_obs_esd               ? 
_refine.ls_hydrogen_treatment                    ? 
_refine.ls_matrix_type                           ? 
_refine.ls_number_constraints                    ? 
_refine.ls_number_parameters                     ? 
_refine.ls_number_reflns_all                     ? 
_refine.ls_number_reflns_obs                     10390 
_refine.ls_number_reflns_R_free                  491 
_refine.ls_number_reflns_R_work                  ? 
_refine.ls_number_restraints                     ? 
_refine.ls_percent_reflns_obs                    97.95 
_refine.ls_percent_reflns_R_free                 4.73 
_refine.ls_R_factor_all                          ? 
_refine.ls_R_factor_obs                          0.1870 
_refine.ls_R_factor_R_free                       0.2543 
_refine.ls_R_factor_R_free_error                 ? 
_refine.ls_R_factor_R_free_error_details         ? 
_refine.ls_R_factor_R_work                       0.1841 
_refine.ls_R_Fsqd_factor_obs                     ? 
_refine.ls_R_I_factor_obs                        ? 
_refine.ls_redundancy_reflns_all                 ? 
_refine.ls_redundancy_reflns_obs                 ? 
_refine.ls_restrained_S_all                      ? 
_refine.ls_restrained_S_obs                      ? 
_refine.ls_shift_over_esd_max                    ? 
_refine.ls_shift_over_esd_mean                   ? 
_refine.ls_structure_factor_coef                 ? 
_refine.ls_weighting_details                     ? 
_refine.ls_weighting_scheme                      ? 
_refine.ls_wR_factor_all                         ? 
_refine.ls_wR_factor_obs                         ? 
_refine.ls_wR_factor_R_free                      ? 
_refine.ls_wR_factor_R_work                      ? 
_refine.occupancy_max                            ? 
_refine.occupancy_min                            ? 
_refine.solvent_model_details                    'FLAT BULK SOLVENT MODEL' 
_refine.solvent_model_param_bsol                 ? 
_refine.solvent_model_param_ksol                 ? 
_refine.pdbx_R_complete                          ? 
_refine.ls_R_factor_gt                           ? 
_refine.ls_goodness_of_fit_gt                    ? 
_refine.ls_goodness_of_fit_ref                   ? 
_refine.ls_shift_over_su_max                     ? 
_refine.ls_shift_over_su_max_lt                  ? 
_refine.ls_shift_over_su_mean                    ? 
_refine.ls_shift_over_su_mean_lt                 ? 
_refine.pdbx_ls_sigma_I                          ? 
_refine.pdbx_ls_sigma_F                          1.35 
_refine.pdbx_ls_sigma_Fsqd                       ? 
_refine.pdbx_data_cutoff_high_absF               ? 
_refine.pdbx_data_cutoff_high_rms_absF           ? 
_refine.pdbx_data_cutoff_low_absF                ? 
_refine.pdbx_isotropic_thermal_model             ? 
_refine.pdbx_ls_cross_valid_method               'FREE R-VALUE' 
_refine.pdbx_method_to_determine_struct          'MOLECULAR REPLACEMENT' 
_refine.pdbx_starting_model                      3F0Q 
_refine.pdbx_stereochemistry_target_values       ML 
_refine.pdbx_R_Free_selection_details            ? 
_refine.pdbx_stereochem_target_val_spec_case     ? 
_refine.pdbx_overall_ESU_R                       ? 
_refine.pdbx_overall_ESU_R_Free                  ? 
_refine.pdbx_solvent_vdw_probe_radii             1.11 
_refine.pdbx_solvent_ion_probe_radii             ? 
_refine.pdbx_solvent_shrinkage_radii             0.90 
_refine.pdbx_real_space_R                        ? 
_refine.pdbx_density_correlation                 ? 
_refine.pdbx_pd_number_of_powder_patterns        ? 
_refine.pdbx_pd_number_of_points                 ? 
_refine.pdbx_pd_meas_number_of_points            ? 
_refine.pdbx_pd_proc_ls_prof_R_factor            ? 
_refine.pdbx_pd_proc_ls_prof_wR_factor           ? 
_refine.pdbx_pd_Marquardt_correlation_coeff      ? 
_refine.pdbx_pd_Fsqrd_R_factor                   ? 
_refine.pdbx_pd_ls_matrix_band_width             ? 
_refine.pdbx_overall_phase_error                 25.26 
_refine.pdbx_overall_SU_R_free_Cruickshank_DPI   ? 
_refine.pdbx_overall_SU_R_free_Blow_DPI          ? 
_refine.pdbx_overall_SU_R_Blow_DPI               ? 
_refine.pdbx_TLS_residual_ADP_flag               ? 
_refine.pdbx_diffrn_id                           1 
_refine.overall_SU_B                             ? 
_refine.overall_SU_ML                            0.32 
_refine.overall_SU_R_Cruickshank_DPI             ? 
_refine.overall_SU_R_free                        ? 
_refine.overall_FOM_free_R_set                   ? 
_refine.overall_FOM_work_R_set                   ? 
_refine.pdbx_average_fsc_overall                 ? 
_refine.pdbx_average_fsc_work                    ? 
_refine.pdbx_average_fsc_free                    ? 
# 
_refine_hist.pdbx_refine_id                   'X-RAY DIFFRACTION' 
_refine_hist.cycle_id                         LAST 
_refine_hist.details                          ? 
_refine_hist.d_res_high                       2.200 
_refine_hist.d_res_low                        31.846 
_refine_hist.number_atoms_solvent             46 
_refine_hist.number_atoms_total               1395 
_refine_hist.number_reflns_all                ? 
_refine_hist.number_reflns_obs                ? 
_refine_hist.number_reflns_R_free             ? 
_refine_hist.number_reflns_R_work             ? 
_refine_hist.R_factor_all                     ? 
_refine_hist.R_factor_obs                     ? 
_refine_hist.R_factor_R_free                  ? 
_refine_hist.R_factor_R_work                  ? 
_refine_hist.pdbx_number_residues_total       ? 
_refine_hist.pdbx_B_iso_mean_ligand           ? 
_refine_hist.pdbx_B_iso_mean_solvent          ? 
_refine_hist.pdbx_number_atoms_protein        1317 
_refine_hist.pdbx_number_atoms_nucleic_acid   0 
_refine_hist.pdbx_number_atoms_ligand         32 
_refine_hist.pdbx_number_atoms_lipid          ? 
_refine_hist.pdbx_number_atoms_carb           ? 
_refine_hist.pdbx_pseudo_atom_details         ? 
# 
loop_
_refine_ls_restr.pdbx_refine_id 
_refine_ls_restr.criterion 
_refine_ls_restr.dev_ideal 
_refine_ls_restr.dev_ideal_target 
_refine_ls_restr.number 
_refine_ls_restr.rejects 
_refine_ls_restr.type 
_refine_ls_restr.weight 
_refine_ls_restr.pdbx_restraint_function 
'X-RAY DIFFRACTION' ? 0.018  ? 1400 ? f_bond_d           ? ? 
'X-RAY DIFFRACTION' ? 2.098  ? 1910 ? f_angle_d          ? ? 
'X-RAY DIFFRACTION' ? 25.594 ? 563  ? f_dihedral_angle_d ? ? 
'X-RAY DIFFRACTION' ? 0.703  ? 213  ? f_chiral_restr     ? ? 
'X-RAY DIFFRACTION' ? 0.007  ? 236  ? f_plane_restr      ? ? 
# 
loop_
_refine_ls_shell.pdbx_refine_id 
_refine_ls_shell.d_res_high 
_refine_ls_shell.d_res_low 
_refine_ls_shell.number_reflns_all 
_refine_ls_shell.number_reflns_obs 
_refine_ls_shell.number_reflns_R_free 
_refine_ls_shell.number_reflns_R_work 
_refine_ls_shell.percent_reflns_obs 
_refine_ls_shell.percent_reflns_R_free 
_refine_ls_shell.R_factor_all 
_refine_ls_shell.R_factor_obs 
_refine_ls_shell.R_factor_R_free 
_refine_ls_shell.R_factor_R_free_error 
_refine_ls_shell.R_factor_R_work 
_refine_ls_shell.redundancy_reflns_all 
_refine_ls_shell.redundancy_reflns_obs 
_refine_ls_shell.wR_factor_all 
_refine_ls_shell.wR_factor_obs 
_refine_ls_shell.wR_factor_R_free 
_refine_ls_shell.wR_factor_R_work 
_refine_ls_shell.pdbx_R_complete 
_refine_ls_shell.pdbx_total_number_of_bins_used 
_refine_ls_shell.pdbx_phase_error 
_refine_ls_shell.pdbx_fsc_work 
_refine_ls_shell.pdbx_fsc_free 
'X-RAY DIFFRACTION' 2.20   2.4212 . . 119 2237 92.00  . . . 0.3147 . 0.2597 . . . . . . . . . . . 
'X-RAY DIFFRACTION' 2.4212 2.7714 . . 129 2461 100.00 . . . 0.2784 . 0.2097 . . . . . . . . . . . 
'X-RAY DIFFRACTION' 2.7714 3.4910 . . 138 2498 100.00 . . . 0.2337 . 0.1978 . . . . . . . . . . . 
'X-RAY DIFFRACTION' 3.4910 31.846 . . 105 2703 100.00 . . . 0.2456 . 0.1580 . . . . . . . . . . . 
# 
_struct.entry_id                     7T7Q 
_struct.title                        'R-27 In Complex with S. aureus DHFR and alpha-NADPH - Remediated for comparison with tNADPH' 
_struct.pdbx_model_details           ? 
_struct.pdbx_formula_weight          ? 
_struct.pdbx_formula_weight_method   ? 
_struct.pdbx_model_type_details      ? 
_struct.pdbx_CASP_flag               N 
# 
_struct_keywords.entry_id        7T7Q 
_struct_keywords.text            'DHFR, cofactor, Antibiotic resistance, Antifolates, OXIDOREDUCTASE' 
_struct_keywords.pdbx_keywords   OXIDOREDUCTASE 
# 
loop_
_struct_asym.id 
_struct_asym.pdbx_blank_PDB_chainid_flag 
_struct_asym.pdbx_modified 
_struct_asym.entity_id 
_struct_asym.details 
A N N 1 ? 
B N N 2 ? 
C N N 3 ? 
D N N 4 ? 
E N N 5 ? 
# 
loop_
_struct_conf.conf_type_id 
_struct_conf.id 
_struct_conf.pdbx_PDB_helix_id 
_struct_conf.beg_label_comp_id 
_struct_conf.beg_label_asym_id 
_struct_conf.beg_label_seq_id 
_struct_conf.pdbx_beg_PDB_ins_code 
_struct_conf.end_label_comp_id 
_struct_conf.end_label_asym_id 
_struct_conf.end_label_seq_id 
_struct_conf.pdbx_end_PDB_ins_code 
_struct_conf.beg_auth_comp_id 
_struct_conf.beg_auth_asym_id 
_struct_conf.beg_auth_seq_id 
_struct_conf.end_auth_comp_id 
_struct_conf.end_auth_asym_id 
_struct_conf.end_auth_seq_id 
_struct_conf.pdbx_PDB_helix_class 
_struct_conf.details 
_struct_conf.pdbx_PDB_helix_length 
HELX_P HELX_P1 AA1 LEU A 24  ? THR A 36  ? LEU X 24  THR X 36  1 ? 13 
HELX_P HELX_P2 AA2 ARG A 44  ? GLY A 51  ? ARG X 44  GLY X 51  1 ? 8  
HELX_P HELX_P3 AA3 SER A 78  ? LEU A 85  ? SER X 78  LEU X 85  5 ? 8  
HELX_P HELX_P4 AA4 GLY A 94  ? ILE A 102 ? GLY X 94  ILE X 102 1 ? 9  
HELX_P HELX_P5 AA5 THR A 127 ? GLU A 129 ? THR X 127 GLU X 129 5 ? 3  
# 
_struct_conf_type.id          HELX_P 
_struct_conf_type.criteria    ? 
_struct_conf_type.reference   ? 
# 
_struct_mon_prot_cis.pdbx_id                1 
_struct_mon_prot_cis.label_comp_id          GLY 
_struct_mon_prot_cis.label_seq_id           93 
_struct_mon_prot_cis.label_asym_id          A 
_struct_mon_prot_cis.label_alt_id           . 
_struct_mon_prot_cis.pdbx_PDB_ins_code      ? 
_struct_mon_prot_cis.auth_comp_id           GLY 
_struct_mon_prot_cis.auth_seq_id            93 
_struct_mon_prot_cis.auth_asym_id           X 
_struct_mon_prot_cis.pdbx_label_comp_id_2   GLY 
_struct_mon_prot_cis.pdbx_label_seq_id_2    94 
_struct_mon_prot_cis.pdbx_label_asym_id_2   A 
_struct_mon_prot_cis.pdbx_PDB_ins_code_2    ? 
_struct_mon_prot_cis.pdbx_auth_comp_id_2    GLY 
_struct_mon_prot_cis.pdbx_auth_seq_id_2     94 
_struct_mon_prot_cis.pdbx_auth_asym_id_2    X 
_struct_mon_prot_cis.pdbx_PDB_model_num     1 
_struct_mon_prot_cis.pdbx_omega_angle       1.29 
# 
loop_
_struct_sheet.id 
_struct_sheet.type 
_struct_sheet.number_strands 
_struct_sheet.details 
AA1 ? 8 ? 
AA2 ? 2 ? 
# 
loop_
_struct_sheet_order.sheet_id 
_struct_sheet_order.range_id_1 
_struct_sheet_order.range_id_2 
_struct_sheet_order.offset 
_struct_sheet_order.sense 
AA1 1 2 ? parallel      
AA1 2 3 ? parallel      
AA1 3 4 ? parallel      
AA1 4 5 ? parallel      
AA1 5 6 ? parallel      
AA1 6 7 ? anti-parallel 
AA1 7 8 ? anti-parallel 
AA2 1 2 ? anti-parallel 
# 
loop_
_struct_sheet_range.sheet_id 
_struct_sheet_range.id 
_struct_sheet_range.beg_label_comp_id 
_struct_sheet_range.beg_label_asym_id 
_struct_sheet_range.beg_label_seq_id 
_struct_sheet_range.pdbx_beg_PDB_ins_code 
_struct_sheet_range.end_label_comp_id 
_struct_sheet_range.end_label_asym_id 
_struct_sheet_range.end_label_seq_id 
_struct_sheet_range.pdbx_end_PDB_ins_code 
_struct_sheet_range.beg_auth_comp_id 
_struct_sheet_range.beg_auth_asym_id 
_struct_sheet_range.beg_auth_seq_id 
_struct_sheet_range.end_auth_comp_id 
_struct_sheet_range.end_auth_asym_id 
_struct_sheet_range.end_auth_seq_id 
AA1 1 ASP A 74  ? ILE A 76  ? ASP X 74  ILE X 76  
AA1 2 ARG A 58  ? LEU A 62  ? ARG X 58  LEU X 62  
AA1 3 THR A 39  ? GLY A 43  ? THR X 39  GLY X 43  
AA1 4 VAL A 89  ? GLY A 93  ? VAL X 89  GLY X 93  
AA1 5 LEU A 2   ? HIS A 8   ? LEU X 2   HIS X 8   
AA1 6 ASP A 107 ? ILE A 113 ? ASP X 107 ILE X 113 
AA1 7 HIS A 149 ? ARG A 156 ? HIS X 149 ARG X 156 
AA1 8 TRP A 131 ? GLU A 138 ? TRP X 131 GLU X 138 
AA2 1 VAL A 13  ? GLY A 15  ? VAL X 13  GLY X 15  
AA2 2 THR A 121 ? PHE A 122 ? THR X 121 PHE X 122 
# 
loop_
_pdbx_struct_sheet_hbond.sheet_id 
_pdbx_struct_sheet_hbond.range_id_1 
_pdbx_struct_sheet_hbond.range_id_2 
_pdbx_struct_sheet_hbond.range_1_label_atom_id 
_pdbx_struct_sheet_hbond.range_1_label_comp_id 
_pdbx_struct_sheet_hbond.range_1_label_asym_id 
_pdbx_struct_sheet_hbond.range_1_label_seq_id 
_pdbx_struct_sheet_hbond.range_1_PDB_ins_code 
_pdbx_struct_sheet_hbond.range_1_auth_atom_id 
_pdbx_struct_sheet_hbond.range_1_auth_comp_id 
_pdbx_struct_sheet_hbond.range_1_auth_asym_id 
_pdbx_struct_sheet_hbond.range_1_auth_seq_id 
_pdbx_struct_sheet_hbond.range_2_label_atom_id 
_pdbx_struct_sheet_hbond.range_2_label_comp_id 
_pdbx_struct_sheet_hbond.range_2_label_asym_id 
_pdbx_struct_sheet_hbond.range_2_label_seq_id 
_pdbx_struct_sheet_hbond.range_2_PDB_ins_code 
_pdbx_struct_sheet_hbond.range_2_auth_atom_id 
_pdbx_struct_sheet_hbond.range_2_auth_comp_id 
_pdbx_struct_sheet_hbond.range_2_auth_asym_id 
_pdbx_struct_sheet_hbond.range_2_auth_seq_id 
AA1 1 2 O ASP A 74  ? O ASP X 74  N ASN A 59  ? N ASN X 59  
AA1 2 3 O VAL A 60  ? O VAL X 60  N LEU A 40  ? N LEU X 40  
AA1 3 4 N THR A 39  ? N THR X 39  O PHE A 90  ? O PHE X 90  
AA1 4 5 O ILE A 91  ? O ILE X 91  N SER A 3   ? N SER X 3   
AA1 5 6 N HIS A 8   ? N HIS X 8   O ILE A 113 ? O ILE X 113 
AA1 6 7 N ILE A 110 ? N ILE X 110 O LEU A 152 ? O LEU X 152 
AA1 7 8 O PHE A 151 ? O PHE X 151 N VAL A 137 ? N VAL X 137 
AA2 1 2 N ILE A 14  ? N ILE X 14  O THR A 121 ? O THR X 121 
# 
_atom_sites.entry_id                    7T7Q 
_atom_sites.Cartn_transf_matrix[1][1]   ? 
_atom_sites.Cartn_transf_matrix[1][2]   ? 
_atom_sites.Cartn_transf_matrix[1][3]   ? 
_atom_sites.Cartn_transf_matrix[2][1]   ? 
_atom_sites.Cartn_transf_matrix[2][2]   ? 
_atom_sites.Cartn_transf_matrix[2][3]   ? 
_atom_sites.Cartn_transf_matrix[3][1]   ? 
_atom_sites.Cartn_transf_matrix[3][2]   ? 
_atom_sites.Cartn_transf_matrix[3][3]   ? 
_atom_sites.Cartn_transf_vector[1]      ? 
_atom_sites.Cartn_transf_vector[2]      ? 
_atom_sites.Cartn_transf_vector[3]      ? 
_atom_sites.fract_transf_matrix[1][1]   0.00373180 
_atom_sites.fract_transf_matrix[1][2]   0.00520116 
_atom_sites.fract_transf_matrix[1][3]   0.01316570 
_atom_sites.fract_transf_matrix[2][1]   -0.00539015 
_atom_sites.fract_transf_matrix[2][2]   -0.00620081 
_atom_sites.fract_transf_matrix[2][3]   0.01211717 
_atom_sites.fract_transf_matrix[3][1]   0.00721724 
_atom_sites.fract_transf_matrix[3][2]   -0.00579649 
_atom_sites.fract_transf_matrix[3][3]   0.00024421 
_atom_sites.fract_transf_vector[1]      0.771504 
_atom_sites.fract_transf_vector[2]      0.598802 
_atom_sites.fract_transf_vector[3]      1.023360 
_atom_sites.solution_primary            ? 
_atom_sites.solution_secondary          ? 
_atom_sites.solution_hydrogens          ? 
_atom_sites.special_details             ? 
# 
loop_
_atom_type.symbol 
_atom_type.scat_dispersion_real 
_atom_type.scat_dispersion_imag 
_atom_type.scat_Cromer_Mann_a1 
_atom_type.scat_Cromer_Mann_a2 
_atom_type.scat_Cromer_Mann_a3 
_atom_type.scat_Cromer_Mann_a4 
_atom_type.scat_Cromer_Mann_b1 
_atom_type.scat_Cromer_Mann_b2 
_atom_type.scat_Cromer_Mann_b3 
_atom_type.scat_Cromer_Mann_b4 
_atom_type.scat_Cromer_Mann_c 
_atom_type.scat_source 
_atom_type.scat_dispersion_source 
C ? ? 3.54356 2.42580 ? ? 25.62398 1.50364  ? ? 0.0 
;2-Gaussian fit: Grosse-Kunstleve RW, Sauter NK, Adams PD: Newsletter of the IUCr Commission on Crystallographic Computing 2004, 3, 22-31.
;
? 
N ? ? 4.01032 2.96436 ? ? 19.97189 1.75589  ? ? 0.0 
;2-Gaussian fit: Grosse-Kunstleve RW, Sauter NK, Adams PD: Newsletter of the IUCr Commission on Crystallographic Computing 2004, 3, 22-31.
;
? 
O ? ? 4.49882 3.47563 ? ? 15.80542 1.70748  ? ? 0.0 
;2-Gaussian fit: Grosse-Kunstleve RW, Sauter NK, Adams PD: Newsletter of the IUCr Commission on Crystallographic Computing 2004, 3, 22-31.
;
? 
P ? ? 9.51135 5.44231 ? ? 1.42069  35.72801 ? ? 0.0 
;2-Gaussian fit: Grosse-Kunstleve RW, Sauter NK, Adams PD: Newsletter of the IUCr Commission on Crystallographic Computing 2004, 3, 22-31.
;
? 
S ? ? 9.55732 6.39887 ? ? 1.23737  29.19336 ? ? 0.0 
;2-Gaussian fit: Grosse-Kunstleve RW, Sauter NK, Adams PD: Newsletter of the IUCr Commission on Crystallographic Computing 2004, 3, 22-31.
;
? 
# 
loop_
_atom_site.group_PDB 
_atom_site.id 
_atom_site.type_symbol 
_atom_site.label_atom_id 
_atom_site.label_alt_id 
_atom_site.label_comp_id 
_atom_site.label_asym_id 
_atom_site.label_entity_id 
_atom_site.label_seq_id 
_atom_site.pdbx_PDB_ins_code 
_atom_site.Cartn_x 
_atom_site.Cartn_y 
_atom_site.Cartn_z 
_atom_site.occupancy 
_atom_site.B_iso_or_equiv 
_atom_site.pdbx_formal_charge 
_atom_site.auth_seq_id 
_atom_site.auth_comp_id 
_atom_site.auth_asym_id 
_atom_site.auth_atom_id 
_atom_site.pdbx_PDB_model_num 
ATOM   1    N N   . THR A 1 1   ? -12.581 9.594   2.209   1.00 49.98 ? 1   THR X N   1 
ATOM   2    C CA  . THR A 1 1   ? -12.174 8.262   2.664   1.00 42.91 ? 1   THR X CA  1 
ATOM   3    C C   . THR A 1 1   ? -10.650 8.082   2.615   1.00 40.97 ? 1   THR X C   1 
ATOM   4    O O   . THR A 1 1   ? -10.038 8.278   1.570   1.00 39.78 ? 1   THR X O   1 
ATOM   5    C CB  . THR A 1 1   ? -12.822 7.170   1.809   1.00 45.00 ? 1   THR X CB  1 
ATOM   6    O OG1 . THR A 1 1   ? -14.140 7.587   1.433   1.00 57.45 ? 1   THR X OG1 1 
ATOM   7    C CG2 . THR A 1 1   ? -12.862 5.825   2.571   1.00 30.51 ? 1   THR X CG2 1 
ATOM   8    N N   . LEU A 1 2   ? -10.044 7.699   3.737   1.00 36.34 ? 2   LEU X N   1 
ATOM   9    C CA  . LEU A 1 2   ? -8.599  7.538   3.829   1.00 36.33 ? 2   LEU X CA  1 
ATOM   10   C C   . LEU A 1 2   ? -8.281  6.085   4.177   1.00 32.04 ? 2   LEU X C   1 
ATOM   11   O O   . LEU A 1 2   ? -8.598  5.621   5.272   1.00 36.82 ? 2   LEU X O   1 
ATOM   12   C CB  . LEU A 1 2   ? -8.021  8.501   4.867   1.00 31.90 ? 2   LEU X CB  1 
ATOM   13   C CG  . LEU A 1 2   ? -6.497  8.629   5.024   1.00 36.74 ? 2   LEU X CG  1 
ATOM   14   C CD1 . LEU A 1 2   ? -5.780  8.985   3.717   1.00 30.33 ? 2   LEU X CD1 1 
ATOM   15   C CD2 . LEU A 1 2   ? -6.150  9.674   6.096   1.00 36.83 ? 2   LEU X CD2 1 
ATOM   16   N N   . SER A 1 3   ? -7.624  5.384   3.270   1.00 33.29 ? 3   SER X N   1 
ATOM   17   C CA  . SER A 1 3   ? -7.381  3.961   3.418   1.00 34.13 ? 3   SER X CA  1 
ATOM   18   C C   . SER A 1 3   ? -5.893  3.649   3.305   1.00 35.55 ? 3   SER X C   1 
ATOM   19   O O   . SER A 1 3   ? -5.141  4.347   2.619   1.00 35.44 ? 3   SER X O   1 
ATOM   20   C CB  . SER A 1 3   ? -8.127  3.187   2.326   1.00 28.21 ? 3   SER X CB  1 
ATOM   21   O OG  . SER A 1 3   ? -9.495  3.533   2.322   1.00 28.86 ? 3   SER X OG  1 
ATOM   22   N N   . ILE A 1 4   ? -5.478  2.588   3.972   1.00 28.84 ? 4   ILE X N   1 
ATOM   23   C CA  . ILE A 1 4   ? -4.194  1.955   3.705   1.00 26.68 ? 4   ILE X CA  1 
ATOM   24   C C   . ILE A 1 4   ? -4.398  0.897   2.629   1.00 28.48 ? 4   ILE X C   1 
ATOM   25   O O   . ILE A 1 4   ? -5.457  0.273   2.561   1.00 28.74 ? 4   ILE X O   1 
ATOM   26   C CB  . ILE A 1 4   ? -3.609  1.352   4.995   1.00 29.13 ? 4   ILE X CB  1 
ATOM   27   C CG1 . ILE A 1 4   ? -2.753  2.403   5.710   1.00 32.85 ? 4   ILE X CG1 1 
ATOM   28   C CG2 . ILE A 1 4   ? -2.783  0.101   4.705   1.00 25.70 ? 4   ILE X CG2 1 
ATOM   29   C CD1 . ILE A 1 4   ? -2.465  2.072   7.162   1.00 31.93 ? 4   ILE X CD1 1 
ATOM   30   N N   . LEU A 1 5   ? -3.394  0.705   1.774   1.00 29.32 ? 5   LEU X N   1 
ATOM   31   C CA  . LEU A 1 5   ? -3.407  -0.344  0.761   1.00 26.03 ? 5   LEU X CA  1 
ATOM   32   C C   . LEU A 1 5   ? -2.029  -0.989  0.749   1.00 28.03 ? 5   LEU X C   1 
ATOM   33   O O   . LEU A 1 5   ? -1.044  -0.347  0.371   1.00 27.55 ? 5   LEU X O   1 
ATOM   34   C CB  . LEU A 1 5   ? -3.777  0.217   -0.609  1.00 27.25 ? 5   LEU X CB  1 
ATOM   35   C CG  . LEU A 1 5   ? -3.698  -0.720  -1.821  1.00 27.38 ? 5   LEU X CG  1 
ATOM   36   C CD1 . LEU A 1 5   ? -4.616  -1.926  -1.652  1.00 28.70 ? 5   LEU X CD1 1 
ATOM   37   C CD2 . LEU A 1 5   ? -4.047  0.037   -3.097  1.00 27.07 ? 5   LEU X CD2 1 
ATOM   38   N N   . VAL A 1 6   ? -1.950  -2.256  1.156   1.00 26.43 ? 6   VAL X N   1 
ATOM   39   C CA  . VAL A 1 6   ? -0.659  -2.889  1.406   1.00 27.37 ? 6   VAL X CA  1 
ATOM   40   C C   . VAL A 1 6   ? -0.763  -4.387  1.131   1.00 28.64 ? 6   VAL X C   1 
ATOM   41   O O   . VAL A 1 6   ? -1.827  -4.995  1.282   1.00 30.09 ? 6   VAL X O   1 
ATOM   42   C CB  . VAL A 1 6   ? -0.197  -2.612  2.858   1.00 29.94 ? 6   VAL X CB  1 
ATOM   43   C CG1 . VAL A 1 6   ? -1.170  -3.250  3.866   1.00 26.94 ? 6   VAL X CG1 1 
ATOM   44   C CG2 . VAL A 1 6   ? 1.221   -3.093  3.092   1.00 24.55 ? 6   VAL X CG2 1 
ATOM   45   N N   . ALA A 1 7   ? 0.359   -4.981  0.734   1.00 28.32 ? 7   ALA X N   1 
ATOM   46   C CA  . ALA A 1 7   ? 0.544   -6.426  0.739   1.00 26.70 ? 7   ALA X CA  1 
ATOM   47   C C   . ALA A 1 7   ? 1.686   -6.760  1.691   1.00 28.12 ? 7   ALA X C   1 
ATOM   48   O O   . ALA A 1 7   ? 2.761   -6.171  1.586   1.00 25.11 ? 7   ALA X O   1 
ATOM   49   C CB  . ALA A 1 7   ? 0.858   -6.952  -0.668  1.00 26.36 ? 7   ALA X CB  1 
ATOM   50   N N   . HIS A 1 8   ? 1.467   -7.698  2.615   1.00 25.21 ? 8   HIS X N   1 
ATOM   51   C CA  . HIS A 1 8   ? 2.535   -8.064  3.536   1.00 27.54 ? 8   HIS X CA  1 
ATOM   52   C C   . HIS A 1 8   ? 2.480   -9.558  3.818   1.00 33.24 ? 8   HIS X C   1 
ATOM   53   O O   . HIS A 1 8   ? 1.433   -10.195 3.670   1.00 31.22 ? 8   HIS X O   1 
ATOM   54   C CB  . HIS A 1 8   ? 2.493   -7.230  4.839   1.00 26.87 ? 8   HIS X CB  1 
ATOM   55   C CG  . HIS A 1 8   ? 1.385   -7.575  5.791   1.00 29.07 ? 8   HIS X CG  1 
ATOM   56   N ND1 . HIS A 1 8   ? 1.282   -8.803  6.408   1.00 30.71 ? 8   HIS X ND1 1 
ATOM   57   C CD2 . HIS A 1 8   ? 0.364   -6.823  6.274   1.00 26.64 ? 8   HIS X CD2 1 
ATOM   58   C CE1 . HIS A 1 8   ? 0.223   -8.804  7.200   1.00 30.50 ? 8   HIS X CE1 1 
ATOM   59   N NE2 . HIS A 1 8   ? -0.352  -7.617  7.135   1.00 29.11 ? 8   HIS X NE2 1 
ATOM   60   N N   . ASP A 1 9   ? 3.630   -10.125 4.207   1.00 25.52 ? 9   ASP X N   1 
ATOM   61   C CA  . ASP A 1 9   ? 3.706   -11.571 4.361   1.00 26.53 ? 9   ASP X CA  1 
ATOM   62   C C   . ASP A 1 9   ? 3.295   -11.941 5.795   1.00 27.21 ? 9   ASP X C   1 
ATOM   63   O O   . ASP A 1 9   ? 2.701   -11.126 6.505   1.00 24.86 ? 9   ASP X O   1 
ATOM   64   C CB  . ASP A 1 9   ? 5.086   -12.068 3.899   1.00 24.22 ? 9   ASP X CB  1 
ATOM   65   C CG  . ASP A 1 9   ? 6.191   -11.948 4.962   1.00 28.49 ? 9   ASP X CG  1 
ATOM   66   O OD1 . ASP A 1 9   ? 6.006   -11.345 6.060   1.00 23.31 ? 9   ASP X OD1 1 
ATOM   67   O OD2 . ASP A 1 9   ? 7.267   -12.493 4.658   1.00 26.51 ? 9   ASP X OD2 1 
ATOM   68   N N   . LEU A 1 10  ? 3.602   -13.167 6.232   1.00 26.56 ? 10  LEU X N   1 
ATOM   69   C CA  . LEU A 1 10  ? 3.141   -13.629 7.540   1.00 29.91 ? 10  LEU X CA  1 
ATOM   70   C C   . LEU A 1 10  ? 3.831   -12.906 8.687   1.00 33.74 ? 10  LEU X C   1 
ATOM   71   O O   . LEU A 1 10  ? 3.325   -12.914 9.812   1.00 31.79 ? 10  LEU X O   1 
ATOM   72   C CB  . LEU A 1 10  ? 3.377   -15.125 7.685   1.00 26.24 ? 10  LEU X CB  1 
ATOM   73   C CG  . LEU A 1 10  ? 2.521   -16.016 6.793   1.00 31.69 ? 10  LEU X CG  1 
ATOM   74   C CD1 . LEU A 1 10  ? 3.092   -17.427 6.771   1.00 32.25 ? 10  LEU X CD1 1 
ATOM   75   C CD2 . LEU A 1 10  ? 1.084   -15.989 7.289   1.00 30.51 ? 10  LEU X CD2 1 
ATOM   76   N N   . GLN A 1 11  ? 4.983   -12.300 8.432   1.00 28.65 ? 11  GLN X N   1 
ATOM   77   C CA  . GLN A 1 11  ? 5.721   -11.566 9.446   1.00 33.34 ? 11  GLN X CA  1 
ATOM   78   C C   . GLN A 1 11  ? 5.682   -10.078 9.174   1.00 28.03 ? 11  GLN X C   1 
ATOM   79   O O   . GLN A 1 11  ? 6.488   -9.334  9.724   1.00 31.68 ? 11  GLN X O   1 
ATOM   80   C CB  . GLN A 1 11  ? 7.153   -12.087 9.510   1.00 29.97 ? 11  GLN X CB  1 
ATOM   81   C CG  . GLN A 1 11  ? 7.141   -13.605 9.446   1.00 39.26 ? 11  GLN X CG  1 
ATOM   82   C CD  . GLN A 1 11  ? 8.433   -14.234 9.880   1.00 46.15 ? 11  GLN X CD  1 
ATOM   83   O OE1 . GLN A 1 11  ? 9.385   -14.321 9.093   1.00 35.38 ? 11  GLN X OE1 1 
ATOM   84   N NE2 . GLN A 1 11  ? 8.478   -14.694 11.140  1.00 41.83 ? 11  GLN X NE2 1 
ATOM   85   N N   . ARG A 1 12  ? 4.747   -9.655  8.321   1.00 29.66 ? 12  ARG X N   1 
ATOM   86   C CA  . ARG A 1 12  ? 4.523   -8.281  7.887   1.00 30.02 ? 12  ARG X CA  1 
ATOM   87   C C   . ARG A 1 12  ? 5.656   -7.708  7.032   1.00 26.27 ? 12  ARG X C   1 
ATOM   88   O O   . ARG A 1 12  ? 5.788   -6.495  6.941   1.00 31.89 ? 12  ARG X O   1 
ATOM   89   C CB  . ARG A 1 12  ? 4.250   -7.357  9.076   1.00 27.90 ? 12  ARG X CB  1 
ATOM   90   C CG  . ARG A 1 12  ? 2.848   -7.440  9.606   1.00 27.59 ? 12  ARG X CG  1 
ATOM   91   C CD  . ARG A 1 12  ? 2.731   -6.727  10.959  1.00 28.54 ? 12  ARG X CD  1 
ATOM   92   N NE  . ARG A 1 12  ? 3.467   -7.447  11.989  1.00 33.57 ? 12  ARG X NE  1 
ATOM   93   C CZ  . ARG A 1 12  ? 4.656   -7.086  12.464  1.00 35.27 ? 12  ARG X CZ  1 
ATOM   94   N NH1 . ARG A 1 12  ? 5.266   -5.984  12.007  1.00 24.95 ? 12  ARG X NH1 1 
ATOM   95   N NH2 . ARG A 1 12  ? 5.236   -7.840  13.396  1.00 28.84 ? 12  ARG X NH2 1 
ATOM   96   N N   . VAL A 1 13  ? 6.468   -8.539  6.377   1.00 23.86 ? 13  VAL X N   1 
ATOM   97   C CA  . VAL A 1 13  ? 7.402   -8.019  5.379   1.00 27.51 ? 13  VAL X CA  1 
ATOM   98   C C   . VAL A 1 13  ? 6.628   -7.431  4.215   1.00 26.31 ? 13  VAL X C   1 
ATOM   99   O O   . VAL A 1 13  ? 5.691   -8.050  3.697   1.00 28.76 ? 13  VAL X O   1 
ATOM   100  C CB  . VAL A 1 13  ? 8.344   -9.126  4.887   1.00 29.66 ? 13  VAL X CB  1 
ATOM   101  C CG1 . VAL A 1 13  ? 9.066   -8.679  3.624   1.00 27.10 ? 13  VAL X CG1 1 
ATOM   102  C CG2 . VAL A 1 13  ? 9.346   -9.495  5.956   1.00 28.70 ? 13  VAL X CG2 1 
ATOM   103  N N   . ILE A 1 14  ? 7.014   -6.238  3.781   1.00 32.23 ? 14  ILE X N   1 
ATOM   104  C CA  . ILE A 1 14  ? 6.448   -5.657  2.566   1.00 28.34 ? 14  ILE X CA  1 
ATOM   105  C C   . ILE A 1 14  ? 7.482   -5.413  1.480   1.00 34.70 ? 14  ILE X C   1 
ATOM   106  O O   . ILE A 1 14  ? 7.094   -5.102  0.340   1.00 35.03 ? 14  ILE X O   1 
ATOM   107  C CB  . ILE A 1 14  ? 5.679   -4.350  2.858   1.00 30.38 ? 14  ILE X CB  1 
ATOM   108  C CG1 . ILE A 1 14  ? 6.656   -3.244  3.273   1.00 30.92 ? 14  ILE X CG1 1 
ATOM   109  C CG2 . ILE A 1 14  ? 4.585   -4.591  3.933   1.00 24.59 ? 14  ILE X CG2 1 
ATOM   110  C CD1 . ILE A 1 14  ? 5.979   -1.927  3.682   1.00 28.39 ? 14  ILE X CD1 1 
ATOM   111  N N   . GLY A 1 15  ? 8.772   -5.544  1.763   1.00 30.32 ? 15  GLY X N   1 
ATOM   112  C CA  . GLY A 1 15  ? 9.756   -5.276  0.729   1.00 33.51 ? 15  GLY X CA  1 
ATOM   113  C C   . GLY A 1 15  ? 11.123  -5.824  1.071   1.00 31.74 ? 15  GLY X C   1 
ATOM   114  O O   . GLY A 1 15  ? 11.429  -6.121  2.230   1.00 28.38 ? 15  GLY X O   1 
ATOM   115  N N   . PHE A 1 16  ? 11.941  -5.964  0.032   1.00 30.39 ? 16  PHE X N   1 
ATOM   116  C CA  . PHE A 1 16  ? 13.321  -6.411  0.189   1.00 33.68 ? 16  PHE X CA  1 
ATOM   117  C C   . PHE A 1 16  ? 14.149  -5.793  -0.916  1.00 31.72 ? 16  PHE X C   1 
ATOM   118  O O   . PHE A 1 16  ? 13.873  -6.032  -2.095  1.00 33.83 ? 16  PHE X O   1 
ATOM   119  C CB  . PHE A 1 16  ? 13.457  -7.934  0.135   1.00 31.40 ? 16  PHE X CB  1 
ATOM   120  C CG  . PHE A 1 16  ? 14.859  -8.412  0.436   1.00 39.20 ? 16  PHE X CG  1 
ATOM   121  C CD1 . PHE A 1 16  ? 15.451  -8.127  1.672   1.00 36.51 ? 16  PHE X CD1 1 
ATOM   122  C CD2 . PHE A 1 16  ? 15.596  -9.112  -0.507  1.00 35.64 ? 16  PHE X CD2 1 
ATOM   123  C CE1 . PHE A 1 16  ? 16.744  -8.546  1.952   1.00 36.69 ? 16  PHE X CE1 1 
ATOM   124  C CE2 . PHE A 1 16  ? 16.881  -9.532  -0.227  1.00 40.36 ? 16  PHE X CE2 1 
ATOM   125  C CZ  . PHE A 1 16  ? 17.457  -9.246  0.996   1.00 39.90 ? 16  PHE X CZ  1 
ATOM   126  N N   . GLU A 1 17  ? 15.157  -5.022  -0.530  1.00 33.45 ? 17  GLU X N   1 
ATOM   127  C CA  . GLU A 1 17  ? 16.072  -4.373  -1.463  1.00 35.35 ? 17  GLU X CA  1 
ATOM   128  C C   . GLU A 1 17  ? 15.326  -3.729  -2.627  1.00 34.80 ? 17  GLU X C   1 
ATOM   129  O O   . GLU A 1 17  ? 15.521  -4.090  -3.784  1.00 34.31 ? 17  GLU X O   1 
ATOM   130  C CB  . GLU A 1 17  ? 17.106  -5.374  -1.978  1.00 36.39 ? 17  GLU X CB  1 
ATOM   131  C CG  . GLU A 1 17  ? 18.191  -5.672  -0.976  1.00 38.67 ? 17  GLU X CG  1 
ATOM   132  C CD  . GLU A 1 17  ? 19.085  -6.799  -1.427  1.00 48.46 ? 17  GLU X CD  1 
ATOM   133  O OE1 . GLU A 1 17  ? 18.727  -7.492  -2.403  1.00 52.60 ? 17  GLU X OE1 1 
ATOM   134  O OE2 . GLU A 1 17  ? 20.141  -6.999  -0.798  1.00 55.27 ? 17  GLU X OE2 1 
ATOM   135  N N   . ASN A 1 18  ? 14.439  -2.787  -2.299  1.00 35.24 ? 18  ASN X N   1 
ATOM   136  C CA  . ASN A 1 18  ? 13.702  -1.974  -3.265  1.00 38.58 ? 18  ASN X CA  1 
ATOM   137  C C   . ASN A 1 18  ? 12.733  -2.768  -4.123  1.00 37.53 ? 18  ASN X C   1 
ATOM   138  O O   . ASN A 1 18  ? 12.201  -2.231  -5.091  1.00 38.71 ? 18  ASN X O   1 
ATOM   139  C CB  . ASN A 1 18  ? 14.636  -1.210  -4.214  1.00 38.56 ? 18  ASN X CB  1 
ATOM   140  C CG  . ASN A 1 18  ? 15.219  0.029   -3.583  1.00 41.99 ? 18  ASN X CG  1 
ATOM   141  O OD1 . ASN A 1 18  ? 14.756  0.475   -2.534  1.00 42.52 ? 18  ASN X OD1 1 
ATOM   142  N ND2 . ASN A 1 18  ? 16.246  0.596   -4.221  1.00 47.78 ? 18  ASN X ND2 1 
ATOM   143  N N   . GLN A 1 19  ? 12.503  -4.031  -3.819  1.00 36.63 ? 19  GLN X N   1 
ATOM   144  C CA  . GLN A 1 19  ? 11.670  -4.862  -4.660  1.00 39.61 ? 19  GLN X CA  1 
ATOM   145  C C   . GLN A 1 19  ? 10.559  -5.479  -3.821  1.00 41.23 ? 19  GLN X C   1 
ATOM   146  O O   . GLN A 1 19  ? 10.665  -5.582  -2.597  1.00 33.78 ? 19  GLN X O   1 
ATOM   147  C CB  . GLN A 1 19  ? 12.518  -5.953  -5.351  1.00 41.39 ? 19  GLN X CB  1 
ATOM   148  C CG  . GLN A 1 19  ? 13.162  -5.504  -6.673  1.00 44.16 ? 19  GLN X CG  1 
ATOM   149  C CD  . GLN A 1 19  ? 12.110  -5.145  -7.712  1.00 51.27 ? 19  GLN X CD  1 
ATOM   150  O OE1 . GLN A 1 19  ? 11.232  -5.956  -8.018  1.00 57.05 ? 19  GLN X OE1 1 
ATOM   151  N NE2 . GLN A 1 19  ? 12.187  -3.929  -8.257  1.00 57.14 ? 19  GLN X NE2 1 
ATOM   152  N N   . LEU A 1 20  ? 9.487   -5.879  -4.491  1.00 38.60 ? 20  LEU X N   1 
ATOM   153  C CA  . LEU A 1 20  ? 8.547   -6.794  -3.866  1.00 32.78 ? 20  LEU X CA  1 
ATOM   154  C C   . LEU A 1 20  ? 9.181   -8.180  -3.793  1.00 36.78 ? 20  LEU X C   1 
ATOM   155  O O   . LEU A 1 20  ? 9.668   -8.693  -4.809  1.00 38.19 ? 20  LEU X O   1 
ATOM   156  C CB  . LEU A 1 20  ? 7.235   -6.863  -4.638  1.00 35.01 ? 20  LEU X CB  1 
ATOM   157  C CG  . LEU A 1 20  ? 6.343   -5.630  -4.704  1.00 40.69 ? 20  LEU X CG  1 
ATOM   158  C CD1 . LEU A 1 20  ? 5.245   -5.866  -5.732  1.00 37.12 ? 20  LEU X CD1 1 
ATOM   159  C CD2 . LEU A 1 20  ? 5.767   -5.314  -3.317  1.00 33.20 ? 20  LEU X CD2 1 
ATOM   160  N N   . PRO A 1 21  ? 9.176   -8.828  -2.630  1.00 32.73 ? 21  PRO X N   1 
ATOM   161  C CA  . PRO A 1 21  ? 9.787   -10.166 -2.529  1.00 31.26 ? 21  PRO X CA  1 
ATOM   162  C C   . PRO A 1 21  ? 9.050   -11.244 -3.314  1.00 35.57 ? 21  PRO X C   1 
ATOM   163  O O   . PRO A 1 21  ? 9.647   -12.286 -3.600  1.00 36.89 ? 21  PRO X O   1 
ATOM   164  C CB  . PRO A 1 21  ? 9.748   -10.461 -1.019  1.00 29.46 ? 21  PRO X CB  1 
ATOM   165  C CG  . PRO A 1 21  ? 9.488   -9.119  -0.353  1.00 34.01 ? 21  PRO X CG  1 
ATOM   166  C CD  . PRO A 1 21  ? 8.664   -8.336  -1.339  1.00 30.58 ? 21  PRO X CD  1 
ATOM   167  N N   . TRP A 1 22  ? 7.783   -11.038 -3.656  1.00 34.12 ? 22  TRP X N   1 
ATOM   168  C CA  . TRP A 1 22  ? 6.945   -12.029 -4.310  1.00 32.79 ? 22  TRP X CA  1 
ATOM   169  C C   . TRP A 1 22  ? 6.397   -11.448 -5.609  1.00 36.84 ? 22  TRP X C   1 
ATOM   170  O O   . TRP A 1 22  ? 6.322   -10.226 -5.779  1.00 36.10 ? 22  TRP X O   1 
ATOM   171  C CB  . TRP A 1 22  ? 5.769   -12.437 -3.409  1.00 33.85 ? 22  TRP X CB  1 
ATOM   172  C CG  . TRP A 1 22  ? 5.056   -11.229 -2.896  1.00 31.30 ? 22  TRP X CG  1 
ATOM   173  C CD1 . TRP A 1 22  ? 4.158   -10.438 -3.581  1.00 31.27 ? 22  TRP X CD1 1 
ATOM   174  C CD2 . TRP A 1 22  ? 5.206   -10.636 -1.602  1.00 31.15 ? 22  TRP X CD2 1 
ATOM   175  N NE1 . TRP A 1 22  ? 3.742   -9.400  -2.784  1.00 31.86 ? 22  TRP X NE1 1 
ATOM   176  C CE2 . TRP A 1 22  ? 4.367   -9.496  -1.564  1.00 30.69 ? 22  TRP X CE2 1 
ATOM   177  C CE3 . TRP A 1 22  ? 5.966   -10.957 -0.472  1.00 29.39 ? 22  TRP X CE3 1 
ATOM   178  C CZ2 . TRP A 1 22  ? 4.270   -8.681  -0.438  1.00 29.79 ? 22  TRP X CZ2 1 
ATOM   179  C CZ3 . TRP A 1 22  ? 5.863   -10.146 0.658   1.00 32.15 ? 22  TRP X CZ3 1 
ATOM   180  C CH2 . TRP A 1 22  ? 5.021   -9.025  0.665   1.00 30.66 ? 22  TRP X CH2 1 
ATOM   181  N N   . HIS A 1 23  ? 6.004   -12.346 -6.517  1.00 43.48 ? 23  HIS X N   1 
ATOM   182  C CA  A HIS A 1 23  ? 5.334   -11.983 -7.763  0.47 42.37 ? 23  HIS X CA  1 
ATOM   183  C CA  B HIS A 1 23  ? 5.343   -12.004 -7.775  0.53 42.22 ? 23  HIS X CA  1 
ATOM   184  C C   . HIS A 1 23  ? 3.924   -12.551 -7.704  1.00 41.84 ? 23  HIS X C   1 
ATOM   185  O O   . HIS A 1 23  ? 3.733   -13.772 -7.734  1.00 42.12 ? 23  HIS X O   1 
ATOM   186  C CB  A HIS A 1 23  ? 6.085   -12.499 -8.991  0.47 43.37 ? 23  HIS X CB  1 
ATOM   187  C CB  B HIS A 1 23  ? 6.079   -12.598 -8.974  0.53 43.33 ? 23  HIS X CB  1 
ATOM   188  C CG  A HIS A 1 23  ? 5.538   -11.987 -10.290 0.47 44.16 ? 23  HIS X CG  1 
ATOM   189  C CG  B HIS A 1 23  ? 7.516   -12.202 -9.068  0.53 44.44 ? 23  HIS X CG  1 
ATOM   190  N ND1 A HIS A 1 23  ? 5.370   -12.790 -11.400 0.47 46.10 ? 23  HIS X ND1 1 
ATOM   191  N ND1 B HIS A 1 23  ? 7.918   -10.917 -9.371  0.53 49.15 ? 23  HIS X ND1 1 
ATOM   192  C CD2 A HIS A 1 23  ? 5.117   -10.751 -10.654 0.47 45.09 ? 23  HIS X CD2 1 
ATOM   193  C CD2 B HIS A 1 23  ? 8.650   -12.924 -8.911  0.53 44.11 ? 23  HIS X CD2 1 
ATOM   194  C CE1 A HIS A 1 23  ? 4.875   -12.071 -12.392 0.47 42.67 ? 23  HIS X CE1 1 
ATOM   195  C CE1 B HIS A 1 23  ? 9.238   -10.864 -9.392  0.53 49.28 ? 23  HIS X CE1 1 
ATOM   196  N NE2 A HIS A 1 23  ? 4.710   -10.831 -11.965 0.47 46.72 ? 23  HIS X NE2 1 
ATOM   197  N NE2 B HIS A 1 23  ? 9.707   -12.069 -9.117  0.53 48.58 ? 23  HIS X NE2 1 
ATOM   198  N N   . LEU A 1 24  ? 2.938   -11.662 -7.618  1.00 38.86 ? 24  LEU X N   1 
ATOM   199  C CA  . LEU A 1 24  ? 1.544   -12.059 -7.438  1.00 36.30 ? 24  LEU X CA  1 
ATOM   200  C C   . LEU A 1 24  ? 0.660   -11.246 -8.369  1.00 37.96 ? 24  LEU X C   1 
ATOM   201  O O   . LEU A 1 24  ? 0.139   -10.188 -7.994  1.00 37.79 ? 24  LEU X O   1 
ATOM   202  C CB  . LEU A 1 24  ? 1.107   -11.887 -5.986  1.00 37.08 ? 24  LEU X CB  1 
ATOM   203  C CG  . LEU A 1 24  ? 0.083   -12.900 -5.518  1.00 42.21 ? 24  LEU X CG  1 
ATOM   204  C CD1 . LEU A 1 24  ? 0.488   -14.262 -6.026  1.00 41.91 ? 24  LEU X CD1 1 
ATOM   205  C CD2 . LEU A 1 24  ? 0.021   -12.885 -4.006  1.00 35.06 ? 24  LEU X CD2 1 
ATOM   206  N N   . PRO A 1 25  ? 0.467   -11.714 -9.603  1.00 40.19 ? 25  PRO X N   1 
ATOM   207  C CA  . PRO A 1 25  ? -0.377  -10.961 -10.551 1.00 39.25 ? 25  PRO X CA  1 
ATOM   208  C C   . PRO A 1 25  ? -1.776  -10.645 -10.045 1.00 32.96 ? 25  PRO X C   1 
ATOM   209  O O   . PRO A 1 25  ? -2.267  -9.544  -10.306 1.00 37.11 ? 25  PRO X O   1 
ATOM   210  C CB  . PRO A 1 25  ? -0.390  -11.875 -11.783 1.00 40.13 ? 25  PRO X CB  1 
ATOM   211  C CG  . PRO A 1 25  ? 0.965   -12.530 -11.746 1.00 39.93 ? 25  PRO X CG  1 
ATOM   212  C CD  . PRO A 1 25  ? 1.270   -12.758 -10.268 1.00 36.23 ? 25  PRO X CD  1 
ATOM   213  N N   . ASN A 1 26  ? -2.418  -11.547 -9.296  1.00 39.35 ? 26  ASN X N   1 
ATOM   214  C CA  . ASN A 1 26  ? -3.762  -11.261 -8.781  1.00 34.80 ? 26  ASN X CA  1 
ATOM   215  C C   . ASN A 1 26  ? -3.773  -10.072 -7.826  1.00 36.47 ? 26  ASN X C   1 
ATOM   216  O O   . ASN A 1 26  ? -4.785  -9.368  -7.720  1.00 29.08 ? 26  ASN X O   1 
ATOM   217  C CB  . ASN A 1 26  ? -4.342  -12.484 -8.062  1.00 36.23 ? 26  ASN X CB  1 
ATOM   218  C CG  . ASN A 1 26  ? -4.614  -13.635 -9.008  1.00 49.44 ? 26  ASN X CG  1 
ATOM   219  O OD1 . ASN A 1 26  ? -4.671  -13.445 -10.233 1.00 48.98 ? 26  ASN X OD1 1 
ATOM   220  N ND2 . ASN A 1 26  ? -4.771  -14.839 -8.453  1.00 48.28 ? 26  ASN X ND2 1 
ATOM   221  N N   . ASP A 1 27  ? -2.673  -9.839  -7.107  1.00 29.07 ? 27  ASP X N   1 
ATOM   222  C CA  . ASP A 1 27  ? -2.669  -8.697  -6.209  1.00 34.61 ? 27  ASP X CA  1 
ATOM   223  C C   . ASP A 1 27  ? -2.494  -7.392  -6.987  1.00 31.47 ? 27  ASP X C   1 
ATOM   224  O O   . ASP A 1 27  ? -3.111  -6.379  -6.644  1.00 29.47 ? 27  ASP X O   1 
ATOM   225  C CB  . ASP A 1 27  ? -1.590  -8.878  -5.139  1.00 28.38 ? 27  ASP X CB  1 
ATOM   226  C CG  . ASP A 1 27  ? -1.474  -7.686  -4.224  1.00 30.31 ? 27  ASP X CG  1 
ATOM   227  O OD1 . ASP A 1 27  ? -2.455  -7.361  -3.522  1.00 29.02 ? 27  ASP X OD1 1 
ATOM   228  O OD2 . ASP A 1 27  ? -0.389  -7.077  -4.208  1.00 31.18 ? 27  ASP X OD2 1 
ATOM   229  N N   . LEU A 1 28  ? -1.689  -7.402  -8.050  1.00 32.86 ? 28  LEU X N   1 
ATOM   230  C CA  . LEU A 1 28  ? -1.590  -6.215  -8.900  1.00 34.97 ? 28  LEU X CA  1 
ATOM   231  C C   . LEU A 1 28  ? -2.944  -5.841  -9.490  1.00 35.48 ? 28  LEU X C   1 
ATOM   232  O O   . LEU A 1 28  ? -3.285  -4.653  -9.586  1.00 32.16 ? 28  LEU X O   1 
ATOM   233  C CB  . LEU A 1 28  ? -0.600  -6.452  -10.031 1.00 36.18 ? 28  LEU X CB  1 
ATOM   234  C CG  . LEU A 1 28  ? 0.877   -6.545  -9.724  1.00 45.32 ? 28  LEU X CG  1 
ATOM   235  C CD1 . LEU A 1 28  ? 1.580   -6.896  -11.030 1.00 49.88 ? 28  LEU X CD1 1 
ATOM   236  C CD2 . LEU A 1 28  ? 1.369   -5.229  -9.184  1.00 47.36 ? 28  LEU X CD2 1 
ATOM   237  N N   . LYS A 1 29  ? -3.724  -6.845  -9.910  1.00 30.69 ? 29  LYS X N   1 
ATOM   238  C CA  . LYS A 1 29  ? -5.061  -6.571  -10.423 1.00 34.08 ? 29  LYS X CA  1 
ATOM   239  C C   . LYS A 1 29  ? -5.967  -6.016  -9.333  1.00 34.76 ? 29  LYS X C   1 
ATOM   240  O O   . LYS A 1 29  ? -6.756  -5.094  -9.577  1.00 37.01 ? 29  LYS X O   1 
ATOM   241  C CB  . LYS A 1 29  ? -5.649  -7.845  -11.032 1.00 35.19 ? 29  LYS X CB  1 
ATOM   242  C CG  . LYS A 1 29  ? -7.078  -7.682  -11.482 1.00 50.59 ? 29  LYS X CG  1 
ATOM   243  C CD  . LYS A 1 29  ? -7.267  -8.133  -12.936 1.00 62.82 ? 29  LYS X CD  1 
ATOM   244  C CE  . LYS A 1 29  ? -8.513  -7.481  -13.550 1.00 58.27 ? 29  LYS X CE  1 
ATOM   245  N NZ  . LYS A 1 29  ? -9.766  -8.000  -12.884 1.00 60.23 ? 29  LYS X NZ  1 
ATOM   246  N N   . HIS A 1 30  ? -5.864  -6.575  -8.126  1.00 31.77 ? 30  HIS X N   1 
ATOM   247  C CA  . HIS A 1 30  ? -6.530  -6.017  -6.955  1.00 30.65 ? 30  HIS X CA  1 
ATOM   248  C C   . HIS A 1 30  ? -6.164  -4.548  -6.763  1.00 33.25 ? 30  HIS X C   1 
ATOM   249  O O   . HIS A 1 30  ? -7.039  -3.689  -6.591  1.00 33.62 ? 30  HIS X O   1 
ATOM   250  C CB  . HIS A 1 30  ? -6.137  -6.863  -5.733  1.00 27.77 ? 30  HIS X CB  1 
ATOM   251  C CG  . HIS A 1 30  ? -6.740  -6.415  -4.436  1.00 30.58 ? 30  HIS X CG  1 
ATOM   252  N ND1 . HIS A 1 30  ? -8.073  -6.601  -4.128  1.00 28.41 ? 30  HIS X ND1 1 
ATOM   253  C CD2 . HIS A 1 30  ? -6.181  -5.827  -3.349  1.00 29.14 ? 30  HIS X CD2 1 
ATOM   254  C CE1 . HIS A 1 30  ? -8.311  -6.138  -2.913  1.00 32.41 ? 30  HIS X CE1 1 
ATOM   255  N NE2 . HIS A 1 30  ? -7.178  -5.675  -2.413  1.00 33.22 ? 30  HIS X NE2 1 
ATOM   256  N N   . VAL A 1 31  ? -4.867  -4.236  -6.814  1.00 29.39 ? 31  VAL X N   1 
ATOM   257  C CA  . VAL A 1 31  ? -4.429  -2.851  -6.650  1.00 33.14 ? 31  VAL X CA  1 
ATOM   258  C C   . VAL A 1 31  ? -5.045  -1.968  -7.724  1.00 35.48 ? 31  VAL X C   1 
ATOM   259  O O   . VAL A 1 31  ? -5.550  -0.871  -7.435  1.00 30.76 ? 31  VAL X O   1 
ATOM   260  C CB  . VAL A 1 31  ? -2.891  -2.769  -6.672  1.00 26.90 ? 31  VAL X CB  1 
ATOM   261  C CG1 . VAL A 1 31  ? -2.465  -1.338  -6.912  1.00 35.93 ? 31  VAL X CG1 1 
ATOM   262  C CG2 . VAL A 1 31  ? -2.344  -3.227  -5.347  1.00 29.53 ? 31  VAL X CG2 1 
ATOM   263  N N   . LYS A 1 32  ? -5.046  -2.455  -8.972  1.00 34.68 ? 32  LYS X N   1 
ATOM   264  C CA  . LYS A 1 32  ? -5.591  -1.702  -10.097 1.00 37.87 ? 32  LYS X CA  1 
ATOM   265  C C   . LYS A 1 32  ? -7.078  -1.422  -9.919  1.00 37.49 ? 32  LYS X C   1 
ATOM   266  O O   . LYS A 1 32  ? -7.533  -0.295  -10.135 1.00 42.25 ? 32  LYS X O   1 
ATOM   267  C CB  . LYS A 1 32  ? -5.329  -2.476  -11.392 1.00 41.31 ? 32  LYS X CB  1 
ATOM   268  C CG  . LYS A 1 32  ? -5.763  -1.818  -12.698 1.00 45.82 ? 32  LYS X CG  1 
ATOM   269  C CD  . LYS A 1 32  ? -5.518  -2.796  -13.853 1.00 40.62 ? 32  LYS X CD  1 
ATOM   270  C CE  . LYS A 1 32  ? -5.245  -2.094  -15.184 1.00 55.27 ? 32  LYS X CE  1 
ATOM   271  N NZ  . LYS A 1 32  ? -6.448  -1.373  -15.696 1.00 64.37 ? 32  LYS X NZ  1 
ATOM   272  N N   . LYS A 1 33  ? -7.854  -2.421  -9.513  1.00 36.79 ? 33  LYS X N   1 
ATOM   273  C CA  . LYS A 1 33  ? -9.290  -2.185  -9.390  1.00 37.34 ? 33  LYS X CA  1 
ATOM   274  C C   . LYS A 1 33  ? -9.620  -1.260  -8.223  1.00 39.50 ? 33  LYS X C   1 
ATOM   275  O O   . LYS A 1 33  ? -10.538 -0.438  -8.324  1.00 37.26 ? 33  LYS X O   1 
ATOM   276  C CB  . LYS A 1 33  ? -10.044 -3.508  -9.257  1.00 36.83 ? 33  LYS X CB  1 
ATOM   277  C CG  . LYS A 1 33  ? -10.207 -4.311  -10.578 1.00 57.42 ? 33  LYS X CG  1 
ATOM   278  C CD  . LYS A 1 33  ? -10.420 -3.415  -11.832 1.00 57.86 ? 33  LYS X CD  1 
ATOM   279  C CE  . LYS A 1 33  ? -9.155  -3.319  -12.707 1.00 55.24 ? 33  LYS X CE  1 
ATOM   280  N NZ  . LYS A 1 33  ? -9.331  -2.347  -13.823 1.00 52.91 ? 33  LYS X NZ  1 
ATOM   281  N N   . LEU A 1 34  ? -8.902  -1.373  -7.104  1.00 34.32 ? 34  LEU X N   1 
ATOM   282  C CA  . LEU A 1 34  ? -9.221  -0.502  -5.977  1.00 34.25 ? 34  LEU X CA  1 
ATOM   283  C C   . LEU A 1 34  ? -8.867  0.957   -6.267  1.00 35.65 ? 34  LEU X C   1 
ATOM   284  O O   . LEU A 1 34  ? -9.606  1.873   -5.873  1.00 33.05 ? 34  LEU X O   1 
ATOM   285  C CB  . LEU A 1 34  ? -8.486  -0.966  -4.721  1.00 35.57 ? 34  LEU X CB  1 
ATOM   286  C CG  . LEU A 1 34  ? -9.070  -2.157  -3.987  1.00 29.68 ? 34  LEU X CG  1 
ATOM   287  C CD1 . LEU A 1 34  ? -8.177  -2.527  -2.791  1.00 31.62 ? 34  LEU X CD1 1 
ATOM   288  C CD2 . LEU A 1 34  ? -10.466 -1.769  -3.534  1.00 32.53 ? 34  LEU X CD2 1 
ATOM   289  N N   . SER A 1 35  ? -7.734  1.197   -6.933  1.00 31.63 ? 35  SER X N   1 
ATOM   290  C CA  . SER A 1 35  ? -7.148  2.527   -6.904  1.00 34.96 ? 35  SER X CA  1 
ATOM   291  C C   . SER A 1 35  ? -7.264  3.287   -8.217  1.00 36.40 ? 35  SER X C   1 
ATOM   292  O O   . SER A 1 35  ? -7.104  4.507   -8.204  1.00 37.10 ? 35  SER X O   1 
ATOM   293  C CB  . SER A 1 35  ? -5.673  2.460   -6.460  1.00 32.83 ? 35  SER X CB  1 
ATOM   294  O OG  . SER A 1 35  ? -4.828  1.853   -7.436  1.00 38.38 ? 35  SER X OG  1 
ATOM   295  N N   . THR A 1 36  ? -7.572  2.615   -9.331  1.00 38.29 ? 36  THR X N   1 
ATOM   296  C CA  . THR A 1 36  ? -7.884  3.316   -10.579 1.00 34.64 ? 36  THR X CA  1 
ATOM   297  C C   . THR A 1 36  ? -8.963  4.370   -10.359 1.00 32.96 ? 36  THR X C   1 
ATOM   298  O O   . THR A 1 36  ? -9.987  4.110   -9.726  1.00 34.11 ? 36  THR X O   1 
ATOM   299  C CB  . THR A 1 36  ? -8.325  2.319   -11.653 1.00 36.44 ? 36  THR X CB  1 
ATOM   300  O OG1 . THR A 1 36  ? -7.218  1.472   -11.972 1.00 43.65 ? 36  THR X OG1 1 
ATOM   301  C CG2 . THR A 1 36  ? -8.784  3.041   -12.946 1.00 29.39 ? 36  THR X CG2 1 
ATOM   302  N N   . GLY A 1 37  ? -8.700  5.586   -10.846 1.00 39.13 ? 37  GLY X N   1 
ATOM   303  C CA  . GLY A 1 37  ? -9.617  6.694   -10.673 1.00 32.94 ? 37  GLY X CA  1 
ATOM   304  C C   . GLY A 1 37  ? -9.524  7.413   -9.345  1.00 36.07 ? 37  GLY X C   1 
ATOM   305  O O   . GLY A 1 37  ? -10.289 8.356   -9.124  1.00 33.38 ? 37  GLY X O   1 
ATOM   306  N N   . HIS A 1 38  ? -8.615  7.009   -8.451  1.00 36.43 ? 38  HIS X N   1 
ATOM   307  C CA  . HIS A 1 38  ? -8.525  7.634   -7.132  1.00 34.52 ? 38  HIS X CA  1 
ATOM   308  C C   . HIS A 1 38  ? -7.116  8.143   -6.864  1.00 37.52 ? 38  HIS X C   1 
ATOM   309  O O   . HIS A 1 38  ? -6.400  8.496   -7.806  1.00 39.80 ? 38  HIS X O   1 
ATOM   310  C CB  . HIS A 1 38  ? -8.971  6.648   -6.050  1.00 35.86 ? 38  HIS X CB  1 
ATOM   311  C CG  . HIS A 1 38  ? -10.375 6.162   -6.230  1.00 38.78 ? 38  HIS X CG  1 
ATOM   312  N ND1 . HIS A 1 38  ? -11.477 6.956   -5.981  1.00 38.00 ? 38  HIS X ND1 1 
ATOM   313  C CD2 . HIS A 1 38  ? -10.856 4.973   -6.663  1.00 38.59 ? 38  HIS X CD2 1 
ATOM   314  C CE1 . HIS A 1 38  ? -12.575 6.266   -6.230  1.00 40.05 ? 38  HIS X CE1 1 
ATOM   315  N NE2 . HIS A 1 38  ? -12.226 5.062   -6.648  1.00 40.10 ? 38  HIS X NE2 1 
ATOM   316  N N   . THR A 1 39  ? -6.692  8.181   -5.601  1.00 33.91 ? 39  THR X N   1 
ATOM   317  C CA  . THR A 1 39  ? -5.401  8.766   -5.251  1.00 33.24 ? 39  THR X CA  1 
ATOM   318  C C   . THR A 1 39  ? -4.534  7.765   -4.504  1.00 33.05 ? 39  THR X C   1 
ATOM   319  O O   . THR A 1 39  ? -4.992  7.136   -3.543  1.00 36.48 ? 39  THR X O   1 
ATOM   320  C CB  . THR A 1 39  ? -5.590  10.034  -4.415  1.00 35.69 ? 39  THR X CB  1 
ATOM   321  O OG1 . THR A 1 39  ? -6.318  10.986  -5.185  1.00 37.76 ? 39  THR X OG1 1 
ATOM   322  C CG2 . THR A 1 39  ? -4.228  10.636  -3.965  1.00 32.74 ? 39  THR X CG2 1 
ATOM   323  N N   . LEU A 1 40  ? -3.285  7.617   -4.957  1.00 30.41 ? 40  LEU X N   1 
ATOM   324  C CA  . LEU A 1 40  ? -2.244  6.880   -4.249  1.00 27.27 ? 40  LEU X CA  1 
ATOM   325  C C   . LEU A 1 40  ? -1.266  7.884   -3.662  1.00 35.57 ? 40  LEU X C   1 
ATOM   326  O O   . LEU A 1 40  ? -0.805  8.790   -4.369  1.00 33.00 ? 40  LEU X O   1 
ATOM   327  C CB  . LEU A 1 40  ? -1.491  5.915   -5.164  1.00 24.92 ? 40  LEU X CB  1 
ATOM   328  C CG  . LEU A 1 40  ? -2.225  4.705   -5.747  1.00 32.97 ? 40  LEU X CG  1 
ATOM   329  C CD1 . LEU A 1 40  ? -1.255  3.796   -6.444  1.00 33.79 ? 40  LEU X CD1 1 
ATOM   330  C CD2 . LEU A 1 40  ? -2.923  3.945   -4.646  1.00 30.71 ? 40  LEU X CD2 1 
ATOM   331  N N   . VAL A 1 41  ? -0.953  7.715   -2.375  1.00 31.27 ? 41  VAL X N   1 
ATOM   332  C CA  . VAL A 1 41  ? 0.018   8.531   -1.665  1.00 30.01 ? 41  VAL X CA  1 
ATOM   333  C C   . VAL A 1 41  ? 1.158   7.623   -1.234  1.00 33.04 ? 41  VAL X C   1 
ATOM   334  O O   . VAL A 1 41  ? 0.919   6.541   -0.694  1.00 32.15 ? 41  VAL X O   1 
ATOM   335  C CB  . VAL A 1 41  ? -0.616  9.227   -0.451  1.00 33.36 ? 41  VAL X CB  1 
ATOM   336  C CG1 . VAL A 1 41  ? 0.457   9.819   0.440   1.00 29.29 ? 41  VAL X CG1 1 
ATOM   337  C CG2 . VAL A 1 41  ? -1.560  10.286  -0.910  1.00 31.61 ? 41  VAL X CG2 1 
ATOM   338  N N   . MET A 1 42  ? 2.389   8.053   -1.481  1.00 29.99 ? 42  MET X N   1 
ATOM   339  C CA  . MET A 1 42  ? 3.526   7.235   -1.114  1.00 30.94 ? 42  MET X CA  1 
ATOM   340  C C   . MET A 1 42  ? 4.711   8.119   -0.738  1.00 34.82 ? 42  MET X C   1 
ATOM   341  O O   . MET A 1 42  ? 4.848   9.251   -1.226  1.00 33.22 ? 42  MET X O   1 
ATOM   342  C CB  . MET A 1 42  ? 3.884   6.288   -2.259  1.00 34.96 ? 42  MET X CB  1 
ATOM   343  C CG  . MET A 1 42  ? 4.373   6.963   -3.516  1.00 30.82 ? 42  MET X CG  1 
ATOM   344  S SD  . MET A 1 42  ? 4.247   5.867   -4.954  1.00 39.99 ? 42  MET X SD  1 
ATOM   345  C CE  . MET A 1 42  ? 2.649   6.359   -5.595  1.00 33.73 ? 42  MET X CE  1 
ATOM   346  N N   . GLY A 1 43  ? 5.558   7.600   0.153   1.00 34.32 ? 43  GLY X N   1 
ATOM   347  C CA  . GLY A 1 43  ? 6.816   8.265   0.465   1.00 29.22 ? 43  GLY X CA  1 
ATOM   348  C C   . GLY A 1 43  ? 7.799   8.175   -0.691  1.00 33.11 ? 43  GLY X C   1 
ATOM   349  O O   . GLY A 1 43  ? 7.634   7.397   -1.642  1.00 28.47 ? 43  GLY X O   1 
ATOM   350  N N   . ARG A 1 44  ? 8.861   8.982   -0.594  1.00 34.25 ? 44  ARG X N   1 
ATOM   351  C CA  . ARG A 1 44  ? 9.773   9.137   -1.724  1.00 30.85 ? 44  ARG X CA  1 
ATOM   352  C C   . ARG A 1 44  ? 10.432  7.813   -2.107  1.00 33.08 ? 44  ARG X C   1 
ATOM   353  O O   . ARG A 1 44  ? 10.616  7.530   -3.297  1.00 29.84 ? 44  ARG X O   1 
ATOM   354  C CB  . ARG A 1 44  ? 10.830  10.204  -1.397  1.00 34.13 ? 44  ARG X CB  1 
ATOM   355  C CG  . ARG A 1 44  ? 11.783  10.546  -2.557  1.00 35.79 ? 44  ARG X CG  1 
ATOM   356  C CD  . ARG A 1 44  ? 13.118  9.787   -2.429  1.00 31.10 ? 44  ARG X CD  1 
ATOM   357  N NE  . ARG A 1 44  ? 13.715  10.063  -1.127  1.00 33.92 ? 44  ARG X NE  1 
ATOM   358  C CZ  . ARG A 1 44  ? 14.776  9.451   -0.612  1.00 30.56 ? 44  ARG X CZ  1 
ATOM   359  N NH1 . ARG A 1 44  ? 15.403  8.494   -1.287  1.00 29.58 ? 44  ARG X NH1 1 
ATOM   360  N NH2 . ARG A 1 44  ? 15.201  9.810   0.598   1.00 30.72 ? 44  ARG X NH2 1 
ATOM   361  N N   . LYS A 1 45  ? 10.785  6.981   -1.118  1.00 30.25 ? 45  LYS X N   1 
ATOM   362  C CA  . LYS A 1 45  ? 11.516  5.758   -1.440  1.00 28.49 ? 45  LYS X CA  1 
ATOM   363  C C   . LYS A 1 45  ? 10.616  4.747   -2.139  1.00 28.37 ? 45  LYS X C   1 
ATOM   364  O O   . LYS A 1 45  ? 11.066  4.019   -3.031  1.00 31.20 ? 45  LYS X O   1 
ATOM   365  C CB  . LYS A 1 45  ? 12.124  5.157   -0.176  1.00 28.15 ? 45  LYS X CB  1 
ATOM   366  C CG  . LYS A 1 45  ? 13.266  5.995   0.404   1.00 33.29 ? 45  LYS X CG  1 
ATOM   367  C CD  . LYS A 1 45  ? 13.817  5.362   1.681   1.00 34.15 ? 45  LYS X CD  1 
ATOM   368  C CE  . LYS A 1 45  ? 15.123  6.000   2.137   1.00 36.27 ? 45  LYS X CE  1 
ATOM   369  N NZ  . LYS A 1 45  ? 15.630  5.476   3.461   1.00 37.99 ? 45  LYS X NZ  1 
ATOM   370  N N   . THR A 1 46  ? 9.347   4.679   -1.727  1.00 27.64 ? 46  THR X N   1 
ATOM   371  C CA  . THR A 1 46  ? 8.408   3.793   -2.390  1.00 26.58 ? 46  THR X CA  1 
ATOM   372  C C   . THR A 1 46  ? 8.244   4.208   -3.838  1.00 32.43 ? 46  THR X C   1 
ATOM   373  O O   . THR A 1 46  ? 8.294   3.360   -4.741  1.00 30.76 ? 46  THR X O   1 
ATOM   374  C CB  . THR A 1 46  ? 7.063   3.806   -1.659  1.00 29.61 ? 46  THR X CB  1 
ATOM   375  O OG1 . THR A 1 46  ? 7.210   3.222   -0.362  1.00 29.96 ? 46  THR X OG1 1 
ATOM   376  C CG2 . THR A 1 46  ? 6.051   3.022   -2.403  1.00 29.74 ? 46  THR X CG2 1 
ATOM   377  N N   . PHE A 1 47  ? 8.112   5.521   -4.092  1.00 31.77 ? 47  PHE X N   1 
ATOM   378  C CA  . PHE A 1 47  ? 7.992   5.962   -5.477  1.00 32.47 ? 47  PHE X CA  1 
ATOM   379  C C   . PHE A 1 47  ? 9.240   5.617   -6.282  1.00 34.97 ? 47  PHE X C   1 
ATOM   380  O O   . PHE A 1 47  ? 9.141   5.109   -7.405  1.00 37.90 ? 47  PHE X O   1 
ATOM   381  C CB  . PHE A 1 47  ? 7.724   7.454   -5.594  1.00 32.77 ? 47  PHE X CB  1 
ATOM   382  C CG  . PHE A 1 47  ? 7.766   7.919   -7.027  1.00 36.36 ? 47  PHE X CG  1 
ATOM   383  C CD1 . PHE A 1 47  ? 6.728   7.602   -7.899  1.00 37.05 ? 47  PHE X CD1 1 
ATOM   384  C CD2 . PHE A 1 47  ? 8.874   8.583   -7.530  1.00 38.37 ? 47  PHE X CD2 1 
ATOM   385  C CE1 . PHE A 1 47  ? 6.776   7.972   -9.238  1.00 35.81 ? 47  PHE X CE1 1 
ATOM   386  C CE2 . PHE A 1 47  ? 8.932   8.960   -8.859  1.00 36.74 ? 47  PHE X CE2 1 
ATOM   387  C CZ  . PHE A 1 47  ? 7.888   8.651   -9.716  1.00 40.41 ? 47  PHE X CZ  1 
ATOM   388  N N   . GLU A 1 48  ? 10.429  5.916   -5.745  1.00 33.40 ? 48  GLU X N   1 
ATOM   389  C CA  . GLU A 1 48  ? 11.643  5.635   -6.511  1.00 38.49 ? 48  GLU X CA  1 
ATOM   390  C C   . GLU A 1 48  ? 11.771  4.147   -6.797  1.00 36.55 ? 48  GLU X C   1 
ATOM   391  O O   . GLU A 1 48  ? 12.229  3.749   -7.873  1.00 39.62 ? 48  GLU X O   1 
ATOM   392  C CB  . GLU A 1 48  ? 12.892  6.137   -5.778  1.00 39.41 ? 48  GLU X CB  1 
ATOM   393  C CG  . GLU A 1 48  ? 12.981  7.655   -5.544  1.00 41.82 ? 48  GLU X CG  1 
ATOM   394  C CD  . GLU A 1 48  ? 13.077  8.467   -6.833  1.00 56.36 ? 48  GLU X CD  1 
ATOM   395  O OE1 . GLU A 1 48  ? 13.222  7.866   -7.930  1.00 59.42 ? 48  GLU X OE1 1 
ATOM   396  O OE2 . GLU A 1 48  ? 13.017  9.718   -6.750  1.00 63.93 ? 48  GLU X OE2 1 
ATOM   397  N N   . SER A 1 49  ? 11.356  3.306   -5.851  1.00 35.68 ? 49  SER X N   1 
ATOM   398  C CA  . SER A 1 49  ? 11.420  1.871   -6.084  1.00 37.57 ? 49  SER X CA  1 
ATOM   399  C C   . SER A 1 49  ? 10.515  1.463   -7.245  1.00 34.07 ? 49  SER X C   1 
ATOM   400  O O   . SER A 1 49  ? 10.867  0.573   -8.024  1.00 34.46 ? 49  SER X O   1 
ATOM   401  C CB  . SER A 1 49  ? 11.049  1.119   -4.807  1.00 36.83 ? 49  SER X CB  1 
ATOM   402  O OG  . SER A 1 49  ? 9.677   0.787   -4.821  1.00 41.42 ? 49  SER X OG  1 
ATOM   403  N N   . ILE A 1 50  ? 9.345   2.104   -7.373  1.00 31.76 ? 50  ILE X N   1 
ATOM   404  C CA  . ILE A 1 50  ? 8.456   1.843   -8.508  1.00 39.27 ? 50  ILE X CA  1 
ATOM   405  C C   . ILE A 1 50  ? 9.065   2.388   -9.796  1.00 40.65 ? 50  ILE X C   1 
ATOM   406  O O   . ILE A 1 50  ? 9.227   1.658   -10.780 1.00 40.32 ? 50  ILE X O   1 
ATOM   407  C CB  . ILE A 1 50  ? 7.057   2.442   -8.263  1.00 38.84 ? 50  ILE X CB  1 
ATOM   408  C CG1 . ILE A 1 50  ? 6.373   1.817   -7.056  1.00 40.95 ? 50  ILE X CG1 1 
ATOM   409  C CG2 . ILE A 1 50  ? 6.156   2.197   -9.438  1.00 35.93 ? 50  ILE X CG2 1 
ATOM   410  C CD1 . ILE A 1 50  ? 5.013   2.462   -6.802  1.00 41.23 ? 50  ILE X CD1 1 
ATOM   411  N N   . GLY A 1 51  ? 9.393   3.681   -9.815  1.00 37.96 ? 51  GLY X N   1 
ATOM   412  C CA  . GLY A 1 51  ? 10.151  4.289   -10.893 1.00 41.07 ? 51  GLY X CA  1 
ATOM   413  C C   . GLY A 1 51  ? 9.344   5.178   -11.822 1.00 46.26 ? 51  GLY X C   1 
ATOM   414  O O   . GLY A 1 51  ? 9.928   6.021   -12.513 1.00 44.28 ? 51  GLY X O   1 
ATOM   415  N N   . LYS A 1 52  ? 8.026   5.016   -11.859 1.00 44.31 ? 52  LYS X N   1 
ATOM   416  C CA  . LYS A 1 52  ? 7.121   5.771   -12.717 1.00 45.29 ? 52  LYS X CA  1 
ATOM   417  C C   . LYS A 1 52  ? 5.799   5.875   -11.978 1.00 43.96 ? 52  LYS X C   1 
ATOM   418  O O   . LYS A 1 52  ? 5.462   4.968   -11.211 1.00 40.44 ? 52  LYS X O   1 
ATOM   419  C CB  . LYS A 1 52  ? 6.909   5.074   -14.074 1.00 44.67 ? 52  LYS X CB  1 
ATOM   420  N N   . PRO A 1 53  ? 5.031   6.944   -12.173 1.00 41.08 ? 53  PRO X N   1 
ATOM   421  C CA  . PRO A 1 53  ? 3.693   6.983   -11.571 1.00 39.35 ? 53  PRO X CA  1 
ATOM   422  C C   . PRO A 1 53  ? 2.796   5.919   -12.200 1.00 40.55 ? 53  PRO X C   1 
ATOM   423  O O   . PRO A 1 53  ? 2.996   5.503   -13.342 1.00 37.95 ? 53  PRO X O   1 
ATOM   424  C CB  . PRO A 1 53  ? 3.202   8.399   -11.887 1.00 41.17 ? 53  PRO X CB  1 
ATOM   425  C CG  . PRO A 1 53  ? 3.926   8.758   -13.159 1.00 41.05 ? 53  PRO X CG  1 
ATOM   426  C CD  . PRO A 1 53  ? 5.282   8.108   -13.041 1.00 41.78 ? 53  PRO X CD  1 
ATOM   427  N N   . LEU A 1 54  ? 1.808   5.453   -11.424 1.00 38.87 ? 54  LEU X N   1 
ATOM   428  C CA  . LEU A 1 54  ? 0.926   4.422   -11.959 1.00 38.47 ? 54  LEU X CA  1 
ATOM   429  C C   . LEU A 1 54  ? -0.192  5.060   -12.786 1.00 39.04 ? 54  LEU X C   1 
ATOM   430  O O   . LEU A 1 54  ? -0.718  6.109   -12.411 1.00 38.02 ? 54  LEU X O   1 
ATOM   431  C CB  . LEU A 1 54  ? 0.325   3.598   -10.839 1.00 35.19 ? 54  LEU X CB  1 
ATOM   432  C CG  . LEU A 1 54  ? 1.273   2.823   -9.929  1.00 41.73 ? 54  LEU X CG  1 
ATOM   433  C CD1 . LEU A 1 54  ? 0.527   1.640   -9.342  1.00 37.30 ? 54  LEU X CD1 1 
ATOM   434  C CD2 . LEU A 1 54  ? 2.515   2.363   -10.684 1.00 42.43 ? 54  LEU X CD2 1 
ATOM   435  N N   . PRO A 1 55  ? -0.580  4.444   -13.903 1.00 35.89 ? 55  PRO X N   1 
ATOM   436  C CA  . PRO A 1 55  ? -1.531  5.098   -14.820 1.00 38.16 ? 55  PRO X CA  1 
ATOM   437  C C   . PRO A 1 55  ? -2.949  5.172   -14.269 1.00 37.23 ? 55  PRO X C   1 
ATOM   438  O O   . PRO A 1 55  ? -3.391  4.315   -13.500 1.00 38.19 ? 55  PRO X O   1 
ATOM   439  C CB  . PRO A 1 55  ? -1.488  4.211   -16.073 1.00 38.13 ? 55  PRO X CB  1 
ATOM   440  C CG  . PRO A 1 55  ? -0.311  3.293   -15.898 1.00 38.04 ? 55  PRO X CG  1 
ATOM   441  C CD  . PRO A 1 55  ? -0.092  3.158   -14.424 1.00 38.52 ? 55  PRO X CD  1 
ATOM   442  N N   . ASN A 1 56  ? -3.662  6.230   -14.675 1.00 35.63 ? 56  ASN X N   1 
ATOM   443  C CA  . ASN A 1 56  ? -5.118  6.348   -14.506 1.00 37.66 ? 56  ASN X CA  1 
ATOM   444  C C   . ASN A 1 56  ? -5.538  6.558   -13.062 1.00 39.35 ? 56  ASN X C   1 
ATOM   445  O O   . ASN A 1 56  ? -6.614  6.109   -12.653 1.00 44.86 ? 56  ASN X O   1 
ATOM   446  C CB  . ASN A 1 56  ? -5.848  5.130   -15.078 1.00 36.02 ? 56  ASN X CB  1 
ATOM   447  C CG  . ASN A 1 56  ? -5.541  4.921   -16.526 1.00 39.44 ? 56  ASN X CG  1 
ATOM   448  O OD1 . ASN A 1 56  ? -5.563  5.868   -17.309 1.00 43.81 ? 56  ASN X OD1 1 
ATOM   449  N ND2 . ASN A 1 56  ? -5.200  3.696   -16.888 1.00 38.28 ? 56  ASN X ND2 1 
ATOM   450  N N   . ARG A 1 57  ? -4.691  7.225   -12.288 1.00 41.03 ? 57  ARG X N   1 
ATOM   451  C CA  . ARG A 1 57  ? -5.004  7.666   -10.940 1.00 34.57 ? 57  ARG X CA  1 
ATOM   452  C C   . ARG A 1 57  ? -4.017  8.766   -10.587 1.00 36.24 ? 57  ARG X C   1 
ATOM   453  O O   . ARG A 1 57  ? -2.954  8.895   -11.210 1.00 37.02 ? 57  ARG X O   1 
ATOM   454  C CB  . ARG A 1 57  ? -4.933  6.509   -9.929  1.00 38.87 ? 57  ARG X CB  1 
ATOM   455  C CG  . ARG A 1 57  ? -3.532  5.975   -9.632  1.00 33.44 ? 57  ARG X CG  1 
ATOM   456  C CD  . ARG A 1 57  ? -3.565  4.471   -9.431  1.00 33.08 ? 57  ARG X CD  1 
ATOM   457  N NE  . ARG A 1 57  ? -3.520  3.755   -10.691 1.00 37.16 ? 57  ARG X NE  1 
ATOM   458  C CZ  . ARG A 1 57  ? -3.379  2.440   -10.810 1.00 37.90 ? 57  ARG X CZ  1 
ATOM   459  N NH1 . ARG A 1 57  ? -3.282  1.672   -9.731  1.00 45.45 ? 57  ARG X NH1 1 
ATOM   460  N NH2 . ARG A 1 57  ? -3.328  1.891   -12.014 1.00 34.70 ? 57  ARG X NH2 1 
ATOM   461  N N   . ARG A 1 58  ? -4.388  9.566   -9.589  1.00 33.95 ? 58  ARG X N   1 
ATOM   462  C CA  . ARG A 1 58  ? -3.491  10.590  -9.074  1.00 35.75 ? 58  ARG X CA  1 
ATOM   463  C C   . ARG A 1 58  ? -2.382  9.941   -8.245  1.00 37.32 ? 58  ARG X C   1 
ATOM   464  O O   . ARG A 1 58  ? -2.651  9.148   -7.335  1.00 36.22 ? 58  ARG X O   1 
ATOM   465  C CB  . ARG A 1 58  ? -4.272  11.599  -8.234  1.00 32.96 ? 58  ARG X CB  1 
ATOM   466  C CG  . ARG A 1 58  ? -3.494  12.853  -7.901  1.00 36.52 ? 58  ARG X CG  1 
ATOM   467  C CD  . ARG A 1 58  ? -4.266  13.770  -6.973  1.00 36.57 ? 58  ARG X CD  1 
ATOM   468  N NE  . ARG A 1 58  ? -3.560  15.032  -6.791  1.00 41.85 ? 58  ARG X NE  1 
ATOM   469  C CZ  . ARG A 1 58  ? -3.957  16.012  -5.986  1.00 44.71 ? 58  ARG X CZ  1 
ATOM   470  N NH1 . ARG A 1 58  ? -5.058  15.884  -5.261  1.00 39.11 ? 58  ARG X NH1 1 
ATOM   471  N NH2 . ARG A 1 58  ? -3.240  17.125  -5.901  1.00 43.27 ? 58  ARG X NH2 1 
ATOM   472  N N   . ASN A 1 59  ? -1.137  10.269  -8.578  1.00 35.33 ? 59  ASN X N   1 
ATOM   473  C CA  . ASN A 1 59  ? 0.049   9.803   -7.871  1.00 34.28 ? 59  ASN X CA  1 
ATOM   474  C C   . ASN A 1 59  ? 0.617   10.965  -7.066  1.00 33.98 ? 59  ASN X C   1 
ATOM   475  O O   . ASN A 1 59  ? 1.003   11.987  -7.642  1.00 37.57 ? 59  ASN X O   1 
ATOM   476  C CB  . ASN A 1 59  ? 1.093   9.276   -8.850  1.00 32.95 ? 59  ASN X CB  1 
ATOM   477  C CG  . ASN A 1 59  ? 0.666   8.004   -9.543  1.00 40.71 ? 59  ASN X CG  1 
ATOM   478  O OD1 . ASN A 1 59  ? 1.222   6.937   -9.277  1.00 37.50 ? 59  ASN X OD1 1 
ATOM   479  N ND2 . ASN A 1 59  ? -0.308  8.106   -10.457 1.00 37.03 ? 59  ASN X ND2 1 
ATOM   480  N N   . VAL A 1 60  ? 0.661   10.809  -5.739  1.00 34.09 ? 60  VAL X N   1 
ATOM   481  C CA  . VAL A 1 60  ? 1.138   11.828  -4.811  1.00 28.35 ? 60  VAL X CA  1 
ATOM   482  C C   . VAL A 1 60  ? 2.342   11.287  -4.056  1.00 34.47 ? 60  VAL X C   1 
ATOM   483  O O   . VAL A 1 60  ? 2.261   10.225  -3.429  1.00 31.75 ? 60  VAL X O   1 
ATOM   484  C CB  . VAL A 1 60  ? 0.043   12.256  -3.825  1.00 32.79 ? 60  VAL X CB  1 
ATOM   485  C CG1 . VAL A 1 60  ? 0.618   13.245  -2.812  1.00 37.15 ? 60  VAL X CG1 1 
ATOM   486  C CG2 . VAL A 1 60  ? -1.127  12.861  -4.549  1.00 32.89 ? 60  VAL X CG2 1 
ATOM   487  N N   . VAL A 1 61  ? 3.450   12.025  -4.083  1.00 34.04 ? 61  VAL X N   1 
ATOM   488  C CA  . VAL A 1 61  ? 4.657   11.603  -3.391  1.00 31.30 ? 61  VAL X CA  1 
ATOM   489  C C   . VAL A 1 61  ? 4.962   12.594  -2.277  1.00 34.34 ? 61  VAL X C   1 
ATOM   490  O O   . VAL A 1 61  ? 4.927   13.810  -2.486  1.00 37.90 ? 61  VAL X O   1 
ATOM   491  C CB  . VAL A 1 61  ? 5.843   11.439  -4.353  1.00 32.17 ? 61  VAL X CB  1 
ATOM   492  C CG1 . VAL A 1 61  ? 7.112   11.073  -3.567  1.00 36.48 ? 61  VAL X CG1 1 
ATOM   493  C CG2 . VAL A 1 61  ? 5.551   10.334  -5.334  1.00 26.53 ? 61  VAL X CG2 1 
ATOM   494  N N   . LEU A 1 62  ? 5.231   12.064  -1.096  1.00 31.34 ? 62  LEU X N   1 
ATOM   495  C CA  . LEU A 1 62  ? 5.633   12.846  0.061   1.00 32.81 ? 62  LEU X CA  1 
ATOM   496  C C   . LEU A 1 62  ? 7.147   12.806  0.157   1.00 33.09 ? 62  LEU X C   1 
ATOM   497  O O   . LEU A 1 62  ? 7.742   11.720  0.177   1.00 30.60 ? 62  LEU X O   1 
ATOM   498  C CB  . LEU A 1 62  ? 5.011   12.302  1.349   1.00 34.16 ? 62  LEU X CB  1 
ATOM   499  C CG  . LEU A 1 62  ? 5.459   12.899  2.693   1.00 37.19 ? 62  LEU X CG  1 
ATOM   500  C CD1 . LEU A 1 62  ? 5.044   14.359  2.791   1.00 36.73 ? 62  LEU X CD1 1 
ATOM   501  C CD2 . LEU A 1 62  ? 4.880   12.112  3.864   1.00 33.68 ? 62  LEU X CD2 1 
ATOM   502  N N   . THR A 1 63  ? 7.758   13.990  0.208   1.00 35.43 ? 63  THR X N   1 
ATOM   503  C CA  . THR A 1 63  ? 9.202   14.141  0.342   1.00 32.70 ? 63  THR X CA  1 
ATOM   504  C C   . THR A 1 63  ? 9.492   15.524  0.910   1.00 37.77 ? 63  THR X C   1 
ATOM   505  O O   . THR A 1 63  ? 8.675   16.444  0.800   1.00 36.52 ? 63  THR X O   1 
ATOM   506  C CB  . THR A 1 63  ? 9.917   13.951  -1.008  1.00 34.40 ? 63  THR X CB  1 
ATOM   507  O OG1 . THR A 1 63  ? 11.317  14.207  -0.868  1.00 36.60 ? 63  THR X OG1 1 
ATOM   508  C CG2 . THR A 1 63  ? 9.355   14.880  -2.044  1.00 32.57 ? 63  THR X CG2 1 
ATOM   509  N N   . SER A 1 64  ? 10.667  15.659  1.530   1.00 37.46 ? 64  SER X N   1 
ATOM   510  C CA  . SER A 1 64  ? 11.131  16.970  1.972   1.00 39.18 ? 64  SER X CA  1 
ATOM   511  C C   . SER A 1 64  ? 11.955  17.691  0.907   1.00 39.10 ? 64  SER X C   1 
ATOM   512  O O   . SER A 1 64  ? 12.261  18.873  1.080   1.00 42.25 ? 64  SER X O   1 
ATOM   513  C CB  . SER A 1 64  ? 11.946  16.840  3.268   1.00 33.00 ? 64  SER X CB  1 
ATOM   514  O OG  . SER A 1 64  ? 13.129  16.071  3.074   1.00 37.44 ? 64  SER X OG  1 
ATOM   515  N N   . ASP A 1 65  ? 12.285  17.016  -0.195  1.00 40.55 ? 65  ASP X N   1 
ATOM   516  C CA  . ASP A 1 65  ? 13.104  17.574  -1.274  1.00 38.56 ? 65  ASP X CA  1 
ATOM   517  C C   . ASP A 1 65  ? 12.294  18.577  -2.095  1.00 40.43 ? 65  ASP X C   1 
ATOM   518  O O   . ASP A 1 65  ? 11.409  18.193  -2.865  1.00 39.08 ? 65  ASP X O   1 
ATOM   519  C CB  . ASP A 1 65  ? 13.612  16.429  -2.146  1.00 45.66 ? 65  ASP X CB  1 
ATOM   520  C CG  . ASP A 1 65  ? 14.626  16.868  -3.202  1.00 43.80 ? 65  ASP X CG  1 
ATOM   521  O OD1 . ASP A 1 65  ? 14.788  18.080  -3.436  1.00 46.82 ? 65  ASP X OD1 1 
ATOM   522  O OD2 . ASP A 1 65  ? 15.248  15.972  -3.808  1.00 43.73 ? 65  ASP X OD2 1 
ATOM   523  N N   . THR A 1 66  ? 12.609  19.865  -1.956  1.00 42.69 ? 66  THR X N   1 
ATOM   524  C CA  . THR A 1 66  ? 11.860  20.890  -2.676  1.00 37.90 ? 66  THR X CA  1 
ATOM   525  C C   . THR A 1 66  ? 12.205  20.952  -4.161  1.00 41.10 ? 66  THR X C   1 
ATOM   526  O O   . THR A 1 66  ? 11.578  21.718  -4.898  1.00 39.90 ? 66  THR X O   1 
ATOM   527  C CB  . THR A 1 66  ? 12.094  22.250  -2.023  1.00 40.93 ? 66  THR X CB  1 
ATOM   528  O OG1 . THR A 1 66  ? 13.494  22.557  -2.044  1.00 43.49 ? 66  THR X OG1 1 
ATOM   529  C CG2 . THR A 1 66  ? 11.633  22.211  -0.579  1.00 40.08 ? 66  THR X CG2 1 
ATOM   530  N N   . SER A 1 67  ? 13.167  20.169  -4.624  1.00 42.48 ? 67  SER X N   1 
ATOM   531  C CA  . SER A 1 67  ? 13.459  20.099  -6.045  1.00 44.36 ? 67  SER X CA  1 
ATOM   532  C C   . SER A 1 67  ? 12.844  18.873  -6.701  1.00 44.26 ? 67  SER X C   1 
ATOM   533  O O   . SER A 1 67  ? 12.874  18.768  -7.935  1.00 46.21 ? 67  SER X O   1 
ATOM   534  C CB  . SER A 1 67  ? 14.973  20.105  -6.276  1.00 39.82 ? 67  SER X CB  1 
ATOM   535  O OG  . SER A 1 67  ? 15.465  18.778  -6.328  1.00 51.16 ? 67  SER X OG  1 
ATOM   536  N N   . PHE A 1 68  ? 12.295  17.952  -5.910  1.00 42.40 ? 68  PHE X N   1 
ATOM   537  C CA  . PHE A 1 68  ? 11.670  16.765  -6.465  1.00 37.55 ? 68  PHE X CA  1 
ATOM   538  C C   . PHE A 1 68  ? 10.590  17.162  -7.449  1.00 39.86 ? 68  PHE X C   1 
ATOM   539  O O   . PHE A 1 68  ? 9.719   17.982  -7.149  1.00 36.71 ? 68  PHE X O   1 
ATOM   540  C CB  . PHE A 1 68  ? 11.076  15.894  -5.359  1.00 43.96 ? 68  PHE X CB  1 
ATOM   541  C CG  . PHE A 1 68  ? 10.564  14.540  -5.833  1.00 35.63 ? 68  PHE X CG  1 
ATOM   542  C CD1 . PHE A 1 68  ? 9.275   14.401  -6.309  1.00 35.05 ? 68  PHE X CD1 1 
ATOM   543  C CD2 . PHE A 1 68  ? 11.372  13.414  -5.759  1.00 40.23 ? 68  PHE X CD2 1 
ATOM   544  C CE1 . PHE A 1 68  ? 8.800   13.166  -6.717  1.00 41.58 ? 68  PHE X CE1 1 
ATOM   545  C CE2 . PHE A 1 68  ? 10.909  12.180  -6.152  1.00 37.04 ? 68  PHE X CE2 1 
ATOM   546  C CZ  . PHE A 1 68  ? 9.616   12.054  -6.638  1.00 39.69 ? 68  PHE X CZ  1 
ATOM   547  N N   . ASN A 1 69  ? 10.656  16.568  -8.635  1.00 40.56 ? 69  ASN X N   1 
ATOM   548  C CA  . ASN A 1 69  ? 9.708   16.871  -9.685  1.00 44.70 ? 69  ASN X CA  1 
ATOM   549  C C   . ASN A 1 69  ? 9.715   15.711  -10.661 1.00 45.63 ? 69  ASN X C   1 
ATOM   550  O O   . ASN A 1 69  ? 10.786  15.280  -11.097 1.00 46.49 ? 69  ASN X O   1 
ATOM   551  C CB  . ASN A 1 69  ? 10.079  18.174  -10.385 1.00 47.98 ? 69  ASN X CB  1 
ATOM   552  C CG  . ASN A 1 69  ? 8.956   18.715  -11.185 1.00 53.70 ? 69  ASN X CG  1 
ATOM   553  O OD1 . ASN A 1 69  ? 8.729   18.279  -12.316 1.00 51.99 ? 69  ASN X OD1 1 
ATOM   554  N ND2 . ASN A 1 69  ? 8.204   19.647  -10.597 1.00 54.98 ? 69  ASN X ND2 1 
ATOM   555  N N   . VAL A 1 70  ? 8.534   15.194  -10.974 1.00 36.69 ? 70  VAL X N   1 
ATOM   556  C CA  . VAL A 1 70  ? 8.388   14.086  -11.908 1.00 40.50 ? 70  VAL X CA  1 
ATOM   557  C C   . VAL A 1 70  ? 7.093   14.322  -12.666 1.00 43.82 ? 70  VAL X C   1 
ATOM   558  O O   . VAL A 1 70  ? 6.056   14.610  -12.062 1.00 44.10 ? 70  VAL X O   1 
ATOM   559  C CB  . VAL A 1 70  ? 8.355   12.702  -11.208 1.00 43.90 ? 70  VAL X CB  1 
ATOM   560  C CG1 . VAL A 1 70  ? 8.143   11.600  -12.227 1.00 42.47 ? 70  VAL X CG1 1 
ATOM   561  C CG2 . VAL A 1 70  ? 9.633   12.418  -10.403 1.00 36.10 ? 70  VAL X CG2 1 
ATOM   562  N N   . GLU A 1 71  ? 7.158   14.216  -13.984 1.00 43.13 ? 71  GLU X N   1 
ATOM   563  C CA  . GLU A 1 71  ? 5.963   14.335  -14.807 1.00 51.80 ? 71  GLU X CA  1 
ATOM   564  C C   . GLU A 1 71  ? 4.913   13.301  -14.383 1.00 48.28 ? 71  GLU X C   1 
ATOM   565  O O   . GLU A 1 71  ? 5.190   12.103  -14.323 1.00 42.35 ? 71  GLU X O   1 
ATOM   566  C CB  . GLU A 1 71  ? 6.323   14.172  -16.276 1.00 54.14 ? 71  GLU X CB  1 
ATOM   567  C CG  . GLU A 1 71  ? 5.629   15.159  -17.197 1.00 65.24 ? 71  GLU X CG  1 
ATOM   568  C CD  . GLU A 1 71  ? 4.374   14.579  -17.833 1.00 72.40 ? 71  GLU X CD  1 
ATOM   569  O OE1 . GLU A 1 71  ? 4.334   13.342  -18.034 1.00 75.16 ? 71  GLU X OE1 1 
ATOM   570  O OE2 . GLU A 1 71  ? 3.441   15.358  -18.151 1.00 69.44 ? 71  GLU X OE2 1 
ATOM   571  N N   . GLY A 1 72  ? 3.707   13.774  -14.067 1.00 43.43 ? 72  GLY X N   1 
ATOM   572  C CA  . GLY A 1 72  ? 2.624   12.918  -13.649 1.00 41.94 ? 72  GLY X CA  1 
ATOM   573  C C   . GLY A 1 72  ? 2.549   12.652  -12.160 1.00 41.63 ? 72  GLY X C   1 
ATOM   574  O O   . GLY A 1 72  ? 1.784   11.775  -11.744 1.00 44.74 ? 72  GLY X O   1 
ATOM   575  N N   . VAL A 1 73  ? 3.306   13.381  -11.345 1.00 42.28 ? 73  VAL X N   1 
ATOM   576  C CA  . VAL A 1 73  ? 3.395   13.158  -9.908  1.00 36.08 ? 73  VAL X CA  1 
ATOM   577  C C   . VAL A 1 73  ? 3.170   14.486  -9.208  1.00 40.37 ? 73  VAL X C   1 
ATOM   578  O O   . VAL A 1 73  ? 3.845   15.474  -9.509  1.00 41.72 ? 73  VAL X O   1 
ATOM   579  C CB  . VAL A 1 73  ? 4.759   12.565  -9.510  1.00 33.29 ? 73  VAL X CB  1 
ATOM   580  C CG1 . VAL A 1 73  ? 5.017   12.718  -8.027  1.00 27.86 ? 73  VAL X CG1 1 
ATOM   581  C CG2 . VAL A 1 73  ? 4.852   11.112  -9.920  1.00 34.57 ? 73  VAL X CG2 1 
ATOM   582  N N   . ASP A 1 74  ? 2.232   14.513  -8.278  1.00 38.77 ? 74  ASP X N   1 
ATOM   583  C CA  . ASP A 1 74  ? 2.015   15.673  -7.424  1.00 38.20 ? 74  ASP X CA  1 
ATOM   584  C C   . ASP A 1 74  ? 2.793   15.511  -6.127  1.00 41.36 ? 74  ASP X C   1 
ATOM   585  O O   . ASP A 1 74  ? 2.698   14.472  -5.467  1.00 43.26 ? 74  ASP X O   1 
ATOM   586  C CB  . ASP A 1 74  ? 0.536   15.834  -7.110  1.00 36.90 ? 74  ASP X CB  1 
ATOM   587  C CG  . ASP A 1 74  ? -0.270  16.039  -8.334  1.00 41.82 ? 74  ASP X CG  1 
ATOM   588  O OD1 . ASP A 1 74  ? 0.337   16.405  -9.364  1.00 44.87 ? 74  ASP X OD1 1 
ATOM   589  O OD2 . ASP A 1 74  ? -1.496  15.818  -8.271  1.00 46.48 ? 74  ASP X OD2 1 
ATOM   590  N N   . VAL A 1 75  ? 3.526   16.547  -5.754  1.00 37.22 ? 75  VAL X N   1 
ATOM   591  C CA  . VAL A 1 75  ? 4.430   16.501  -4.612  1.00 40.70 ? 75  VAL X CA  1 
ATOM   592  C C   . VAL A 1 75  ? 3.762   17.180  -3.426  1.00 36.69 ? 75  VAL X C   1 
ATOM   593  O O   . VAL A 1 75  ? 3.121   18.225  -3.566  1.00 41.45 ? 75  VAL X O   1 
ATOM   594  C CB  . VAL A 1 75  ? 5.783   17.166  -4.952  1.00 41.59 ? 75  VAL X CB  1 
ATOM   595  C CG1 . VAL A 1 75  ? 6.741   17.080  -3.779  1.00 36.72 ? 75  VAL X CG1 1 
ATOM   596  C CG2 . VAL A 1 75  ? 6.395   16.526  -6.189  1.00 38.42 ? 75  VAL X CG2 1 
ATOM   597  N N   . ILE A 1 76  ? 3.898   16.574  -2.255  1.00 39.70 ? 76  ILE X N   1 
ATOM   598  C CA  . ILE A 1 76  ? 3.535   17.211  -1.000  1.00 36.44 ? 76  ILE X CA  1 
ATOM   599  C C   . ILE A 1 76  ? 4.738   17.083  -0.078  1.00 36.52 ? 76  ILE X C   1 
ATOM   600  O O   . ILE A 1 76  ? 5.588   16.211  -0.259  1.00 37.14 ? 76  ILE X O   1 
ATOM   601  C CB  . ILE A 1 76  ? 2.267   16.594  -0.364  1.00 39.35 ? 76  ILE X CB  1 
ATOM   602  C CG1 . ILE A 1 76  ? 2.496   15.111  -0.027  1.00 38.73 ? 76  ILE X CG1 1 
ATOM   603  C CG2 . ILE A 1 76  ? 1.081   16.761  -1.307  1.00 34.24 ? 76  ILE X CG2 1 
ATOM   604  C CD1 . ILE A 1 76  ? 1.410   14.492  0.838   1.00 34.83 ? 76  ILE X CD1 1 
ATOM   605  N N   . HIS A 1 77  ? 4.821   17.993  0.901   1.00 41.17 ? 77  HIS X N   1 
ATOM   606  C CA  . HIS A 1 77  ? 5.946   18.040  1.826   1.00 39.24 ? 77  HIS X CA  1 
ATOM   607  C C   . HIS A 1 77  ? 5.547   17.834  3.273   1.00 39.25 ? 77  HIS X C   1 
ATOM   608  O O   . HIS A 1 77  ? 6.417   17.879  4.142   1.00 39.17 ? 77  HIS X O   1 
ATOM   609  C CB  . HIS A 1 77  ? 6.693   19.380  1.720   1.00 42.31 ? 77  HIS X CB  1 
ATOM   610  C CG  . HIS A 1 77  ? 7.149   19.698  0.342   1.00 35.56 ? 77  HIS X CG  1 
ATOM   611  N ND1 . HIS A 1 77  ? 8.143   18.981  -0.290  1.00 43.69 ? 77  HIS X ND1 1 
ATOM   612  C CD2 . HIS A 1 77  ? 6.727   20.625  -0.548  1.00 38.37 ? 77  HIS X CD2 1 
ATOM   613  C CE1 . HIS A 1 77  ? 8.322   19.461  -1.509  1.00 43.31 ? 77  HIS X CE1 1 
ATOM   614  N NE2 . HIS A 1 77  ? 7.474   20.459  -1.691  1.00 45.82 ? 77  HIS X NE2 1 
ATOM   615  N N   . SER A 1 78  ? 4.273   17.619  3.558   1.00 43.22 ? 78  SER X N   1 
ATOM   616  C CA  . SER A 1 78  ? 3.786   17.533  4.924   1.00 45.08 ? 78  SER X CA  1 
ATOM   617  C C   . SER A 1 78  ? 2.771   16.409  5.024   1.00 39.32 ? 78  SER X C   1 
ATOM   618  O O   . SER A 1 78  ? 1.993   16.190  4.094   1.00 42.36 ? 78  SER X O   1 
ATOM   619  C CB  . SER A 1 78  ? 3.142   18.864  5.358   1.00 51.23 ? 78  SER X CB  1 
ATOM   620  O OG  . SER A 1 78  ? 2.491   18.740  6.611   1.00 58.17 ? 78  SER X OG  1 
ATOM   621  N N   . ILE A 1 79  ? 2.783   15.707  6.160   1.00 42.84 ? 79  ILE X N   1 
ATOM   622  C CA  . ILE A 1 79  ? 1.725   14.740  6.463   1.00 42.93 ? 79  ILE X CA  1 
ATOM   623  C C   . ILE A 1 79  ? 0.359   15.401  6.369   1.00 41.83 ? 79  ILE X C   1 
ATOM   624  O O   . ILE A 1 79  ? -0.599  14.816  5.848   1.00 39.60 ? 79  ILE X O   1 
ATOM   625  C CB  . ILE A 1 79  ? 1.945   14.117  7.855   1.00 44.12 ? 79  ILE X CB  1 
ATOM   626  C CG1 . ILE A 1 79  ? 3.008   13.037  7.788   1.00 44.04 ? 79  ILE X CG1 1 
ATOM   627  C CG2 . ILE A 1 79  ? 0.662   13.499  8.382   1.00 46.31 ? 79  ILE X CG2 1 
ATOM   628  C CD1 . ILE A 1 79  ? 2.572   11.842  7.005   1.00 36.59 ? 79  ILE X CD1 1 
ATOM   629  N N   . GLU A 1 80  ? 0.250   16.641  6.856   1.00 43.53 ? 80  GLU X N   1 
ATOM   630  C CA  . GLU A 1 80  ? -1.050  17.300  6.934   1.00 45.48 ? 80  GLU X CA  1 
ATOM   631  C C   . GLU A 1 80  ? -1.627  17.617  5.566   1.00 42.10 ? 80  GLU X C   1 
ATOM   632  O O   . GLU A 1 80  ? -2.845  17.768  5.444   1.00 47.07 ? 80  GLU X O   1 
ATOM   633  C CB  . GLU A 1 80  ? -0.946  18.564  7.790   1.00 49.27 ? 80  GLU X CB  1 
ATOM   634  C CG  . GLU A 1 80  ? -1.244  18.280  9.267   1.00 57.11 ? 80  GLU X CG  1 
ATOM   635  C CD  . GLU A 1 80  ? -0.029  17.740  10.020  1.00 66.37 ? 80  GLU X CD  1 
ATOM   636  O OE1 . GLU A 1 80  ? -0.210  17.049  11.058  1.00 68.01 ? 80  GLU X OE1 1 
ATOM   637  O OE2 . GLU A 1 80  ? 1.112   18.021  9.574   1.00 67.02 ? 80  GLU X OE2 1 
ATOM   638  N N   . ASP A 1 81  ? -0.796  17.681  4.529   1.00 38.89 ? 81  ASP X N   1 
ATOM   639  C CA  . ASP A 1 81  ? -1.332  17.860  3.185   1.00 41.35 ? 81  ASP X CA  1 
ATOM   640  C C   . ASP A 1 81  ? -2.139  16.653  2.709   1.00 41.85 ? 81  ASP X C   1 
ATOM   641  O O   . ASP A 1 81  ? -3.013  16.815  1.848   1.00 41.33 ? 81  ASP X O   1 
ATOM   642  C CB  . ASP A 1 81  ? -0.194  18.161  2.211   1.00 44.90 ? 81  ASP X CB  1 
ATOM   643  C CG  . ASP A 1 81  ? 0.537   19.447  2.563   1.00 47.28 ? 81  ASP X CG  1 
ATOM   644  O OD1 . ASP A 1 81  ? -0.058  20.302  3.262   1.00 50.46 ? 81  ASP X OD1 1 
ATOM   645  O OD2 . ASP A 1 81  ? 1.700   19.602  2.144   1.00 52.36 ? 81  ASP X OD2 1 
ATOM   646  N N   . ILE A 1 82  ? -1.869  15.454  3.243   1.00 36.35 ? 82  ILE X N   1 
ATOM   647  C CA  . ILE A 1 82  ? -2.675  14.280  2.904   1.00 37.69 ? 82  ILE X CA  1 
ATOM   648  C C   . ILE A 1 82  ? -4.158  14.558  3.142   1.00 39.42 ? 82  ILE X C   1 
ATOM   649  O O   . ILE A 1 82  ? -5.012  14.214  2.314   1.00 43.44 ? 82  ILE X O   1 
ATOM   650  C CB  . ILE A 1 82  ? -2.183  13.053  3.701   1.00 37.04 ? 82  ILE X CB  1 
ATOM   651  C CG1 . ILE A 1 82  ? -0.747  12.711  3.303   1.00 35.60 ? 82  ILE X CG1 1 
ATOM   652  C CG2 . ILE A 1 82  ? -3.111  11.847  3.494   1.00 37.19 ? 82  ILE X CG2 1 
ATOM   653  C CD1 . ILE A 1 82  ? -0.156  11.569  4.056   1.00 32.30 ? 82  ILE X CD1 1 
ATOM   654  N N   . TYR A 1 83  ? -4.478  15.239  4.243   1.00 43.33 ? 83  TYR X N   1 
ATOM   655  C CA  . TYR A 1 83  ? -5.859  15.509  4.620   1.00 43.50 ? 83  TYR X CA  1 
ATOM   656  C C   . TYR A 1 83  ? -6.548  16.523  3.716   1.00 44.89 ? 83  TYR X C   1 
ATOM   657  O O   . TYR A 1 83  ? -7.778  16.612  3.752   1.00 47.48 ? 83  TYR X O   1 
ATOM   658  C CB  . TYR A 1 83  ? -5.904  15.977  6.069   1.00 40.77 ? 83  TYR X CB  1 
ATOM   659  C CG  . TYR A 1 83  ? -5.225  15.017  7.019   1.00 41.83 ? 83  TYR X CG  1 
ATOM   660  C CD1 . TYR A 1 83  ? -5.688  13.713  7.167   1.00 45.78 ? 83  TYR X CD1 1 
ATOM   661  C CD2 . TYR A 1 83  ? -4.123  15.409  7.770   1.00 45.06 ? 83  TYR X CD2 1 
ATOM   662  C CE1 . TYR A 1 83  ? -5.067  12.818  8.038   1.00 45.72 ? 83  TYR X CE1 1 
ATOM   663  C CE2 . TYR A 1 83  ? -3.496  14.525  8.651   1.00 48.42 ? 83  TYR X CE2 1 
ATOM   664  C CZ  . TYR A 1 83  ? -3.967  13.226  8.779   1.00 50.07 ? 83  TYR X CZ  1 
ATOM   665  O OH  . TYR A 1 83  ? -3.350  12.343  9.653   1.00 48.60 ? 83  TYR X OH  1 
ATOM   666  N N   . GLN A 1 84  ? -5.810  17.271  2.898   1.00 43.61 ? 84  GLN X N   1 
ATOM   667  C CA  . GLN A 1 84  ? -6.457  18.136  1.919   1.00 41.87 ? 84  GLN X CA  1 
ATOM   668  C C   . GLN A 1 84  ? -6.668  17.447  0.578   1.00 46.11 ? 84  GLN X C   1 
ATOM   669  O O   . GLN A 1 84  ? -7.286  18.040  -0.312  1.00 43.84 ? 84  GLN X O   1 
ATOM   670  C CB  . GLN A 1 84  ? -5.651  19.426  1.691   1.00 44.28 ? 84  GLN X CB  1 
ATOM   671  C CG  . GLN A 1 84  ? -4.974  20.013  2.931   1.00 52.08 ? 84  GLN X CG  1 
ATOM   672  C CD  . GLN A 1 84  ? -5.926  20.189  4.106   1.00 53.18 ? 84  GLN X CD  1 
ATOM   673  O OE1 . GLN A 1 84  ? -7.064  20.629  3.940   1.00 54.89 ? 84  GLN X OE1 1 
ATOM   674  N NE2 . GLN A 1 84  ? -5.458  19.836  5.306   1.00 56.43 ? 84  GLN X NE2 1 
ATOM   675  N N   . LEU A 1 85  ? -6.165  16.231  0.398   1.00 41.13 ? 85  LEU X N   1 
ATOM   676  C CA  . LEU A 1 85  ? -6.397  15.542  -0.862  1.00 40.42 ? 85  LEU X CA  1 
ATOM   677  C C   . LEU A 1 85  ? -7.872  15.170  -0.965  1.00 44.28 ? 85  LEU X C   1 
ATOM   678  O O   . LEU A 1 85  ? -8.429  14.583  -0.025  1.00 41.13 ? 85  LEU X O   1 
ATOM   679  C CB  . LEU A 1 85  ? -5.525  14.296  -0.982  1.00 36.02 ? 85  LEU X CB  1 
ATOM   680  C CG  . LEU A 1 85  ? -4.037  14.589  -1.036  1.00 38.97 ? 85  LEU X CG  1 
ATOM   681  C CD1 . LEU A 1 85  ? -3.263  13.299  -1.100  1.00 36.49 ? 85  LEU X CD1 1 
ATOM   682  C CD2 . LEU A 1 85  ? -3.704  15.470  -2.239  1.00 37.88 ? 85  LEU X CD2 1 
ATOM   683  N N   . PRO A 1 86  ? -8.543  15.529  -2.054  1.00 45.51 ? 86  PRO X N   1 
ATOM   684  C CA  . PRO A 1 86  ? -9.940  15.127  -2.233  1.00 41.77 ? 86  PRO X CA  1 
ATOM   685  C C   . PRO A 1 86  ? -10.085 13.679  -2.664  1.00 41.83 ? 86  PRO X C   1 
ATOM   686  O O   . PRO A 1 86  ? -9.196  13.089  -3.291  1.00 43.96 ? 86  PRO X O   1 
ATOM   687  C CB  . PRO A 1 86  ? -10.434 16.067  -3.342  1.00 42.53 ? 86  PRO X CB  1 
ATOM   688  C CG  . PRO A 1 86  ? -9.192  16.438  -4.098  1.00 40.34 ? 86  PRO X CG  1 
ATOM   689  C CD  . PRO A 1 86  ? -8.122  16.534  -3.047  1.00 41.43 ? 86  PRO X CD  1 
ATOM   690  N N   . GLY A 1 87  ? -11.250 13.122  -2.337  1.00 36.81 ? 87  GLY X N   1 
ATOM   691  C CA  . GLY A 1 87  ? -11.659 11.840  -2.873  1.00 34.76 ? 87  GLY X CA  1 
ATOM   692  C C   . GLY A 1 87  ? -11.218 10.686  -1.999  1.00 36.56 ? 87  GLY X C   1 
ATOM   693  O O   . GLY A 1 87  ? -10.942 10.836  -0.806  1.00 35.63 ? 87  GLY X O   1 
ATOM   694  N N   . HIS A 1 88  ? -11.157 9.507   -2.616  1.00 36.96 ? 88  HIS X N   1 
ATOM   695  C CA  . HIS A 1 88  ? -10.661 8.325   -1.924  1.00 35.01 ? 88  HIS X CA  1 
ATOM   696  C C   . HIS A 1 88  ? -9.139  8.286   -2.021  1.00 34.35 ? 88  HIS X C   1 
ATOM   697  O O   . HIS A 1 88  ? -8.580  8.232   -3.125  1.00 33.06 ? 88  HIS X O   1 
ATOM   698  C CB  . HIS A 1 88  ? -11.268 7.057   -2.515  1.00 36.49 ? 88  HIS X CB  1 
ATOM   699  C CG  . HIS A 1 88  ? -11.213 5.879   -1.594  1.00 35.87 ? 88  HIS X CG  1 
ATOM   700  N ND1 . HIS A 1 88  ? -11.874 4.699   -1.855  1.00 37.36 ? 88  HIS X ND1 1 
ATOM   701  C CD2 . HIS A 1 88  ? -10.588 5.706   -0.404  1.00 38.22 ? 88  HIS X CD2 1 
ATOM   702  C CE1 . HIS A 1 88  ? -11.660 3.848   -0.869  1.00 36.97 ? 88  HIS X CE1 1 
ATOM   703  N NE2 . HIS A 1 88  ? -10.882 4.432   0.027   1.00 36.79 ? 88  HIS X NE2 1 
ATOM   704  N N   . VAL A 1 89  ? -8.474  8.315   -0.867  1.00 34.06 ? 89  VAL X N   1 
ATOM   705  C CA  . VAL A 1 89  ? -7.017  8.384   -0.779  1.00 32.16 ? 89  VAL X CA  1 
ATOM   706  C C   . VAL A 1 89  ? -6.507  7.076   -0.193  1.00 32.48 ? 89  VAL X C   1 
ATOM   707  O O   . VAL A 1 89  ? -6.902  6.692   0.914   1.00 32.39 ? 89  VAL X O   1 
ATOM   708  C CB  . VAL A 1 89  ? -6.560  9.575   0.078   1.00 36.94 ? 89  VAL X CB  1 
ATOM   709  C CG1 . VAL A 1 89  ? -5.043  9.627   0.158   1.00 31.56 ? 89  VAL X CG1 1 
ATOM   710  C CG2 . VAL A 1 89  ? -7.130  10.875  -0.468  1.00 35.57 ? 89  VAL X CG2 1 
ATOM   711  N N   . PHE A 1 90  ? -5.612  6.407   -0.922  1.00 31.53 ? 90  PHE X N   1 
ATOM   712  C CA  . PHE A 1 90  ? -4.945  5.193   -0.466  1.00 30.55 ? 90  PHE X CA  1 
ATOM   713  C C   . PHE A 1 90  ? -3.496  5.500   -0.104  1.00 32.67 ? 90  PHE X C   1 
ATOM   714  O O   . PHE A 1 90  ? -2.714  5.906   -0.973  1.00 30.63 ? 90  PHE X O   1 
ATOM   715  C CB  . PHE A 1 90  ? -4.978  4.123   -1.550  1.00 28.23 ? 90  PHE X CB  1 
ATOM   716  C CG  . PHE A 1 90  ? -6.350  3.656   -1.902  1.00 33.39 ? 90  PHE X CG  1 
ATOM   717  C CD1 . PHE A 1 90  ? -7.094  4.308   -2.884  1.00 30.81 ? 90  PHE X CD1 1 
ATOM   718  C CD2 . PHE A 1 90  ? -6.903  2.558   -1.252  1.00 29.95 ? 90  PHE X CD2 1 
ATOM   719  C CE1 . PHE A 1 90  ? -8.365  3.864   -3.210  1.00 37.41 ? 90  PHE X CE1 1 
ATOM   720  C CE2 . PHE A 1 90  ? -8.172  2.113   -1.558  1.00 30.79 ? 90  PHE X CE2 1 
ATOM   721  C CZ  . PHE A 1 90  ? -8.907  2.757   -2.542  1.00 36.31 ? 90  PHE X CZ  1 
ATOM   722  N N   . ILE A 1 91  ? -3.133  5.265   1.162   1.00 35.46 ? 91  ILE X N   1 
ATOM   723  C CA  . ILE A 1 91  ? -1.727  5.226   1.562   1.00 28.40 ? 91  ILE X CA  1 
ATOM   724  C C   . ILE A 1 91  ? -1.103  3.929   1.057   1.00 28.88 ? 91  ILE X C   1 
ATOM   725  O O   . ILE A 1 91  ? -1.483  2.828   1.484   1.00 27.58 ? 91  ILE X O   1 
ATOM   726  C CB  . ILE A 1 91  ? -1.576  5.340   3.081   1.00 27.33 ? 91  ILE X CB  1 
ATOM   727  C CG1 . ILE A 1 91  ? -2.401  6.503   3.647   1.00 29.60 ? 91  ILE X CG1 1 
ATOM   728  C CG2 . ILE A 1 91  ? -0.102  5.443   3.441   1.00 29.32 ? 91  ILE X CG2 1 
ATOM   729  C CD1 . ILE A 1 91  ? -2.016  7.858   3.103   1.00 32.30 ? 91  ILE X CD1 1 
ATOM   730  N N   . PHE A 1 92  ? -0.093  4.058   0.200   1.00 25.40 ? 92  PHE X N   1 
ATOM   731  C CA  . PHE A 1 92  ? 0.436   2.968   -0.607  1.00 26.81 ? 92  PHE X CA  1 
ATOM   732  C C   . PHE A 1 92  ? 1.786   2.432   -0.138  1.00 28.40 ? 92  PHE X C   1 
ATOM   733  O O   . PHE A 1 92  ? 2.154   1.329   -0.545  1.00 26.42 ? 92  PHE X O   1 
ATOM   734  C CB  . PHE A 1 92  ? 0.556   3.454   -2.060  1.00 26.53 ? 92  PHE X CB  1 
ATOM   735  C CG  . PHE A 1 92  ? 0.607   2.365   -3.104  1.00 29.33 ? 92  PHE X CG  1 
ATOM   736  C CD1 . PHE A 1 92  ? -0.388  1.400   -3.189  1.00 25.77 ? 92  PHE X CD1 1 
ATOM   737  C CD2 . PHE A 1 92  ? 1.629   2.360   -4.062  1.00 27.98 ? 92  PHE X CD2 1 
ATOM   738  C CE1 . PHE A 1 92  ? -0.349  0.422   -4.177  1.00 26.59 ? 92  PHE X CE1 1 
ATOM   739  C CE2 . PHE A 1 92  ? 1.673   1.388   -5.066  1.00 30.81 ? 92  PHE X CE2 1 
ATOM   740  C CZ  . PHE A 1 92  ? 0.681   0.411   -5.124  1.00 27.99 ? 92  PHE X CZ  1 
ATOM   741  N N   . GLY A 1 93  ? 2.516   3.158   0.701   1.00 27.24 ? 93  GLY X N   1 
ATOM   742  C CA  . GLY A 1 93  ? 3.860   2.763   1.109   1.00 27.07 ? 93  GLY X CA  1 
ATOM   743  C C   . GLY A 1 93  ? 4.707   3.984   1.420   1.00 26.84 ? 93  GLY X C   1 
ATOM   744  O O   . GLY A 1 93  ? 4.355   5.101   1.081   1.00 28.04 ? 93  GLY X O   1 
ATOM   745  N N   . GLY A 1 94  ? 5.828   3.763   2.127   1.00 24.38 ? 94  GLY X N   1 
ATOM   746  C CA  . GLY A 1 94  ? 6.300   2.465   2.587   1.00 27.10 ? 94  GLY X CA  1 
ATOM   747  C C   . GLY A 1 94  ? 6.202   2.275   4.089   1.00 26.75 ? 94  GLY X C   1 
ATOM   748  O O   . GLY A 1 94  ? 5.209   2.670   4.694   1.00 28.23 ? 94  GLY X O   1 
ATOM   749  N N   . GLN A 1 95  ? 7.220   1.657   4.695   1.00 26.48 ? 95  GLN X N   1 
ATOM   750  C CA  . GLN A 1 95  ? 7.167   1.401   6.132   1.00 27.63 ? 95  GLN X CA  1 
ATOM   751  C C   . GLN A 1 95  ? 7.049   2.702   6.918   1.00 29.62 ? 95  GLN X C   1 
ATOM   752  O O   . GLN A 1 95  ? 6.226   2.813   7.834   1.00 29.69 ? 95  GLN X O   1 
ATOM   753  C CB  . GLN A 1 95  ? 8.398   0.618   6.584   1.00 26.96 ? 95  GLN X CB  1 
ATOM   754  C CG  . GLN A 1 95  ? 8.569   0.650   8.105   1.00 27.78 ? 95  GLN X CG  1 
ATOM   755  C CD  . GLN A 1 95  ? 9.698   -0.229  8.607   1.00 29.57 ? 95  GLN X CD  1 
ATOM   756  O OE1 . GLN A 1 95  ? 10.259  -1.039  7.868   1.00 27.80 ? 95  GLN X OE1 1 
ATOM   757  N NE2 . GLN A 1 95  ? 10.042  -0.065  9.875   1.00 34.78 ? 95  GLN X NE2 1 
ATOM   758  N N   . THR A 1 96  ? 7.838   3.716   6.546   1.00 33.49 ? 96  THR X N   1 
ATOM   759  C CA  . THR A 1 96  ? 7.841   4.962   7.302   1.00 28.58 ? 96  THR X CA  1 
ATOM   760  C C   . THR A 1 96  ? 6.469   5.619   7.277   1.00 30.71 ? 96  THR X C   1 
ATOM   761  O O   . THR A 1 96  ? 5.914   5.970   8.322   1.00 30.01 ? 96  THR X O   1 
ATOM   762  C CB  . THR A 1 96  ? 8.900   5.908   6.739   1.00 29.36 ? 96  THR X CB  1 
ATOM   763  O OG1 . THR A 1 96  ? 10.185  5.313   6.902   1.00 30.28 ? 96  THR X OG1 1 
ATOM   764  C CG2 . THR A 1 96  ? 8.871   7.266   7.471   1.00 27.88 ? 96  THR X CG2 1 
ATOM   765  N N   . LEU A 1 97  ? 5.900   5.790   6.083   1.00 29.97 ? 97  LEU X N   1 
ATOM   766  C CA  . LEU A 1 97  ? 4.604   6.447   5.998   1.00 29.40 ? 97  LEU X CA  1 
ATOM   767  C C   . LEU A 1 97  ? 3.482   5.583   6.595   1.00 28.77 ? 97  LEU X C   1 
ATOM   768  O O   . LEU A 1 97  ? 2.548   6.123   7.194   1.00 28.46 ? 97  LEU X O   1 
ATOM   769  C CB  . LEU A 1 97  ? 4.318   6.825   4.545   1.00 30.79 ? 97  LEU X CB  1 
ATOM   770  C CG  . LEU A 1 97  ? 2.998   7.548   4.323   1.00 31.36 ? 97  LEU X CG  1 
ATOM   771  C CD1 . LEU A 1 97  ? 3.054   8.896   4.982   1.00 27.33 ? 97  LEU X CD1 1 
ATOM   772  C CD2 . LEU A 1 97  ? 2.752   7.704   2.860   1.00 36.07 ? 97  LEU X CD2 1 
ATOM   773  N N   . PHE A 1 98  ? 3.550   4.251   6.460   1.00 27.00 ? 98  PHE X N   1 
ATOM   774  C CA  . PHE A 1 98  ? 2.571   3.407   7.153   1.00 29.47 ? 98  PHE X CA  1 
ATOM   775  C C   . PHE A 1 98  ? 2.635   3.648   8.666   1.00 29.36 ? 98  PHE X C   1 
ATOM   776  O O   . PHE A 1 98  ? 1.598   3.805   9.323   1.00 28.20 ? 98  PHE X O   1 
ATOM   777  C CB  . PHE A 1 98  ? 2.796   1.922   6.826   1.00 23.44 ? 98  PHE X CB  1 
ATOM   778  C CG  . PHE A 1 98  ? 2.300   1.492   5.445   1.00 27.04 ? 98  PHE X CG  1 
ATOM   779  C CD1 . PHE A 1 98  ? 1.145   2.018   4.902   1.00 25.76 ? 98  PHE X CD1 1 
ATOM   780  C CD2 . PHE A 1 98  ? 2.993   0.541   4.712   1.00 21.71 ? 98  PHE X CD2 1 
ATOM   781  C CE1 . PHE A 1 98  ? 0.697   1.628   3.634   1.00 24.23 ? 98  PHE X CE1 1 
ATOM   782  C CE2 . PHE A 1 98  ? 2.555   0.149   3.447   1.00 28.33 ? 98  PHE X CE2 1 
ATOM   783  C CZ  . PHE A 1 98  ? 1.401   0.693   2.905   1.00 24.65 ? 98  PHE X CZ  1 
ATOM   784  N N   . GLU A 1 99  ? 3.856   3.698   9.232   1.00 26.10 ? 99  GLU X N   1 
ATOM   785  C CA  . GLU A 1 99  ? 4.014   3.998   10.659  1.00 28.79 ? 99  GLU X CA  1 
ATOM   786  C C   . GLU A 1 99  ? 3.376   5.332   11.021  1.00 28.42 ? 99  GLU X C   1 
ATOM   787  O O   . GLU A 1 99  ? 2.747   5.464   12.075  1.00 32.31 ? 99  GLU X O   1 
ATOM   788  C CB  . GLU A 1 99  ? 5.493   3.997   11.050  1.00 24.28 ? 99  GLU X CB  1 
ATOM   789  C CG  . GLU A 1 99  ? 6.073   2.591   11.299  1.00 27.55 ? 99  GLU X CG  1 
ATOM   790  C CD  . GLU A 1 99  ? 7.601   2.547   11.304  1.00 31.78 ? 99  GLU X CD  1 
ATOM   791  O OE1 . GLU A 1 99  ? 8.182   1.433   11.341  1.00 28.48 ? 99  GLU X OE1 1 
ATOM   792  O OE2 . GLU A 1 99  ? 8.233   3.627   11.260  1.00 36.03 ? 99  GLU X OE2 1 
ATOM   793  N N   . GLU A 1 100 ? 3.507   6.321   10.146  1.00 28.54 ? 100 GLU X N   1 
ATOM   794  C CA  . GLU A 1 100 ? 2.927   7.635   10.375  1.00 28.48 ? 100 GLU X CA  1 
ATOM   795  C C   . GLU A 1 100 ? 1.422   7.649   10.203  1.00 31.67 ? 100 GLU X C   1 
ATOM   796  O O   . GLU A 1 100 ? 0.756   8.507   10.782  1.00 29.56 ? 100 GLU X O   1 
ATOM   797  C CB  . GLU A 1 100 ? 3.546   8.648   9.413   1.00 28.19 ? 100 GLU X CB  1 
ATOM   798  C CG  . GLU A 1 100 ? 5.021   8.939   9.696   1.00 29.86 ? 100 GLU X CG  1 
ATOM   799  C CD  . GLU A 1 100 ? 5.613   9.949   8.716   1.00 33.28 ? 100 GLU X CD  1 
ATOM   800  O OE1 . GLU A 1 100 ? 5.941   9.557   7.581   1.00 29.96 ? 100 GLU X OE1 1 
ATOM   801  O OE2 . GLU A 1 100 ? 5.732   11.141  9.078   1.00 38.60 ? 100 GLU X OE2 1 
ATOM   802  N N   . MET A 1 101 ? 0.859   6.736   9.403   1.00 32.21 ? 101 MET X N   1 
ATOM   803  C CA  . MET A 1 101 ? -0.550  6.822   9.049   1.00 31.92 ? 101 MET X CA  1 
ATOM   804  C C   . MET A 1 101 ? -1.434  5.713   9.617   1.00 29.84 ? 101 MET X C   1 
ATOM   805  O O   . MET A 1 101 ? -2.659  5.836   9.533   1.00 34.25 ? 101 MET X O   1 
ATOM   806  C CB  . MET A 1 101 ? -0.705  6.839   7.521   1.00 31.17 ? 101 MET X CB  1 
ATOM   807  C CG  . MET A 1 101 ? -0.082  8.053   6.838   1.00 34.02 ? 101 MET X CG  1 
ATOM   808  S SD  . MET A 1 101 ? -0.666  9.638   7.480   1.00 40.25 ? 101 MET X SD  1 
ATOM   809  C CE  . MET A 1 101 ? -2.379  9.613   6.947   1.00 31.77 ? 101 MET X CE  1 
ATOM   810  N N   . ILE A 1 102 ? -0.875  4.628   10.162  1.00 33.27 ? 102 ILE X N   1 
ATOM   811  C CA  . ILE A 1 102 ? -1.742  3.504   10.532  1.00 28.49 ? 102 ILE X CA  1 
ATOM   812  C C   . ILE A 1 102 ? -2.753  3.917   11.593  1.00 32.27 ? 102 ILE X C   1 
ATOM   813  O O   . ILE A 1 102 ? -3.882  3.422   11.598  1.00 36.43 ? 102 ILE X O   1 
ATOM   814  C CB  . ILE A 1 102 ? -0.929  2.271   10.981  1.00 33.30 ? 102 ILE X CB  1 
ATOM   815  C CG1 . ILE A 1 102 ? -1.879  1.057   11.150  1.00 37.24 ? 102 ILE X CG1 1 
ATOM   816  C CG2 . ILE A 1 102 ? -0.135  2.557   12.264  1.00 32.87 ? 102 ILE X CG2 1 
ATOM   817  C CD1 . ILE A 1 102 ? -1.210  -0.307  11.068  1.00 31.75 ? 102 ILE X CD1 1 
ATOM   818  N N   . ASP A 1 103 ? -2.397  4.848   12.479  1.00 34.50 ? 103 ASP X N   1 
ATOM   819  C CA  . ASP A 1 103 ? -3.340  5.321   13.491  1.00 37.80 ? 103 ASP X CA  1 
ATOM   820  C C   . ASP A 1 103 ? -4.307  6.385   12.986  1.00 38.71 ? 103 ASP X C   1 
ATOM   821  O O   . ASP A 1 103 ? -5.153  6.828   13.752  1.00 41.97 ? 103 ASP X O   1 
ATOM   822  C CB  . ASP A 1 103 ? -2.603  5.877   14.717  1.00 39.46 ? 103 ASP X CB  1 
ATOM   823  C CG  . ASP A 1 103 ? -1.950  4.782   15.560  1.00 47.91 ? 103 ASP X CG  1 
ATOM   824  O OD1 . ASP A 1 103 ? -2.441  3.632   15.540  1.00 47.05 ? 103 ASP X OD1 1 
ATOM   825  O OD2 . ASP A 1 103 ? -0.937  5.069   16.239  1.00 51.73 ? 103 ASP X OD2 1 
ATOM   826  N N   . LYS A 1 104 ? -4.223  6.798   11.728  1.00 39.73 ? 104 LYS X N   1 
ATOM   827  C CA  . LYS A 1 104 ? -5.101  7.836   11.221  1.00 36.57 ? 104 LYS X CA  1 
ATOM   828  C C   . LYS A 1 104 ? -6.083  7.363   10.161  1.00 38.17 ? 104 LYS X C   1 
ATOM   829  O O   . LYS A 1 104 ? -7.082  8.045   9.927   1.00 39.35 ? 104 LYS X O   1 
ATOM   830  C CB  . LYS A 1 104 ? -4.273  8.994   10.640  1.00 38.99 ? 104 LYS X CB  1 
ATOM   831  C CG  . LYS A 1 104 ? -3.048  9.319   11.451  1.00 39.72 ? 104 LYS X CG  1 
ATOM   832  C CD  . LYS A 1 104 ? -3.409  10.131  12.697  1.00 44.49 ? 104 LYS X CD  1 
ATOM   833  C CE  . LYS A 1 104 ? -2.153  10.676  13.383  1.00 52.58 ? 104 LYS X CE  1 
ATOM   834  N NZ  . LYS A 1 104 ? -0.989  10.809  12.434  1.00 58.40 ? 104 LYS X NZ  1 
ATOM   835  N N   . VAL A 1 105 ? -5.842  6.231   9.516   1.00 37.14 ? 105 VAL X N   1 
ATOM   836  C CA  . VAL A 1 105 ? -6.692  5.862   8.394   1.00 39.67 ? 105 VAL X CA  1 
ATOM   837  C C   . VAL A 1 105 ? -8.014  5.285   8.897   1.00 41.31 ? 105 VAL X C   1 
ATOM   838  O O   . VAL A 1 105 ? -8.122  4.786   10.021  1.00 37.96 ? 105 VAL X O   1 
ATOM   839  C CB  . VAL A 1 105 ? -5.971  4.886   7.447   1.00 35.89 ? 105 VAL X CB  1 
ATOM   840  C CG1 . VAL A 1 105 ? -4.745  5.548   6.870   1.00 34.30 ? 105 VAL X CG1 1 
ATOM   841  C CG2 . VAL A 1 105 ? -5.624  3.582   8.168   1.00 32.95 ? 105 VAL X CG2 1 
ATOM   842  N N   . ASP A 1 106 ? -9.038  5.368   8.037   1.00 36.21 ? 106 ASP X N   1 
ATOM   843  C CA  . ASP A 1 106 ? -10.350 4.810   8.352   1.00 41.54 ? 106 ASP X CA  1 
ATOM   844  C C   . ASP A 1 106 ? -10.383 3.295   8.193   1.00 39.96 ? 106 ASP X C   1 
ATOM   845  O O   . ASP A 1 106 ? -11.060 2.602   8.965   1.00 38.35 ? 106 ASP X O   1 
ATOM   846  C CB  . ASP A 1 106 ? -11.419 5.441   7.456   1.00 39.39 ? 106 ASP X CB  1 
ATOM   847  C CG  . ASP A 1 106 ? -11.418 6.954   7.521   1.00 39.65 ? 106 ASP X CG  1 
ATOM   848  O OD1 . ASP A 1 106 ? -11.611 7.481   8.630   1.00 42.72 ? 106 ASP X OD1 1 
ATOM   849  O OD2 . ASP A 1 106 ? -11.237 7.609   6.466   1.00 38.77 ? 106 ASP X OD2 1 
ATOM   850  N N   . ASP A 1 107 ? -9.674  2.765   7.198   1.00 33.79 ? 107 ASP X N   1 
ATOM   851  C CA  . ASP A 1 107 ? -9.733  1.340   6.906   1.00 33.47 ? 107 ASP X CA  1 
ATOM   852  C C   . ASP A 1 107 ? -8.459  0.947   6.169   1.00 33.62 ? 107 ASP X C   1 
ATOM   853  O O   . ASP A 1 107 ? -7.696  1.801   5.708   1.00 32.22 ? 107 ASP X O   1 
ATOM   854  C CB  . ASP A 1 107 ? -11.003 0.993   6.105   1.00 30.61 ? 107 ASP X CB  1 
ATOM   855  C CG  . ASP A 1 107 ? -11.073 1.715   4.777   1.00 31.60 ? 107 ASP X CG  1 
ATOM   856  O OD1 . ASP A 1 107 ? -10.260 2.631   4.530   1.00 32.99 ? 107 ASP X OD1 1 
ATOM   857  O OD2 . ASP A 1 107 ? -11.951 1.369   3.973   1.00 35.39 ? 107 ASP X OD2 1 
ATOM   858  N N   . MET A 1 108 ? -8.237  -0.366  6.067   1.00 32.72 ? 108 MET X N   1 
ATOM   859  C CA  . MET A 1 108 ? -7.044  -0.926  5.438   1.00 25.26 ? 108 MET X CA  1 
ATOM   860  C C   . MET A 1 108 ? -7.452  -2.062  4.519   1.00 30.96 ? 108 MET X C   1 
ATOM   861  O O   . MET A 1 108 ? -8.232  -2.937  4.914   1.00 29.93 ? 108 MET X O   1 
ATOM   862  C CB  . MET A 1 108 ? -6.052  -1.434  6.488   1.00 24.72 ? 108 MET X CB  1 
ATOM   863  C CG  . MET A 1 108 ? -5.741  -0.414  7.580   1.00 29.28 ? 108 MET X CG  1 
ATOM   864  S SD  . MET A 1 108 ? -4.365  -0.955  8.606   1.00 31.42 ? 108 MET X SD  1 
ATOM   865  C CE  . MET A 1 108 ? -5.066  -2.384  9.417   1.00 30.80 ? 108 MET X CE  1 
ATOM   866  N N   . TYR A 1 109 ? -6.937  -2.031  3.294   1.00 25.12 ? 109 TYR X N   1 
ATOM   867  C CA  . TYR A 1 109 ? -7.056  -3.120  2.335   1.00 25.37 ? 109 TYR X CA  1 
ATOM   868  C C   . TYR A 1 109 ? -5.729  -3.866  2.347   1.00 29.83 ? 109 TYR X C   1 
ATOM   869  O O   . TYR A 1 109 ? -4.750  -3.429  1.724   1.00 30.23 ? 109 TYR X O   1 
ATOM   870  C CB  . TYR A 1 109 ? -7.380  -2.595  0.939   1.00 26.57 ? 109 TYR X CB  1 
ATOM   871  C CG  . TYR A 1 109 ? -8.721  -1.918  0.822   1.00 30.49 ? 109 TYR X CG  1 
ATOM   872  C CD1 . TYR A 1 109 ? -8.889  -0.577  1.184   1.00 28.82 ? 109 TYR X CD1 1 
ATOM   873  C CD2 . TYR A 1 109 ? -9.831  -2.624  0.366   1.00 30.88 ? 109 TYR X CD2 1 
ATOM   874  C CE1 . TYR A 1 109 ? -10.131 0.032   1.079   1.00 31.25 ? 109 TYR X CE1 1 
ATOM   875  C CE2 . TYR A 1 109 ? -11.062 -2.023  0.249   1.00 34.00 ? 109 TYR X CE2 1 
ATOM   876  C CZ  . TYR A 1 109 ? -11.212 -0.704  0.598   1.00 32.16 ? 109 TYR X CZ  1 
ATOM   877  O OH  . TYR A 1 109 ? -12.446 -0.141  0.467   1.00 32.79 ? 109 TYR X OH  1 
ATOM   878  N N   . ILE A 1 110 ? -5.687  -4.987  3.058   1.00 28.66 ? 110 ILE X N   1 
ATOM   879  C CA  . ILE A 1 110 ? -4.461  -5.759  3.239   1.00 31.38 ? 110 ILE X CA  1 
ATOM   880  C C   . ILE A 1 110 ? -4.553  -7.032  2.406   1.00 27.80 ? 110 ILE X C   1 
ATOM   881  O O   . ILE A 1 110 ? -5.570  -7.729  2.441   1.00 29.16 ? 110 ILE X O   1 
ATOM   882  C CB  . ILE A 1 110 ? -4.218  -6.085  4.723   1.00 25.07 ? 110 ILE X CB  1 
ATOM   883  C CG1 . ILE A 1 110 ? -4.078  -4.794  5.524   1.00 27.59 ? 110 ILE X CG1 1 
ATOM   884  C CG2 . ILE A 1 110 ? -2.978  -6.973  4.892   1.00 20.24 ? 110 ILE X CG2 1 
ATOM   885  C CD1 . ILE A 1 110 ? -3.862  -5.037  7.027   1.00 33.93 ? 110 ILE X CD1 1 
ATOM   886  N N   . THR A 1 111 ? -3.502  -7.324  1.657   1.00 25.77 ? 111 THR X N   1 
ATOM   887  C CA  . THR A 1 111 ? -3.283  -8.641  1.071   1.00 26.29 ? 111 THR X CA  1 
ATOM   888  C C   . THR A 1 111 ? -2.267  -9.365  1.950   1.00 30.27 ? 111 THR X C   1 
ATOM   889  O O   . THR A 1 111 ? -1.105  -8.954  2.023   1.00 28.03 ? 111 THR X O   1 
ATOM   890  C CB  . THR A 1 111 ? -2.766  -8.527  -0.357  1.00 27.43 ? 111 THR X CB  1 
ATOM   891  O OG1 . THR A 1 111 ? -3.628  -7.684  -1.126  1.00 29.95 ? 111 THR X OG1 1 
ATOM   892  C CG2 . THR A 1 111 ? -2.657  -9.917  -1.003  1.00 26.87 ? 111 THR X CG2 1 
ATOM   893  N N   . VAL A 1 112 ? -2.696  -10.430 2.622   1.00 29.57 ? 112 VAL X N   1 
ATOM   894  C CA  . VAL A 1 112 ? -1.803  -11.238 3.453   1.00 24.73 ? 112 VAL X CA  1 
ATOM   895  C C   . VAL A 1 112 ? -1.190  -12.318 2.570   1.00 33.57 ? 112 VAL X C   1 
ATOM   896  O O   . VAL A 1 112 ? -1.891  -13.226 2.098   1.00 31.51 ? 112 VAL X O   1 
ATOM   897  C CB  . VAL A 1 112 ? -2.540  -11.873 4.635   1.00 30.81 ? 112 VAL X CB  1 
ATOM   898  C CG1 . VAL A 1 112 ? -1.583  -12.750 5.431   1.00 27.88 ? 112 VAL X CG1 1 
ATOM   899  C CG2 . VAL A 1 112 ? -3.189  -10.821 5.524   1.00 26.85 ? 112 VAL X CG2 1 
ATOM   900  N N   . ILE A 1 113 ? 0.119   -12.232 2.354   1.00 30.03 ? 113 ILE X N   1 
ATOM   901  C CA  . ILE A 1 113 ? 0.831   -13.284 1.631   1.00 33.06 ? 113 ILE X CA  1 
ATOM   902  C C   . ILE A 1 113 ? 1.183   -14.368 2.641   1.00 34.44 ? 113 ILE X C   1 
ATOM   903  O O   . ILE A 1 113 ? 1.894   -14.099 3.615   1.00 33.74 ? 113 ILE X O   1 
ATOM   904  C CB  . ILE A 1 113 ? 2.100   -12.741 0.946   1.00 33.09 ? 113 ILE X CB  1 
ATOM   905  C CG1 . ILE A 1 113 ? 1.862   -11.379 0.261   1.00 33.22 ? 113 ILE X CG1 1 
ATOM   906  C CG2 . ILE A 1 113 ? 2.683   -13.767 -0.003  1.00 29.54 ? 113 ILE X CG2 1 
ATOM   907  C CD1 . ILE A 1 113 ? 0.975   -11.421 -0.941  1.00 31.70 ? 113 ILE X CD1 1 
ATOM   908  N N   . GLU A 1 114 ? 0.701   -15.595 2.408   1.00 28.68 ? 114 GLU X N   1 
ATOM   909  C CA  . GLU A 1 114 ? 0.851   -16.689 3.369   1.00 34.13 ? 114 GLU X CA  1 
ATOM   910  C C   . GLU A 1 114 ? 2.209   -17.380 3.210   1.00 34.73 ? 114 GLU X C   1 
ATOM   911  O O   . GLU A 1 114 ? 2.307   -18.593 3.006   1.00 31.92 ? 114 GLU X O   1 
ATOM   912  C CB  . GLU A 1 114 ? -0.290  -17.693 3.218   1.00 32.97 ? 114 GLU X CB  1 
ATOM   913  C CG  . GLU A 1 114 ? -1.665  -17.107 2.950   1.00 34.27 ? 114 GLU X CG  1 
ATOM   914  C CD  . GLU A 1 114 ? -2.384  -16.654 4.212   1.00 44.88 ? 114 GLU X CD  1 
ATOM   915  O OE1 . GLU A 1 114 ? -1.861  -16.897 5.331   1.00 50.62 ? 114 GLU X OE1 1 
ATOM   916  O OE2 . GLU A 1 114 ? -3.483  -16.053 4.078   1.00 41.47 ? 114 GLU X OE2 1 
ATOM   917  N N   . GLY A 1 115 ? 3.265   -16.568 3.302   1.00 32.00 ? 115 GLY X N   1 
ATOM   918  C CA  . GLY A 1 115 ? 4.637   -17.026 3.202   1.00 30.75 ? 115 GLY X CA  1 
ATOM   919  C C   . GLY A 1 115 ? 5.525   -16.249 4.154   1.00 29.18 ? 115 GLY X C   1 
ATOM   920  O O   . GLY A 1 115 ? 5.103   -15.268 4.769   1.00 29.09 ? 115 GLY X O   1 
ATOM   921  N N   . LYS A 1 116 ? 6.760   -16.723 4.292   1.00 29.08 ? 116 LYS X N   1 
ATOM   922  C CA  . LYS A 1 116 ? 7.792   -16.073 5.109   1.00 33.26 ? 116 LYS X CA  1 
ATOM   923  C C   . LYS A 1 116 ? 8.949   -15.695 4.184   1.00 30.11 ? 116 LYS X C   1 
ATOM   924  O O   . LYS A 1 116 ? 9.749   -16.553 3.796   1.00 32.35 ? 116 LYS X O   1 
ATOM   925  C CB  . LYS A 1 116 ? 8.276   -16.980 6.237   1.00 27.78 ? 116 LYS X CB  1 
ATOM   926  C CG  . LYS A 1 116 ? 7.252   -17.146 7.369   1.00 36.37 ? 116 LYS X CG  1 
ATOM   927  C CD  . LYS A 1 116 ? 7.727   -18.099 8.455   1.00 32.50 ? 116 LYS X CD  1 
ATOM   928  C CE  . LYS A 1 116 ? 6.807   -18.031 9.684   1.00 43.71 ? 116 LYS X CE  1 
ATOM   929  N NZ  . LYS A 1 116 ? 7.181   -19.040 10.728  1.00 43.46 ? 116 LYS X NZ  1 
ATOM   930  N N   . PHE A 1 117 ? 9.046   -14.425 3.836   1.00 28.10 ? 117 PHE X N   1 
ATOM   931  C CA  . PHE A 1 117 ? 10.103  -13.962 2.943   1.00 33.44 ? 117 PHE X CA  1 
ATOM   932  C C   . PHE A 1 117 ? 11.175  -13.229 3.730   1.00 31.42 ? 117 PHE X C   1 
ATOM   933  O O   . PHE A 1 117 ? 10.923  -12.700 4.816   1.00 27.72 ? 117 PHE X O   1 
ATOM   934  C CB  . PHE A 1 117 ? 9.540   -13.037 1.867   1.00 30.66 ? 117 PHE X CB  1 
ATOM   935  C CG  . PHE A 1 117 ? 8.621   -13.724 0.908   1.00 29.74 ? 117 PHE X CG  1 
ATOM   936  C CD1 . PHE A 1 117 ? 7.318   -14.042 1.283   1.00 28.16 ? 117 PHE X CD1 1 
ATOM   937  C CD2 . PHE A 1 117 ? 9.058   -14.057 -0.374  1.00 29.95 ? 117 PHE X CD2 1 
ATOM   938  C CE1 . PHE A 1 117 ? 6.458   -14.677 0.403   1.00 29.58 ? 117 PHE X CE1 1 
ATOM   939  C CE2 . PHE A 1 117 ? 8.199   -14.703 -1.269  1.00 32.31 ? 117 PHE X CE2 1 
ATOM   940  C CZ  . PHE A 1 117 ? 6.909   -15.011 -0.885  1.00 27.90 ? 117 PHE X CZ  1 
ATOM   941  N N   . ARG A 1 118 ? 12.377  -13.179 3.166   1.00 31.11 ? 118 ARG X N   1 
ATOM   942  C CA  . ARG A 1 118 ? 13.369  -12.262 3.704   1.00 35.87 ? 118 ARG X CA  1 
ATOM   943  C C   . ARG A 1 118 ? 12.972  -10.839 3.334   1.00 33.80 ? 118 ARG X C   1 
ATOM   944  O O   . ARG A 1 118 ? 12.634  -10.557 2.178   1.00 34.37 ? 118 ARG X O   1 
ATOM   945  C CB  . ARG A 1 118 ? 14.764  -12.557 3.174   1.00 38.17 ? 118 ARG X CB  1 
ATOM   946  C CG  . ARG A 1 118 ? 15.766  -11.479 3.625   1.00 48.04 ? 118 ARG X CG  1 
ATOM   947  C CD  . ARG A 1 118 ? 17.182  -11.772 3.196   1.00 49.77 ? 118 ARG X CD  1 
ATOM   948  N NE  . ARG A 1 118 ? 17.545  -13.040 3.783   1.00 61.18 ? 118 ARG X NE  1 
ATOM   949  C CZ  . ARG A 1 118 ? 17.764  -14.127 3.064   1.00 59.91 ? 118 ARG X CZ  1 
ATOM   950  N NH1 . ARG A 1 118 ? 17.706  -14.047 1.744   1.00 60.04 ? 118 ARG X NH1 1 
ATOM   951  N NH2 . ARG A 1 118 ? 18.025  -15.279 3.646   1.00 59.38 ? 118 ARG X NH2 1 
ATOM   952  N N   . GLY A 1 119 ? 13.005  -9.937  4.310   1.00 30.30 ? 119 GLY X N   1 
ATOM   953  C CA  . GLY A 1 119 ? 12.617  -8.567  4.057   1.00 29.27 ? 119 GLY X CA  1 
ATOM   954  C C   . GLY A 1 119 ? 13.486  -7.591  4.821   1.00 29.04 ? 119 GLY X C   1 
ATOM   955  O O   . GLY A 1 119 ? 14.225  -7.963  5.727   1.00 27.14 ? 119 GLY X O   1 
ATOM   956  N N   . ASP A 1 120 ? 13.395  -6.328  4.418   1.00 25.36 ? 120 ASP X N   1 
ATOM   957  C CA  . ASP A 1 120 ? 14.056  -5.254  5.139   1.00 26.80 ? 120 ASP X CA  1 
ATOM   958  C C   . ASP A 1 120 ? 13.106  -4.096  5.358   1.00 25.86 ? 120 ASP X C   1 
ATOM   959  O O   . ASP A 1 120 ? 13.517  -3.070  5.882   1.00 28.85 ? 120 ASP X O   1 
ATOM   960  C CB  . ASP A 1 120 ? 15.326  -4.769  4.415   1.00 30.11 ? 120 ASP X CB  1 
ATOM   961  C CG  . ASP A 1 120 ? 15.088  -4.426  2.950   1.00 30.91 ? 120 ASP X CG  1 
ATOM   962  O OD1 . ASP A 1 120 ? 13.965  -4.017  2.591   1.00 32.34 ? 120 ASP X OD1 1 
ATOM   963  O OD2 . ASP A 1 120 ? 16.020  -4.605  2.147   1.00 34.00 ? 120 ASP X OD2 1 
ATOM   964  N N   . THR A 1 121 ? 11.843  -4.256  4.997   1.00 26.29 ? 121 THR X N   1 
ATOM   965  C CA  . THR A 1 121 ? 10.828  -3.221  5.102   1.00 28.21 ? 121 THR X CA  1 
ATOM   966  C C   . THR A 1 121 ? 9.558   -3.885  5.606   1.00 26.25 ? 121 THR X C   1 
ATOM   967  O O   . THR A 1 121 ? 9.176   -4.931  5.081   1.00 25.82 ? 121 THR X O   1 
ATOM   968  C CB  . THR A 1 121 ? 10.574  -2.578  3.741   1.00 26.46 ? 121 THR X CB  1 
ATOM   969  O OG1 . THR A 1 121 ? 11.827  -2.286  3.121   1.00 33.13 ? 121 THR X OG1 1 
ATOM   970  C CG2 . THR A 1 121 ? 9.769   -1.315  3.903   1.00 29.23 ? 121 THR X CG2 1 
ATOM   971  N N   . PHE A 1 122 ? 8.919   -3.301  6.620   1.00 24.06 ? 122 PHE X N   1 
ATOM   972  C CA  . PHE A 1 122 ? 7.868   -3.985  7.368   1.00 28.72 ? 122 PHE X CA  1 
ATOM   973  C C   . PHE A 1 122 ? 6.644   -3.104  7.563   1.00 31.91 ? 122 PHE X C   1 
ATOM   974  O O   . PHE A 1 122 ? 6.753   -1.897  7.809   1.00 27.76 ? 122 PHE X O   1 
ATOM   975  C CB  . PHE A 1 122 ? 8.347   -4.423  8.756   1.00 25.61 ? 122 PHE X CB  1 
ATOM   976  C CG  . PHE A 1 122 ? 9.234   -5.620  8.742   1.00 27.22 ? 122 PHE X CG  1 
ATOM   977  C CD1 . PHE A 1 122 ? 10.582  -5.497  8.434   1.00 25.58 ? 122 PHE X CD1 1 
ATOM   978  C CD2 . PHE A 1 122 ? 8.721   -6.882  9.050   1.00 30.06 ? 122 PHE X CD2 1 
ATOM   979  C CE1 . PHE A 1 122 ? 11.409  -6.615  8.426   1.00 24.51 ? 122 PHE X CE1 1 
ATOM   980  C CE2 . PHE A 1 122 ? 9.539   -8.011  9.035   1.00 26.95 ? 122 PHE X CE2 1 
ATOM   981  C CZ  . PHE A 1 122 ? 10.886  -7.878  8.723   1.00 27.25 ? 122 PHE X CZ  1 
ATOM   982  N N   . PHE A 1 123 ? 5.498   -3.724  7.514   1.00 27.44 ? 123 PHE X N   1 
ATOM   983  C CA  . PHE A 1 123 ? 4.273   -3.055  7.905   1.00 25.54 ? 123 PHE X CA  1 
ATOM   984  C C   . PHE A 1 123 ? 4.168   -3.048  9.432   1.00 31.03 ? 123 PHE X C   1 
ATOM   985  O O   . PHE A 1 123 ? 4.596   -4.000  10.083  1.00 33.82 ? 123 PHE X O   1 
ATOM   986  C CB  . PHE A 1 123 ? 3.073   -3.769  7.268   1.00 27.99 ? 123 PHE X CB  1 
ATOM   987  C CG  . PHE A 1 123 ? 1.785   -3.015  7.369   1.00 29.54 ? 123 PHE X CG  1 
ATOM   988  C CD1 . PHE A 1 123 ? 1.525   -1.933  6.529   1.00 27.56 ? 123 PHE X CD1 1 
ATOM   989  C CD2 . PHE A 1 123 ? 0.826   -3.389  8.293   1.00 24.98 ? 123 PHE X CD2 1 
ATOM   990  C CE1 . PHE A 1 123 ? 0.331   -1.223  6.614   1.00 26.25 ? 123 PHE X CE1 1 
ATOM   991  C CE2 . PHE A 1 123 ? -0.375  -2.691  8.391   1.00 26.96 ? 123 PHE X CE2 1 
ATOM   992  C CZ  . PHE A 1 123 ? -0.626  -1.605  7.553   1.00 28.18 ? 123 PHE X CZ  1 
ATOM   993  N N   . PRO A 1 124 ? 3.632   -1.985  10.034  1.00 30.09 ? 124 PRO X N   1 
ATOM   994  C CA  . PRO A 1 124 ? 3.601   -1.917  11.496  1.00 26.21 ? 124 PRO X CA  1 
ATOM   995  C C   . PRO A 1 124 ? 2.749   -3.031  12.079  1.00 34.50 ? 124 PRO X C   1 
ATOM   996  O O   . PRO A 1 124 ? 1.801   -3.513  11.431  1.00 32.51 ? 124 PRO X O   1 
ATOM   997  C CB  . PRO A 1 124 ? 2.985   -0.540  11.781  1.00 28.57 ? 124 PRO X CB  1 
ATOM   998  C CG  . PRO A 1 124 ? 2.460   -0.037  10.472  1.00 33.02 ? 124 PRO X CG  1 
ATOM   999  C CD  . PRO A 1 124 ? 3.265   -0.703  9.407   1.00 29.25 ? 124 PRO X CD  1 
ATOM   1000 N N   . PRO A 1 125 ? 3.048   -3.456  13.309  1.00 30.20 ? 125 PRO X N   1 
ATOM   1001 C CA  . PRO A 1 125 ? 2.154   -4.387  14.009  1.00 33.60 ? 125 PRO X CA  1 
ATOM   1002 C C   . PRO A 1 125 ? 0.785   -3.764  14.197  1.00 32.48 ? 125 PRO X C   1 
ATOM   1003 O O   . PRO A 1 125 ? 0.652   -2.549  14.332  1.00 32.25 ? 125 PRO X O   1 
ATOM   1004 C CB  . PRO A 1 125 ? 2.847   -4.610  15.365  1.00 34.70 ? 125 PRO X CB  1 
ATOM   1005 C CG  . PRO A 1 125 ? 4.220   -3.999  15.237  1.00 34.19 ? 125 PRO X CG  1 
ATOM   1006 C CD  . PRO A 1 125 ? 4.116   -2.943  14.183  1.00 32.15 ? 125 PRO X CD  1 
ATOM   1007 N N   . TYR A 1 126 ? -0.240  -4.612  14.201  1.00 34.40 ? 126 TYR X N   1 
ATOM   1008 C CA  . TYR A 1 126 ? -1.608  -4.176  14.436  1.00 33.57 ? 126 TYR X CA  1 
ATOM   1009 C C   . TYR A 1 126 ? -2.385  -5.353  15.007  1.00 32.76 ? 126 TYR X C   1 
ATOM   1010 O O   . TYR A 1 126 ? -2.031  -6.514  14.796  1.00 34.48 ? 126 TYR X O   1 
ATOM   1011 C CB  . TYR A 1 126 ? -2.274  -3.653  13.153  1.00 31.88 ? 126 TYR X CB  1 
ATOM   1012 C CG  . TYR A 1 126 ? -2.354  -4.679  12.032  1.00 34.56 ? 126 TYR X CG  1 
ATOM   1013 C CD1 . TYR A 1 126 ? -1.317  -4.819  11.116  1.00 31.37 ? 126 TYR X CD1 1 
ATOM   1014 C CD2 . TYR A 1 126 ? -3.466  -5.503  11.894  1.00 31.17 ? 126 TYR X CD2 1 
ATOM   1015 C CE1 . TYR A 1 126 ? -1.386  -5.757  10.097  1.00 32.91 ? 126 TYR X CE1 1 
ATOM   1016 C CE2 . TYR A 1 126 ? -3.547  -6.442  10.883  1.00 32.25 ? 126 TYR X CE2 1 
ATOM   1017 C CZ  . TYR A 1 126 ? -2.508  -6.566  9.986   1.00 34.06 ? 126 TYR X CZ  1 
ATOM   1018 O OH  . TYR A 1 126 ? -2.594  -7.497  8.978   1.00 32.53 ? 126 TYR X OH  1 
ATOM   1019 N N   . THR A 1 127 ? -3.452  -5.049  15.727  1.00 38.02 ? 127 THR X N   1 
ATOM   1020 C CA  . THR A 1 127 ? -4.206  -6.074  16.439  1.00 41.21 ? 127 THR X CA  1 
ATOM   1021 C C   . THR A 1 127 ? -5.660  -6.107  15.986  1.00 41.83 ? 127 THR X C   1 
ATOM   1022 O O   . THR A 1 127 ? -6.277  -5.065  15.759  1.00 45.95 ? 127 THR X O   1 
ATOM   1023 C CB  . THR A 1 127 ? -4.123  -5.843  17.957  1.00 46.66 ? 127 THR X CB  1 
ATOM   1024 O OG1 . THR A 1 127 ? -4.972  -6.776  18.617  1.00 52.90 ? 127 THR X OG1 1 
ATOM   1025 C CG2 . THR A 1 127 ? -4.520  -4.410  18.336  1.00 44.63 ? 127 THR X CG2 1 
ATOM   1026 N N   . PHE A 1 128 ? -6.220  -7.314  15.859  1.00 47.00 ? 128 PHE X N   1 
ATOM   1027 C CA  . PHE A 1 128 ? -7.601  -7.409  15.403  1.00 43.82 ? 128 PHE X CA  1 
ATOM   1028 C C   . PHE A 1 128 ? -8.599  -6.910  16.429  1.00 47.49 ? 128 PHE X C   1 
ATOM   1029 O O   . PHE A 1 128 ? -9.751  -6.665  16.066  1.00 52.78 ? 128 PHE X O   1 
ATOM   1030 C CB  . PHE A 1 128 ? -7.929  -8.839  14.995  1.00 45.00 ? 128 PHE X CB  1 
ATOM   1031 C CG  . PHE A 1 128 ? -7.307  -9.226  13.709  1.00 48.64 ? 128 PHE X CG  1 
ATOM   1032 C CD1 . PHE A 1 128 ? -7.887  -8.848  12.508  1.00 45.74 ? 128 PHE X CD1 1 
ATOM   1033 C CD2 . PHE A 1 128 ? -6.097  -9.900  13.689  1.00 48.56 ? 128 PHE X CD2 1 
ATOM   1034 C CE1 . PHE A 1 128 ? -7.292  -9.173  11.306  1.00 45.98 ? 128 PHE X CE1 1 
ATOM   1035 C CE2 . PHE A 1 128 ? -5.493  -10.221 12.493  1.00 48.03 ? 128 PHE X CE2 1 
ATOM   1036 C CZ  . PHE A 1 128 ? -6.097  -9.859  11.296  1.00 50.05 ? 128 PHE X CZ  1 
ATOM   1037 N N   . GLU A 1 129 ? -8.189  -6.721  17.679  1.00 47.47 ? 129 GLU X N   1 
ATOM   1038 C CA  . GLU A 1 129 ? -9.072  -6.060  18.629  1.00 54.51 ? 129 GLU X CA  1 
ATOM   1039 C C   . GLU A 1 129 ? -9.435  -4.645  18.186  1.00 54.74 ? 129 GLU X C   1 
ATOM   1040 O O   . GLU A 1 129 ? -10.465 -4.122  18.624  1.00 59.02 ? 129 GLU X O   1 
ATOM   1041 C CB  . GLU A 1 129 ? -8.437  -6.017  20.027  1.00 57.88 ? 129 GLU X CB  1 
ATOM   1042 C CG  . GLU A 1 129 ? -7.656  -7.274  20.448  1.00 65.87 ? 129 GLU X CG  1 
ATOM   1043 C CD  . GLU A 1 129 ? -6.732  -7.016  21.657  1.00 74.06 ? 129 GLU X CD  1 
ATOM   1044 O OE1 . GLU A 1 129 ? -5.530  -7.374  21.590  1.00 66.73 ? 129 GLU X OE1 1 
ATOM   1045 O OE2 . GLU A 1 129 ? -7.208  -6.449  22.670  1.00 78.68 ? 129 GLU X OE2 1 
ATOM   1046 N N   . ASP A 1 130 ? -8.628  -4.013  17.324  1.00 46.67 ? 130 ASP X N   1 
ATOM   1047 C CA  . ASP A 1 130 ? -8.918  -2.657  16.873  1.00 43.61 ? 130 ASP X CA  1 
ATOM   1048 C C   . ASP A 1 130 ? -9.611  -2.593  15.520  1.00 45.80 ? 130 ASP X C   1 
ATOM   1049 O O   . ASP A 1 130 ? -10.059 -1.508  15.132  1.00 47.98 ? 130 ASP X O   1 
ATOM   1050 C CB  . ASP A 1 130 ? -7.635  -1.825  16.788  1.00 48.75 ? 130 ASP X CB  1 
ATOM   1051 C CG  . ASP A 1 130 ? -6.892  -1.770  18.092  1.00 52.82 ? 130 ASP X CG  1 
ATOM   1052 O OD1 . ASP A 1 130 ? -7.525  -2.072  19.124  1.00 55.19 ? 130 ASP X OD1 1 
ATOM   1053 O OD2 . ASP A 1 130 ? -5.682  -1.443  18.072  1.00 45.93 ? 130 ASP X OD2 1 
ATOM   1054 N N   . TRP A 1 131 ? -9.693  -3.709  14.793  1.00 40.64 ? 131 TRP X N   1 
ATOM   1055 C CA  . TRP A 1 131 ? -10.160 -3.726  13.410  1.00 40.35 ? 131 TRP X CA  1 
ATOM   1056 C C   . TRP A 1 131 ? -11.224 -4.794  13.237  1.00 41.52 ? 131 TRP X C   1 
ATOM   1057 O O   . TRP A 1 131 ? -11.011 -5.950  13.607  1.00 41.82 ? 131 TRP X O   1 
ATOM   1058 C CB  . TRP A 1 131 ? -8.998  -3.994  12.440  1.00 35.13 ? 131 TRP X CB  1 
ATOM   1059 C CG  . TRP A 1 131 ? -7.919  -2.981  12.571  1.00 37.98 ? 131 TRP X CG  1 
ATOM   1060 C CD1 . TRP A 1 131 ? -6.811  -3.049  13.372  1.00 38.11 ? 131 TRP X CD1 1 
ATOM   1061 C CD2 . TRP A 1 131 ? -7.852  -1.718  11.895  1.00 32.97 ? 131 TRP X CD2 1 
ATOM   1062 N NE1 . TRP A 1 131 ? -6.053  -1.909  13.224  1.00 36.94 ? 131 TRP X NE1 1 
ATOM   1063 C CE2 . TRP A 1 131 ? -6.674  -1.078  12.324  1.00 31.26 ? 131 TRP X CE2 1 
ATOM   1064 C CE3 . TRP A 1 131 ? -8.674  -1.072  10.964  1.00 36.73 ? 131 TRP X CE3 1 
ATOM   1065 C CZ2 . TRP A 1 131 ? -6.298  0.174   11.854  1.00 35.75 ? 131 TRP X CZ2 1 
ATOM   1066 C CZ3 . TRP A 1 131 ? -8.298  0.172   10.494  1.00 35.20 ? 131 TRP X CZ3 1 
ATOM   1067 C CH2 . TRP A 1 131 ? -7.122  0.780   10.940  1.00 36.06 ? 131 TRP X CH2 1 
ATOM   1068 N N   . GLU A 1 132 ? -12.365 -4.414  12.675  1.00 42.18 ? 132 GLU X N   1 
ATOM   1069 C CA  . GLU A 1 132 ? -13.356 -5.395  12.276  1.00 38.12 ? 132 GLU X CA  1 
ATOM   1070 C C   . GLU A 1 132 ? -13.041 -5.878  10.870  1.00 36.63 ? 132 GLU X C   1 
ATOM   1071 O O   . GLU A 1 132 ? -12.652 -5.091  10.005  1.00 33.95 ? 132 GLU X O   1 
ATOM   1072 C CB  . GLU A 1 132 ? -14.775 -4.825  12.323  1.00 43.39 ? 132 GLU X CB  1 
ATOM   1073 C CG  . GLU A 1 132 ? -15.829 -5.895  12.038  1.00 51.57 ? 132 GLU X CG  1 
ATOM   1074 C CD  . GLU A 1 132 ? -17.254 -5.405  12.190  1.00 57.28 ? 132 GLU X CD  1 
ATOM   1075 O OE1 . GLU A 1 132 ? -17.446 -4.190  12.426  1.00 61.37 ? 132 GLU X OE1 1 
ATOM   1076 O OE2 . GLU A 1 132 ? -18.183 -6.240  12.071  1.00 63.17 ? 132 GLU X OE2 1 
ATOM   1077 N N   . VAL A 1 133 ? -13.202 -7.183  10.662  1.00 37.63 ? 133 VAL X N   1 
ATOM   1078 C CA  . VAL A 1 133 ? -12.994 -7.844  9.376   1.00 33.12 ? 133 VAL X CA  1 
ATOM   1079 C C   . VAL A 1 133 ? -14.248 -7.629  8.528   1.00 32.17 ? 133 VAL X C   1 
ATOM   1080 O O   . VAL A 1 133 ? -15.250 -8.325  8.689   1.00 33.80 ? 133 VAL X O   1 
ATOM   1081 C CB  . VAL A 1 133 ? -12.685 -9.328  9.560   1.00 36.39 ? 133 VAL X CB  1 
ATOM   1082 C CG1 . VAL A 1 133 ? -12.491 -10.007 8.208   1.00 35.66 ? 133 VAL X CG1 1 
ATOM   1083 C CG2 . VAL A 1 133 ? -11.462 -9.501  10.475  1.00 31.43 ? 133 VAL X CG2 1 
ATOM   1084 N N   . ALA A 1 134 ? -14.202 -6.658  7.621   1.00 27.45 ? 134 ALA X N   1 
ATOM   1085 C CA  . ALA A 1 134 ? -15.360 -6.413  6.769   1.00 31.82 ? 134 ALA X CA  1 
ATOM   1086 C C   . ALA A 1 134 ? -15.501 -7.489  5.702   1.00 33.11 ? 134 ALA X C   1 
ATOM   1087 O O   . ALA A 1 134 ? -16.618 -7.807  5.276   1.00 30.99 ? 134 ALA X O   1 
ATOM   1088 C CB  . ALA A 1 134 ? -15.256 -5.026  6.119   1.00 28.13 ? 134 ALA X CB  1 
ATOM   1089 N N   . SER A 1 135 ? -14.386 -8.054  5.265   1.00 31.76 ? 135 SER X N   1 
ATOM   1090 C CA  . SER A 1 135 ? -14.394 -9.102  4.261   1.00 29.67 ? 135 SER X CA  1 
ATOM   1091 C C   . SER A 1 135 ? -13.026 -9.768  4.257   1.00 31.24 ? 135 SER X C   1 
ATOM   1092 O O   . SER A 1 135 ? -12.003 -9.130  4.517   1.00 29.08 ? 135 SER X O   1 
ATOM   1093 C CB  . SER A 1 135 ? -14.731 -8.542  2.880   1.00 29.08 ? 135 SER X CB  1 
ATOM   1094 O OG  . SER A 1 135 ? -13.810 -7.542  2.490   1.00 30.49 ? 135 SER X OG  1 
ATOM   1095 N N   . SER A 1 136 ? -13.027 -11.057 3.970   1.00 27.75 ? 136 SER X N   1 
ATOM   1096 C CA  . SER A 1 136 ? -11.805 -11.840 3.864   1.00 28.12 ? 136 SER X CA  1 
ATOM   1097 C C   . SER A 1 136 ? -12.007 -12.840 2.730   1.00 30.44 ? 136 SER X C   1 
ATOM   1098 O O   . SER A 1 136 ? -12.866 -13.719 2.834   1.00 33.15 ? 136 SER X O   1 
ATOM   1099 C CB  . SER A 1 136 ? -11.496 -12.530 5.188   1.00 27.13 ? 136 SER X CB  1 
ATOM   1100 O OG  . SER A 1 136 ? -10.344 -13.329 5.083   1.00 30.99 ? 136 SER X OG  1 
ATOM   1101 N N   . VAL A 1 137 ? -11.257 -12.677 1.639   1.00 28.82 ? 137 VAL X N   1 
ATOM   1102 C CA  . VAL A 1 137 ? -11.418 -13.445 0.409   1.00 28.19 ? 137 VAL X CA  1 
ATOM   1103 C C   . VAL A 1 137 ? -10.074 -14.084 0.070   1.00 31.49 ? 137 VAL X C   1 
ATOM   1104 O O   . VAL A 1 137 ? -9.085  -13.373 -0.146  1.00 31.82 ? 137 VAL X O   1 
ATOM   1105 C CB  . VAL A 1 137 ? -11.889 -12.553 -0.751  1.00 30.38 ? 137 VAL X CB  1 
ATOM   1106 C CG1 . VAL A 1 137 ? -12.118 -13.369 -2.025  1.00 26.21 ? 137 VAL X CG1 1 
ATOM   1107 C CG2 . VAL A 1 137 ? -13.115 -11.750 -0.385  1.00 27.78 ? 137 VAL X CG2 1 
ATOM   1108 N N   . GLU A 1 138 ? -10.040 -15.414 -0.025  1.00 33.53 ? 138 GLU X N   1 
ATOM   1109 C CA  . GLU A 1 138 ? -8.826  -16.091 -0.476  1.00 33.12 ? 138 GLU X CA  1 
ATOM   1110 C C   . GLU A 1 138 ? -8.610  -15.864 -1.960  1.00 32.20 ? 138 GLU X C   1 
ATOM   1111 O O   . GLU A 1 138 ? -9.553  -15.936 -2.748  1.00 34.39 ? 138 GLU X O   1 
ATOM   1112 C CB  . GLU A 1 138 ? -8.888  -17.590 -0.197  1.00 35.47 ? 138 GLU X CB  1 
ATOM   1113 C CG  . GLU A 1 138 ? -8.897  -17.955 1.277   1.00 42.63 ? 138 GLU X CG  1 
ATOM   1114 C CD  . GLU A 1 138 ? -9.175  -19.435 1.493   1.00 57.35 ? 138 GLU X CD  1 
ATOM   1115 O OE1 . GLU A 1 138 ? -9.718  -19.790 2.567   1.00 61.59 ? 138 GLU X OE1 1 
ATOM   1116 O OE2 . GLU A 1 138 ? -8.850  -20.241 0.586   1.00 53.94 ? 138 GLU X OE2 1 
ATOM   1117 N N   . GLY A 1 139 ? -7.371  -15.546 -2.330  1.00 28.71 ? 139 GLY X N   1 
ATOM   1118 C CA  . GLY A 1 139 ? -7.010  -15.503 -3.728  1.00 31.44 ? 139 GLY X CA  1 
ATOM   1119 C C   . GLY A 1 139 ? -6.865  -16.905 -4.290  1.00 36.68 ? 139 GLY X C   1 
ATOM   1120 O O   . GLY A 1 139 ? -6.599  -17.863 -3.564  1.00 40.11 ? 139 GLY X O   1 
ATOM   1121 N N   . LYS A 1 140 ? -7.079  -17.036 -5.593  1.00 33.58 ? 140 LYS X N   1 
ATOM   1122 C CA  . LYS A 1 140 ? -7.009  -18.340 -6.236  1.00 39.09 ? 140 LYS X CA  1 
ATOM   1123 C C   . LYS A 1 140 ? -5.594  -18.593 -6.721  1.00 42.29 ? 140 LYS X C   1 
ATOM   1124 O O   . LYS A 1 140 ? -4.938  -17.701 -7.276  1.00 42.80 ? 140 LYS X O   1 
ATOM   1125 C CB  . LYS A 1 140 ? -8.001  -18.428 -7.401  1.00 50.73 ? 140 LYS X CB  1 
ATOM   1126 C CG  . LYS A 1 140 ? -9.491  -18.353 -6.955  1.00 57.45 ? 140 LYS X CG  1 
ATOM   1127 C CD  . LYS A 1 140 ? -10.280 -19.643 -7.259  1.00 60.75 ? 140 LYS X CD  1 
ATOM   1128 C CE  . LYS A 1 140 ? -10.026 -20.729 -6.201  1.00 59.94 ? 140 LYS X CE  1 
ATOM   1129 N NZ  . LYS A 1 140 ? -10.313 -22.104 -6.722  1.00 71.53 ? 140 LYS X NZ  1 
ATOM   1130 N N   . LEU A 1 141 ? -5.115  -19.803 -6.475  1.00 40.82 ? 141 LEU X N   1 
ATOM   1131 C CA  . LEU A 1 141 ? -3.814  -20.235 -6.962  1.00 48.95 ? 141 LEU X CA  1 
ATOM   1132 C C   . LEU A 1 141 ? -3.923  -20.753 -8.392  1.00 51.73 ? 141 LEU X C   1 
ATOM   1133 O O   . LEU A 1 141 ? -4.918  -21.393 -8.753  1.00 51.86 ? 141 LEU X O   1 
ATOM   1134 C CB  . LEU A 1 141 ? -3.259  -21.337 -6.071  1.00 44.97 ? 141 LEU X CB  1 
ATOM   1135 C CG  . LEU A 1 141 ? -2.961  -20.940 -4.646  1.00 41.76 ? 141 LEU X CG  1 
ATOM   1136 C CD1 . LEU A 1 141 ? -2.297  -22.114 -3.965  1.00 45.31 ? 141 LEU X CD1 1 
ATOM   1137 C CD2 . LEU A 1 141 ? -2.059  -19.739 -4.649  1.00 42.74 ? 141 LEU X CD2 1 
ATOM   1138 N N   . ASP A 1 142 ? -2.898  -20.494 -9.202  1.00 50.11 ? 142 ASP X N   1 
ATOM   1139 C CA  . ASP A 1 142 ? -2.930  -21.037 -10.555 1.00 51.66 ? 142 ASP X CA  1 
ATOM   1140 C C   . ASP A 1 142 ? -1.533  -21.003 -11.164 1.00 53.89 ? 142 ASP X C   1 
ATOM   1141 O O   . ASP A 1 142 ? -0.529  -20.926 -10.451 1.00 52.09 ? 142 ASP X O   1 
ATOM   1142 C CB  . ASP A 1 142 ? -3.937  -20.275 -11.434 1.00 56.72 ? 142 ASP X CB  1 
ATOM   1143 C CG  . ASP A 1 142 ? -3.658  -18.781 -11.491 1.00 54.73 ? 142 ASP X CG  1 
ATOM   1144 O OD1 . ASP A 1 142 ? -2.478  -18.369 -11.475 1.00 55.96 ? 142 ASP X OD1 1 
ATOM   1145 O OD2 . ASP A 1 142 ? -4.629  -18.005 -11.553 1.00 59.68 ? 142 ASP X OD2 1 
ATOM   1146 N N   . GLU A 1 143 ? -1.495  -21.127 -12.492 1.00 60.86 ? 143 GLU X N   1 
ATOM   1147 C CA  . GLU A 1 143 ? -0.377  -20.805 -13.373 1.00 62.64 ? 143 GLU X CA  1 
ATOM   1148 C C   . GLU A 1 143 ? 0.600   -19.817 -12.747 1.00 58.76 ? 143 GLU X C   1 
ATOM   1149 O O   . GLU A 1 143 ? 1.713   -20.181 -12.326 1.00 59.07 ? 143 GLU X O   1 
ATOM   1150 C CB  . GLU A 1 143 ? -0.944  -20.213 -14.665 1.00 67.38 ? 143 GLU X CB  1 
ATOM   1151 C CG  . GLU A 1 143 ? -2.057  -21.029 -15.331 1.00 69.26 ? 143 GLU X CG  1 
ATOM   1152 C CD  . GLU A 1 143 ? -3.383  -20.252 -15.429 1.00 74.01 ? 143 GLU X CD  1 
ATOM   1153 O OE1 . GLU A 1 143 ? -3.669  -19.475 -14.496 1.00 78.25 ? 143 GLU X OE1 1 
ATOM   1154 O OE2 . GLU A 1 143 ? -4.139  -20.439 -16.425 1.00 69.18 ? 143 GLU X OE2 1 
ATOM   1155 N N   . LYS A 1 144 ? 0.158   -18.552 -12.664 1.00 61.34 ? 144 LYS X N   1 
ATOM   1156 C CA  . LYS A 1 144 ? 1.019   -17.407 -12.412 1.00 60.52 ? 144 LYS X CA  1 
ATOM   1157 C C   . LYS A 1 144 ? 0.899   -16.844 -11.000 1.00 55.59 ? 144 LYS X C   1 
ATOM   1158 O O   . LYS A 1 144 ? 1.613   -15.891 -10.678 1.00 52.78 ? 144 LYS X O   1 
ATOM   1159 C CB  . LYS A 1 144 ? 0.692   -16.322 -13.440 1.00 58.23 ? 144 LYS X CB  1 
ATOM   1160 C CG  . LYS A 1 144 ? 0.631   -16.855 -14.882 1.00 65.05 ? 144 LYS X CG  1 
ATOM   1161 C CD  . LYS A 1 144 ? -0.529  -16.249 -15.678 1.00 67.98 ? 144 LYS X CD  1 
ATOM   1162 C CE  . LYS A 1 144 ? -0.285  -16.260 -17.191 1.00 69.53 ? 144 LYS X CE  1 
ATOM   1163 N NZ  . LYS A 1 144 ? 0.599   -17.375 -17.623 1.00 72.57 ? 144 LYS X NZ  1 
ATOM   1164 N N   . ASN A 1 145 ? 0.034   -17.416 -10.156 1.00 50.86 ? 145 ASN X N   1 
ATOM   1165 C CA  . ASN A 1 145 ? -0.177  -16.967 -8.777  1.00 46.89 ? 145 ASN X CA  1 
ATOM   1166 C C   . ASN A 1 145 ? 0.003   -18.164 -7.854  1.00 43.31 ? 145 ASN X C   1 
ATOM   1167 O O   . ASN A 1 145 ? -0.949  -18.920 -7.617  1.00 42.94 ? 145 ASN X O   1 
ATOM   1168 C CB  . ASN A 1 145 ? -1.541  -16.356 -8.616  1.00 43.65 ? 145 ASN X CB  1 
ATOM   1169 C CG  . ASN A 1 145 ? -1.744  -15.173 -9.506  1.00 46.95 ? 145 ASN X CG  1 
ATOM   1170 O OD1 . ASN A 1 145 ? -1.428  -14.038 -9.127  1.00 42.53 ? 145 ASN X OD1 1 
ATOM   1171 N ND2 . ASN A 1 145 ? -2.285  -15.412 -10.694 1.00 45.97 ? 145 ASN X ND2 1 
ATOM   1172 N N   . THR A 1 146 ? 1.223   -18.347 -7.355  1.00 36.64 ? 146 THR X N   1 
ATOM   1173 C CA  . THR A 1 146 ? 1.626   -19.614 -6.762  1.00 38.65 ? 146 THR X CA  1 
ATOM   1174 C C   . THR A 1 146 ? 1.849   -19.522 -5.261  1.00 36.07 ? 146 THR X C   1 
ATOM   1175 O O   . THR A 1 146 ? 2.360   -20.472 -4.667  1.00 31.46 ? 146 THR X O   1 
ATOM   1176 C CB  . THR A 1 146 ? 2.898   -20.125 -7.434  1.00 41.83 ? 146 THR X CB  1 
ATOM   1177 O OG1 . THR A 1 146 ? 3.938   -19.161 -7.240  1.00 42.36 ? 146 THR X OG1 1 
ATOM   1178 C CG2 . THR A 1 146 ? 2.668   -20.348 -8.945  1.00 49.71 ? 146 THR X CG2 1 
ATOM   1179 N N   . ILE A 1 147 ? 1.498   -18.400 -4.640  1.00 37.10 ? 147 ILE X N   1 
ATOM   1180 C CA  . ILE A 1 147 ? 1.640   -18.204 -3.203  1.00 36.94 ? 147 ILE X CA  1 
ATOM   1181 C C   . ILE A 1 147 ? 0.248   -17.979 -2.630  1.00 33.25 ? 147 ILE X C   1 
ATOM   1182 O O   . ILE A 1 147 ? -0.513  -17.177 -3.174  1.00 33.97 ? 147 ILE X O   1 
ATOM   1183 C CB  . ILE A 1 147 ? 2.568   -17.023 -2.863  1.00 40.66 ? 147 ILE X CB  1 
ATOM   1184 C CG1 . ILE A 1 147 ? 3.774   -17.054 -3.805  1.00 47.07 ? 147 ILE X CG1 1 
ATOM   1185 C CG2 . ILE A 1 147 ? 3.040   -17.143 -1.432  1.00 33.65 ? 147 ILE X CG2 1 
ATOM   1186 C CD1 . ILE A 1 147 ? 4.366   -15.668 -4.181  1.00 44.13 ? 147 ILE X CD1 1 
ATOM   1187 N N   . PRO A 1 148 ? -0.143  -18.668 -1.565  1.00 30.18 ? 148 PRO X N   1 
ATOM   1188 C CA  . PRO A 1 148 ? -1.468  -18.404 -0.998  1.00 30.58 ? 148 PRO X CA  1 
ATOM   1189 C C   . PRO A 1 148 ? -1.543  -16.979 -0.489  1.00 34.32 ? 148 PRO X C   1 
ATOM   1190 O O   . PRO A 1 148 ? -0.592  -16.460 0.106   1.00 36.35 ? 148 PRO X O   1 
ATOM   1191 C CB  . PRO A 1 148 ? -1.591  -19.423 0.145   1.00 34.10 ? 148 PRO X CB  1 
ATOM   1192 C CG  . PRO A 1 148 ? -0.508  -20.425 -0.090  1.00 34.44 ? 148 PRO X CG  1 
ATOM   1193 C CD  . PRO A 1 148 ? 0.597   -19.682 -0.798  1.00 30.82 ? 148 PRO X CD  1 
ATOM   1194 N N   . HIS A 1 149 ? -2.679  -16.339 -0.744  1.00 27.49 ? 149 HIS X N   1 
ATOM   1195 C CA  . HIS A 1 149 ? -2.880  -14.968 -0.328  1.00 30.92 ? 149 HIS X CA  1 
ATOM   1196 C C   . HIS A 1 149 ? -4.353  -14.751 -0.008  1.00 29.47 ? 149 HIS X C   1 
ATOM   1197 O O   . HIS A 1 149 ? -5.229  -15.496 -0.452  1.00 31.74 ? 149 HIS X O   1 
ATOM   1198 C CB  . HIS A 1 149 ? -2.384  -13.995 -1.403  1.00 25.64 ? 149 HIS X CB  1 
ATOM   1199 C CG  . HIS A 1 149 ? -2.927  -14.275 -2.766  1.00 29.13 ? 149 HIS X CG  1 
ATOM   1200 N ND1 . HIS A 1 149 ? -2.536  -15.370 -3.508  1.00 30.99 ? 149 HIS X ND1 1 
ATOM   1201 C CD2 . HIS A 1 149 ? -3.802  -13.588 -3.540  1.00 27.26 ? 149 HIS X CD2 1 
ATOM   1202 C CE1 . HIS A 1 149 ? -3.174  -15.362 -4.666  1.00 33.03 ? 149 HIS X CE1 1 
ATOM   1203 N NE2 . HIS A 1 149 ? -3.949  -14.293 -4.708  1.00 32.05 ? 149 HIS X NE2 1 
ATOM   1204 N N   . THR A 1 150 ? -4.610  -13.708 0.773   1.00 24.72 ? 150 THR X N   1 
ATOM   1205 C CA  . THR A 1 150 ? -5.943  -13.403 1.254   1.00 27.47 ? 150 THR X CA  1 
ATOM   1206 C C   . THR A 1 150 ? -6.171  -11.899 1.235   1.00 30.60 ? 150 THR X C   1 
ATOM   1207 O O   . THR A 1 150 ? -5.377  -11.130 1.786   1.00 26.36 ? 150 THR X O   1 
ATOM   1208 C CB  . THR A 1 150 ? -6.144  -13.951 2.676   1.00 32.58 ? 150 THR X CB  1 
ATOM   1209 O OG1 . THR A 1 150 ? -5.921  -15.365 2.673   1.00 33.26 ? 150 THR X OG1 1 
ATOM   1210 C CG2 . THR A 1 150 ? -7.532  -13.634 3.195   1.00 24.48 ? 150 THR X CG2 1 
ATOM   1211 N N   . PHE A 1 151 ? -7.287  -11.490 0.650   1.00 28.51 ? 151 PHE X N   1 
ATOM   1212 C CA  . PHE A 1 151 ? -7.663  -10.090 0.632   1.00 28.50 ? 151 PHE X CA  1 
ATOM   1213 C C   . PHE A 1 151 ? -8.540  -9.791  1.835   1.00 30.30 ? 151 PHE X C   1 
ATOM   1214 O O   . PHE A 1 151 ? -9.638  -10.347 1.965   1.00 31.61 ? 151 PHE X O   1 
ATOM   1215 C CB  . PHE A 1 151 ? -8.359  -9.761  -0.681  1.00 29.71 ? 151 PHE X CB  1 
ATOM   1216 C CG  . PHE A 1 151 ? -7.516  -10.055 -1.882  1.00 27.63 ? 151 PHE X CG  1 
ATOM   1217 C CD1 . PHE A 1 151 ? -6.454  -9.218  -2.216  1.00 28.04 ? 151 PHE X CD1 1 
ATOM   1218 C CD2 . PHE A 1 151 ? -7.765  -11.172 -2.662  1.00 24.41 ? 151 PHE X CD2 1 
ATOM   1219 C CE1 . PHE A 1 151 ? -5.673  -9.480  -3.326  1.00 26.18 ? 151 PHE X CE1 1 
ATOM   1220 C CE2 . PHE A 1 151 ? -6.986  -11.448 -3.768  1.00 26.33 ? 151 PHE X CE2 1 
ATOM   1221 C CZ  . PHE A 1 151 ? -5.937  -10.595 -4.100  1.00 31.64 ? 151 PHE X CZ  1 
ATOM   1222 N N   . LEU A 1 152 ? -8.027  -8.944  2.727   1.00 28.75 ? 152 LEU X N   1 
ATOM   1223 C CA  . LEU A 1 152 ? -8.726  -8.453  3.904   1.00 26.86 ? 152 LEU X CA  1 
ATOM   1224 C C   . LEU A 1 152 ? -9.059  -6.982  3.716   1.00 29.17 ? 152 LEU X C   1 
ATOM   1225 O O   . LEU A 1 152 ? -8.189  -6.184  3.346   1.00 31.06 ? 152 LEU X O   1 
ATOM   1226 C CB  . LEU A 1 152 ? -7.871  -8.587  5.163   1.00 27.69 ? 152 LEU X CB  1 
ATOM   1227 C CG  . LEU A 1 152 ? -7.291  -9.910  5.622   1.00 31.62 ? 152 LEU X CG  1 
ATOM   1228 C CD1 . LEU A 1 152 ? -6.545  -9.656  6.897   1.00 31.95 ? 152 LEU X CD1 1 
ATOM   1229 C CD2 . LEU A 1 152 ? -8.374  -10.940 5.848   1.00 30.69 ? 152 LEU X CD2 1 
ATOM   1230 N N   . HIS A 1 153 ? -10.296 -6.630  3.988   1.00 28.70 ? 153 HIS X N   1 
ATOM   1231 C CA  . HIS A 1 153 ? -10.714 -5.256  4.197   1.00 26.73 ? 153 HIS X CA  1 
ATOM   1232 C C   . HIS A 1 153 ? -11.025 -5.133  5.681   1.00 30.13 ? 153 HIS X C   1 
ATOM   1233 O O   . HIS A 1 153 ? -11.998 -5.726  6.164   1.00 28.32 ? 153 HIS X O   1 
ATOM   1234 C CB  . HIS A 1 153 ? -11.933 -4.922  3.343   1.00 27.98 ? 153 HIS X CB  1 
ATOM   1235 C CG  . HIS A 1 153 ? -12.388 -3.504  3.466   1.00 31.20 ? 153 HIS X CG  1 
ATOM   1236 N ND1 . HIS A 1 153 ? -13.687 -3.117  3.215   1.00 28.81 ? 153 HIS X ND1 1 
ATOM   1237 C CD2 . HIS A 1 153 ? -11.714 -2.376  3.796   1.00 32.25 ? 153 HIS X CD2 1 
ATOM   1238 C CE1 . HIS A 1 153 ? -13.798 -1.813  3.396   1.00 32.32 ? 153 HIS X CE1 1 
ATOM   1239 N NE2 . HIS A 1 153 ? -12.613 -1.337  3.743   1.00 34.83 ? 153 HIS X NE2 1 
ATOM   1240 N N   . LEU A 1 154 ? -10.190 -4.380  6.388   1.00 28.87 ? 154 LEU X N   1 
ATOM   1241 C CA  . LEU A 1 154 ? -10.301 -4.111  7.819   1.00 32.02 ? 154 LEU X CA  1 
ATOM   1242 C C   . LEU A 1 154 ? -10.805 -2.689  8.033   1.00 34.53 ? 154 LEU X C   1 
ATOM   1243 O O   . LEU A 1 154 ? -10.359 -1.752  7.359   1.00 27.25 ? 154 LEU X O   1 
ATOM   1244 C CB  . LEU A 1 154 ? -8.939  -4.251  8.509   1.00 31.80 ? 154 LEU X CB  1 
ATOM   1245 C CG  . LEU A 1 154 ? -8.447  -5.601  8.995   1.00 39.06 ? 154 LEU X CG  1 
ATOM   1246 C CD1 . LEU A 1 154 ? -8.893  -6.682  8.059   1.00 33.56 ? 154 LEU X CD1 1 
ATOM   1247 C CD2 . LEU A 1 154 ? -6.920  -5.604  9.138   1.00 34.85 ? 154 LEU X CD2 1 
ATOM   1248 N N   . ILE A 1 155 ? -11.707 -2.524  8.996   1.00 34.14 ? 155 ILE X N   1 
ATOM   1249 C CA  . ILE A 1 155 ? -12.316 -1.235  9.287   1.00 34.98 ? 155 ILE X CA  1 
ATOM   1250 C C   . ILE A 1 155 ? -12.144 -0.948  10.774  1.00 39.09 ? 155 ILE X C   1 
ATOM   1251 O O   . ILE A 1 155 ? -12.339 -1.835  11.612  1.00 36.21 ? 155 ILE X O   1 
ATOM   1252 C CB  . ILE A 1 155 ? -13.802 -1.198  8.887   1.00 38.12 ? 155 ILE X CB  1 
ATOM   1253 C CG1 . ILE A 1 155 ? -13.965 -1.432  7.387   1.00 30.85 ? 155 ILE X CG1 1 
ATOM   1254 C CG2 . ILE A 1 155 ? -14.404 0.153   9.213   1.00 46.26 ? 155 ILE X CG2 1 
ATOM   1255 C CD1 . ILE A 1 155 ? -15.398 -1.354  6.950   1.00 38.01 ? 155 ILE X CD1 1 
ATOM   1256 N N   . ARG A 1 156 ? -11.773 0.287   11.094  1.00 35.10 ? 156 ARG X N   1 
ATOM   1257 C CA  . ARG A 1 156 ? -11.416 0.636   12.462  1.00 44.76 ? 156 ARG X CA  1 
ATOM   1258 C C   . ARG A 1 156 ? -12.645 0.615   13.356  1.00 37.54 ? 156 ARG X C   1 
ATOM   1259 O O   . ARG A 1 156 ? -13.644 1.273   13.063  1.00 43.34 ? 156 ARG X O   1 
ATOM   1260 C CB  . ARG A 1 156 ? -10.760 2.015   12.506  1.00 41.92 ? 156 ARG X CB  1 
ATOM   1261 C CG  . ARG A 1 156 ? -10.204 2.372   13.871  1.00 45.11 ? 156 ARG X CG  1 
ATOM   1262 C CD  . ARG A 1 156 ? -9.698  3.811   13.923  1.00 43.35 ? 156 ARG X CD  1 
ATOM   1263 N NE  . ARG A 1 156 ? -8.627  4.072   12.963  1.00 41.17 ? 156 ARG X NE  1 
ATOM   1264 C CZ  . ARG A 1 156 ? -7.339  3.787   13.162  1.00 41.45 ? 156 ARG X CZ  1 
ATOM   1265 N NH1 . ARG A 1 156 ? -6.928  3.212   14.292  1.00 36.39 ? 156 ARG X NH1 1 
ATOM   1266 N NH2 . ARG A 1 156 ? -6.455  4.077   12.215  1.00 42.04 ? 156 ARG X NH2 1 
ATOM   1267 N N   . LYS A 1 157 ? -12.571 -0.149  14.437  1.00 40.65 ? 157 LYS X N   1 
ATOM   1268 C CA  . LYS A 1 157 ? -13.673 -0.248  15.402  1.00 46.68 ? 157 LYS X CA  1 
ATOM   1269 C C   . LYS A 1 157 ? -13.941 1.069   16.155  1.00 53.29 ? 157 LYS X C   1 
ATOM   1270 O O   . LYS A 1 157 ? -15.089 1.534   16.248  1.00 52.13 ? 157 LYS X O   1 
ATOM   1271 C CB  . LYS A 1 157 ? -13.383 -1.367  16.398  1.00 44.31 ? 157 LYS X CB  1 
ATOM   1272 C CG  . LYS A 1 157 ? -13.649 -2.776  15.875  1.00 42.91 ? 157 LYS X CG  1 
ATOM   1273 C CD  . LYS A 1 157 ? -13.203 -3.825  16.891  1.00 41.06 ? 157 LYS X CD  1 
ATOM   1274 C CE  . LYS A 1 157 ? -13.605 -5.223  16.473  1.00 46.53 ? 157 LYS X CE  1 
ATOM   1275 N NZ  . LYS A 1 157 ? -13.302 -6.223  17.549  1.00 54.47 ? 157 LYS X NZ  1 
ATOM   1276 O OXT . LYS A 1 157 ? -13.020 1.715   16.674  1.00 56.56 ? 157 LYS X OXT 1 
HETATM 1277 P PA  . NDW B 2 .   ? 8.950   5.522   2.225   1.00 27.32 ? 201 NDW X PA  1 
HETATM 1278 O O1A . NDW B 2 .   ? 8.156   5.686   3.467   1.00 22.22 ? 201 NDW X O1A 1 
HETATM 1279 O O2A . NDW B 2 .   ? 8.226   5.279   0.963   1.00 25.19 ? 201 NDW X O2A 1 
HETATM 1280 O O5B . NDW B 2 .   ? 9.920   6.769   2.019   1.00 28.98 ? 201 NDW X O5B 1 
HETATM 1281 C C5B . NDW B 2 .   ? 10.250  7.593   3.146   1.00 28.97 ? 201 NDW X C5B 1 
HETATM 1282 C C4B . NDW B 2 .   ? 10.544  8.986   2.667   1.00 27.68 ? 201 NDW X C4B 1 
HETATM 1283 O O4B . NDW B 2 .   ? 9.299   9.713   2.554   1.00 35.79 ? 201 NDW X O4B 1 
HETATM 1284 C C3B . NDW B 2 .   ? 11.376  9.860   3.606   1.00 24.89 ? 201 NDW X C3B 1 
HETATM 1285 O O3B . NDW B 2 .   ? 12.753  9.517   3.591   1.00 26.97 ? 201 NDW X O3B 1 
HETATM 1286 C C2B . NDW B 2 .   ? 11.030  11.226  3.042   1.00 28.79 ? 201 NDW X C2B 1 
HETATM 1287 O O2B . NDW B 2 .   ? 11.550  11.353  1.734   1.00 34.85 ? 201 NDW X O2B 1 
HETATM 1288 C C1B . NDW B 2 .   ? 9.527   11.064  2.873   1.00 29.94 ? 201 NDW X C1B 1 
HETATM 1289 N N9A . NDW B 2 .   ? 8.763   11.413  4.061   1.00 27.73 ? 201 NDW X N9A 1 
HETATM 1290 C C8A . NDW B 2 .   ? 8.232   10.556  4.986   1.00 27.87 ? 201 NDW X C8A 1 
HETATM 1291 N N7A . NDW B 2 .   ? 7.604   11.168  5.952   1.00 27.33 ? 201 NDW X N7A 1 
HETATM 1292 C C5A . NDW B 2 .   ? 7.718   12.509  5.643   1.00 31.11 ? 201 NDW X C5A 1 
HETATM 1293 C C6A . NDW B 2 .   ? 7.241   13.666  6.280   1.00 27.78 ? 201 NDW X C6A 1 
HETATM 1294 N N6A . NDW B 2 .   ? 6.538   13.646  7.404   1.00 26.44 ? 201 NDW X N6A 1 
HETATM 1295 N N1A . NDW B 2 .   ? 7.518   14.855  5.699   1.00 36.83 ? 201 NDW X N1A 1 
HETATM 1296 C C2A . NDW B 2 .   ? 8.229   14.861  4.567   1.00 31.25 ? 201 NDW X C2A 1 
HETATM 1297 N N3A . NDW B 2 .   ? 8.724   13.840  3.880   1.00 31.13 ? 201 NDW X N3A 1 
HETATM 1298 C C4A . NDW B 2 .   ? 8.433   12.676  4.477   1.00 32.64 ? 201 NDW X C4A 1 
HETATM 1299 O O3  . NDW B 2 .   ? 9.996   4.340   2.426   1.00 23.57 ? 201 NDW X O3  1 
HETATM 1300 P PN  . NDW B 2 .   ? 10.720  3.783   3.728   1.00 22.71 ? 201 NDW X PN  1 
HETATM 1301 O O1N . NDW B 2 .   ? 11.238  4.926   4.504   1.00 31.79 ? 201 NDW X O1N 1 
HETATM 1302 O O2N . NDW B 2 .   ? 9.817   2.835   4.411   1.00 25.54 ? 201 NDW X O2N 1 
HETATM 1303 O O5D . NDW B 2 .   ? 11.947  2.992   3.112   1.00 19.74 ? 201 NDW X O5D 1 
HETATM 1304 C C5D . NDW B 2 .   ? 11.947  1.574   3.288   1.00 22.72 ? 201 NDW X C5D 1 
HETATM 1305 C C4D . NDW B 2 .   ? 11.766  0.927   1.941   1.00 20.63 ? 201 NDW X C4D 1 
HETATM 1306 O O4D . NDW B 2 .   ? 10.421  1.159   1.464   1.00 27.20 ? 201 NDW X O4D 1 
HETATM 1307 C C3D . NDW B 2 .   ? 12.705  1.418   0.839   1.00 22.53 ? 201 NDW X C3D 1 
HETATM 1308 O O3D . NDW B 2 .   ? 13.792  0.518   0.712   1.00 30.74 ? 201 NDW X O3D 1 
HETATM 1309 C C2D . NDW B 2 .   ? 11.828  1.414   -0.408  1.00 29.21 ? 201 NDW X C2D 1 
HETATM 1310 O O2D . NDW B 2 .   ? 12.344  0.525   -1.377  1.00 38.01 ? 201 NDW X O2D 1 
HETATM 1311 C C1D . NDW B 2 .   ? 10.401  1.147   0.066   1.00 26.82 ? 201 NDW X C1D 1 
HETATM 1312 N N1N . NDW B 2 .   ? 9.756   -0.115  -0.408  1.00 30.82 ? 201 NDW X N1N 1 
HETATM 1313 C C2N . NDW B 2 .   ? 8.429   -0.125  -0.698  1.00 24.27 ? 201 NDW X C2N 1 
HETATM 1314 C C3N . NDW B 2 .   ? 7.791   -1.300  -0.911  1.00 25.76 ? 201 NDW X C3N 1 
HETATM 1315 C C7N . NDW B 2 .   ? 6.395   -1.376  -0.498  1.00 20.62 ? 201 NDW X C7N 1 
HETATM 1316 O O7N . NDW B 2 .   ? 5.826   -0.353  -0.124  1.00 25.12 ? 201 NDW X O7N 1 
HETATM 1317 N N7N . NDW B 2 .   ? 5.781   -2.543  -0.556  1.00 25.26 ? 201 NDW X N7N 1 
HETATM 1318 C C4N . NDW B 2 .   ? 8.550   -2.397  -1.554  1.00 27.97 ? 201 NDW X C4N 1 
HETATM 1319 C C5N . NDW B 2 .   ? 9.986   -2.187  -1.417  1.00 30.57 ? 201 NDW X C5N 1 
HETATM 1320 C C6N . NDW B 2 .   ? 10.401  -1.321  -0.529  1.00 22.13 ? 201 NDW X C6N 1 
HETATM 1321 P P2B . NDW B 2 .   ? 12.796  12.331  1.693   1.00 33.21 ? 201 NDW X P2B 1 
HETATM 1322 O O1X . NDW B 2 .   ? 13.964  11.672  2.352   1.00 18.15 ? 201 NDW X O1X 1 
HETATM 1323 O O2X . NDW B 2 .   ? 13.033  12.575  0.244   1.00 30.33 ? 201 NDW X O2X 1 
HETATM 1324 O O3X . NDW B 2 .   ? 12.356  13.551  2.412   1.00 24.88 ? 201 NDW X O3X 1 
HETATM 1325 N N1  . 06U C 3 .   ? -0.686  -2.903  -1.859  1.00 28.28 ? 202 06U X N1  1 
HETATM 1326 C C2  . 06U C 3 .   ? -0.954  -4.098  -2.410  1.00 30.96 ? 202 06U X C2  1 
HETATM 1327 N N3  . 06U C 3 .   ? -0.090  -4.652  -3.268  1.00 29.82 ? 202 06U X N3  1 
HETATM 1328 C C4  . 06U C 3 .   ? 1.081   -4.078  -3.563  1.00 26.76 ? 202 06U X C4  1 
HETATM 1329 C C5  . 06U C 3 .   ? 1.396   -2.860  -3.005  1.00 28.80 ? 202 06U X C5  1 
HETATM 1330 C C6  . 06U C 3 .   ? 0.470   -2.284  -2.123  1.00 28.03 ? 202 06U X C6  1 
HETATM 1331 C CAA . 06U C 3 .   ? 3.012   -1.583  -8.470  1.00 46.92 ? 202 06U X CAA 1 
HETATM 1332 N NAH . 06U C 3 .   ? -2.097  -4.727  -2.130  1.00 27.65 ? 202 06U X NAH 1 
HETATM 1333 C CAI . 06U C 3 .   ? 1.967   -4.707  -4.421  1.00 31.17 ? 202 06U X CAI 1 
HETATM 1334 N NAJ . 06U C 3 .   ? 0.759   -1.114  -1.553  1.00 26.63 ? 202 06U X NAJ 1 
HETATM 1335 C CAK . 06U C 3 .   ? 2.681   -2.259  -3.356  1.00 31.56 ? 202 06U X CAK 1 
HETATM 1336 C CAL . 06U C 3 .   ? 3.714   -1.785  -3.639  1.00 33.48 ? 202 06U X CAL 1 
HETATM 1337 C CAM . 06U C 3 .   ? 5.034   -1.135  -3.956  1.00 29.45 ? 202 06U X CAM 1 
HETATM 1338 C CAN . 06U C 3 .   ? 4.824   0.342   -3.932  1.00 37.69 ? 202 06U X CAN 1 
HETATM 1339 C CAO . 06U C 3 .   ? 5.513   -1.468  -5.197  1.00 37.69 ? 202 06U X CAO 1 
HETATM 1340 C CAP . 06U C 3 .   ? 6.871   -1.687  -5.346  1.00 37.16 ? 202 06U X CAP 1 
HETATM 1341 C CAQ . 06U C 3 .   ? 7.429   -2.008  -6.576  1.00 43.23 ? 202 06U X CAQ 1 
HETATM 1342 C CAR . 06U C 3 .   ? 6.580   -2.116  -7.688  1.00 42.31 ? 202 06U X CAR 1 
HETATM 1343 C CAS . 06U C 3 .   ? 5.197   -1.923  -7.532  1.00 46.71 ? 202 06U X CAS 1 
HETATM 1344 C CAT . 06U C 3 .   ? 4.665   -1.558  -6.295  1.00 38.22 ? 202 06U X CAT 1 
HETATM 1345 C CAU . 06U C 3 .   ? 4.339   -1.969  -8.626  1.00 48.06 ? 202 06U X CAU 1 
HETATM 1346 C CAV . 06U C 3 .   ? 4.786   -2.401  -9.861  1.00 54.40 ? 202 06U X CAV 1 
HETATM 1347 C CAW . 06U C 3 .   ? 3.904   -2.429  -10.938 1.00 58.02 ? 202 06U X CAW 1 
HETATM 1348 N NAX . 06U C 3 .   ? 2.573   -2.018  -10.790 1.00 55.02 ? 202 06U X NAX 1 
HETATM 1349 C CAY . 06U C 3 .   ? 2.125   -1.593  -9.540  1.00 51.79 ? 202 06U X CAY 1 
HETATM 1350 C CAZ . 06U C 3 .   ? 1.505   -4.547  -5.861  1.00 34.85 ? 202 06U X CAZ 1 
HETATM 1351 O OBA . 06U C 3 .   ? 8.794   -2.217  -6.632  1.00 45.69 ? 202 06U X OBA 1 
HETATM 1352 C CBB . 06U C 3 .   ? 9.232   -2.536  -7.948  1.00 44.06 ? 202 06U X CBB 1 
HETATM 1353 C C   . ACT D 4 .   ? 0.028   -8.750  12.985  1.00 51.42 ? 203 ACT X C   1 
HETATM 1354 O O   . ACT D 4 .   ? 0.287   -7.781  13.786  1.00 43.44 ? 203 ACT X O   1 
HETATM 1355 O OXT . ACT D 4 .   ? 0.824   -9.338  12.185  1.00 52.00 ? 203 ACT X OXT 1 
HETATM 1356 C CH3 . ACT D 4 .   ? -1.482  -9.298  13.006  1.00 44.83 ? 203 ACT X CH3 1 
HETATM 1357 O O   . HOH E 5 .   ? 9.055   -5.869  -7.301  1.00 42.13 ? 301 HOH X O   1 
HETATM 1358 O O   . HOH E 5 .   ? 12.757  -2.528  8.059   1.00 34.27 ? 302 HOH X O   1 
HETATM 1359 O O   . HOH E 5 .   ? 4.806   16.697  -12.003 1.00 47.78 ? 303 HOH X O   1 
HETATM 1360 O O   . HOH E 5 .   ? -4.409  2.187   15.143  1.00 38.46 ? 304 HOH X O   1 
HETATM 1361 O O   . HOH E 5 .   ? -12.618 2.175   1.713   1.00 30.98 ? 305 HOH X O   1 
HETATM 1362 O O   . HOH E 5 .   ? 16.060  15.619  -6.156  1.00 39.94 ? 306 HOH X O   1 
HETATM 1363 O O   . HOH E 5 .   ? 13.564  5.318   5.450   1.00 36.45 ? 307 HOH X O   1 
HETATM 1364 O O   . HOH E 5 .   ? -13.474 4.377   -3.838  1.00 40.60 ? 308 HOH X O   1 
HETATM 1365 O O   . HOH E 5 .   ? -11.482 9.493   -5.559  1.00 42.14 ? 309 HOH X O   1 
HETATM 1366 O O   . HOH E 5 .   ? 3.401   -0.920  0.545   1.00 26.62 ? 310 HOH X O   1 
HETATM 1367 O O   . HOH E 5 .   ? -8.930  10.688  -5.153  1.00 36.41 ? 311 HOH X O   1 
HETATM 1368 O O   . HOH E 5 .   ? 6.797   10.237  -15.248 1.00 44.19 ? 312 HOH X O   1 
HETATM 1369 O O   . HOH E 5 .   ? 8.983   -13.058 6.818   1.00 31.77 ? 313 HOH X O   1 
HETATM 1370 O O   . HOH E 5 .   ? 2.009   -8.345  -4.496  1.00 31.39 ? 314 HOH X O   1 
HETATM 1371 O O   . HOH E 5 .   ? -5.381  -17.703 1.139   1.00 38.58 ? 315 HOH X O   1 
HETATM 1372 O O   . HOH E 5 .   ? -9.222  -13.879 7.507   1.00 39.28 ? 316 HOH X O   1 
HETATM 1373 O O   . HOH E 5 .   ? 15.467  12.969  -0.923  1.00 35.58 ? 317 HOH X O   1 
HETATM 1374 O O   . HOH E 5 .   ? 13.677  -2.476  0.319   1.00 32.72 ? 318 HOH X O   1 
HETATM 1375 O O   . HOH E 5 .   ? -7.656  -6.068  0.261   1.00 33.28 ? 319 HOH X O   1 
HETATM 1376 O O   . HOH E 5 .   ? -15.366 -5.001  2.127   1.00 32.54 ? 320 HOH X O   1 
HETATM 1377 O O   . HOH E 5 .   ? -4.470  -5.093  -0.655  1.00 27.73 ? 321 HOH X O   1 
HETATM 1378 O O   . HOH E 5 .   ? 3.333   19.011  -7.020  1.00 46.73 ? 322 HOH X O   1 
HETATM 1379 O O   . HOH E 5 .   ? 4.840   15.929  8.015   1.00 43.61 ? 323 HOH X O   1 
HETATM 1380 O O   . HOH E 5 .   ? 8.084   -9.888  11.931  1.00 32.24 ? 324 HOH X O   1 
HETATM 1381 O O   . HOH E 5 .   ? 13.005  -1.198  -7.562  1.00 36.77 ? 325 HOH X O   1 
HETATM 1382 O O   . HOH E 5 .   ? -11.600 -8.628  0.906   1.00 33.26 ? 326 HOH X O   1 
HETATM 1383 O O   . HOH E 5 .   ? -18.470 -9.044  11.866  1.00 49.41 ? 327 HOH X O   1 
HETATM 1384 O O   . HOH E 5 .   ? -3.904  -1.837  15.901  1.00 41.40 ? 328 HOH X O   1 
HETATM 1385 O O   . HOH E 5 .   ? 6.708   -1.050  10.514  1.00 31.21 ? 329 HOH X O   1 
HETATM 1386 O O   . HOH E 5 .   ? 16.824  -9.133  5.925   1.00 39.57 ? 330 HOH X O   1 
HETATM 1387 O O   . HOH E 5 .   ? 17.854  7.247   3.128   1.00 38.99 ? 331 HOH X O   1 
HETATM 1388 O O   . HOH E 5 .   ? 2.708   -3.508  -0.231  1.00 26.55 ? 332 HOH X O   1 
HETATM 1389 O O   . HOH E 5 .   ? 14.593  13.114  -3.392  1.00 41.89 ? 333 HOH X O   1 
HETATM 1390 O O   . HOH E 5 .   ? -17.659 -5.684  3.405   1.00 32.20 ? 334 HOH X O   1 
HETATM 1391 O O   . HOH E 5 .   ? -2.622  8.333   -16.574 1.00 38.59 ? 335 HOH X O   1 
HETATM 1392 O O   . HOH E 5 .   ? -14.279 -16.243 3.743   1.00 33.68 ? 336 HOH X O   1 
HETATM 1393 O O   . HOH E 5 .   ? -9.920  -8.516  -5.623  1.00 41.38 ? 337 HOH X O   1 
HETATM 1394 O O   . HOH E 5 .   ? 14.441  23.586  -4.776  1.00 43.87 ? 338 HOH X O   1 
HETATM 1395 O O   . HOH E 5 .   ? -5.553  1.377   -14.614 1.00 45.32 ? 339 HOH X O   1 
HETATM 1396 O O   . HOH E 5 .   ? 15.493  20.020  -0.418  1.00 44.66 ? 340 HOH X O   1 
HETATM 1397 O O   . HOH E 5 .   ? 10.845  -11.398 8.395   1.00 34.82 ? 341 HOH X O   1 
HETATM 1398 O O   . HOH E 5 .   ? 13.208  1.558   7.839   1.00 53.73 ? 342 HOH X O   1 
HETATM 1399 O O   . HOH E 5 .   ? -10.466 -6.354  -0.164  1.00 29.30 ? 343 HOH X O   1 
HETATM 1400 O O   . HOH E 5 .   ? 10.392  -11.037 11.310  1.00 34.58 ? 344 HOH X O   1 
HETATM 1401 O O   . HOH E 5 .   ? -4.901  -20.886 -0.928  1.00 40.28 ? 345 HOH X O   1 
HETATM 1402 O O   . HOH E 5 .   ? -11.861 -5.619  -2.308  1.00 36.23 ? 346 HOH X O   1 
# 
loop_
_pdbx_poly_seq_scheme.asym_id 
_pdbx_poly_seq_scheme.entity_id 
_pdbx_poly_seq_scheme.seq_id 
_pdbx_poly_seq_scheme.mon_id 
_pdbx_poly_seq_scheme.ndb_seq_num 
_pdbx_poly_seq_scheme.pdb_seq_num 
_pdbx_poly_seq_scheme.auth_seq_num 
_pdbx_poly_seq_scheme.pdb_mon_id 
_pdbx_poly_seq_scheme.auth_mon_id 
_pdbx_poly_seq_scheme.pdb_strand_id 
_pdbx_poly_seq_scheme.pdb_ins_code 
_pdbx_poly_seq_scheme.hetero 
A 1 1   THR 1   1   1   THR THR X . n 
A 1 2   LEU 2   2   2   LEU LEU X . n 
A 1 3   SER 3   3   3   SER SER X . n 
A 1 4   ILE 4   4   4   ILE ILE X . n 
A 1 5   LEU 5   5   5   LEU LEU X . n 
A 1 6   VAL 6   6   6   VAL VAL X . n 
A 1 7   ALA 7   7   7   ALA ALA X . n 
A 1 8   HIS 8   8   8   HIS HIS X . n 
A 1 9   ASP 9   9   9   ASP ASP X . n 
A 1 10  LEU 10  10  10  LEU LEU X . n 
A 1 11  GLN 11  11  11  GLN GLN X . n 
A 1 12  ARG 12  12  12  ARG ARG X . n 
A 1 13  VAL 13  13  13  VAL VAL X . n 
A 1 14  ILE 14  14  14  ILE ILE X . n 
A 1 15  GLY 15  15  15  GLY GLY X . n 
A 1 16  PHE 16  16  16  PHE PHE X . n 
A 1 17  GLU 17  17  17  GLU GLU X . n 
A 1 18  ASN 18  18  18  ASN ASN X . n 
A 1 19  GLN 19  19  19  GLN GLN X . n 
A 1 20  LEU 20  20  20  LEU LEU X . n 
A 1 21  PRO 21  21  21  PRO PRO X . n 
A 1 22  TRP 22  22  22  TRP TRP X . n 
A 1 23  HIS 23  23  23  HIS HIS X . n 
A 1 24  LEU 24  24  24  LEU LEU X . n 
A 1 25  PRO 25  25  25  PRO PRO X . n 
A 1 26  ASN 26  26  26  ASN ASN X . n 
A 1 27  ASP 27  27  27  ASP ASP X . n 
A 1 28  LEU 28  28  28  LEU LEU X . n 
A 1 29  LYS 29  29  29  LYS LYS X . n 
A 1 30  HIS 30  30  30  HIS HIS X . n 
A 1 31  VAL 31  31  31  VAL VAL X . n 
A 1 32  LYS 32  32  32  LYS LYS X . n 
A 1 33  LYS 33  33  33  LYS LYS X . n 
A 1 34  LEU 34  34  34  LEU LEU X . n 
A 1 35  SER 35  35  35  SER SER X . n 
A 1 36  THR 36  36  36  THR THR X . n 
A 1 37  GLY 37  37  37  GLY GLY X . n 
A 1 38  HIS 38  38  38  HIS HIS X . n 
A 1 39  THR 39  39  39  THR THR X . n 
A 1 40  LEU 40  40  40  LEU LEU X . n 
A 1 41  VAL 41  41  41  VAL VAL X . n 
A 1 42  MET 42  42  42  MET MET X . n 
A 1 43  GLY 43  43  43  GLY GLY X . n 
A 1 44  ARG 44  44  44  ARG ARG X . n 
A 1 45  LYS 45  45  45  LYS LYS X . n 
A 1 46  THR 46  46  46  THR THR X . n 
A 1 47  PHE 47  47  47  PHE PHE X . n 
A 1 48  GLU 48  48  48  GLU GLU X . n 
A 1 49  SER 49  49  49  SER SER X . n 
A 1 50  ILE 50  50  50  ILE ILE X . n 
A 1 51  GLY 51  51  51  GLY GLY X . n 
A 1 52  LYS 52  52  52  LYS LYS X . n 
A 1 53  PRO 53  53  53  PRO PRO X . n 
A 1 54  LEU 54  54  54  LEU LEU X . n 
A 1 55  PRO 55  55  55  PRO PRO X . n 
A 1 56  ASN 56  56  56  ASN ASN X . n 
A 1 57  ARG 57  57  57  ARG ARG X . n 
A 1 58  ARG 58  58  58  ARG ARG X . n 
A 1 59  ASN 59  59  59  ASN ASN X . n 
A 1 60  VAL 60  60  60  VAL VAL X . n 
A 1 61  VAL 61  61  61  VAL VAL X . n 
A 1 62  LEU 62  62  62  LEU LEU X . n 
A 1 63  THR 63  63  63  THR THR X . n 
A 1 64  SER 64  64  64  SER SER X . n 
A 1 65  ASP 65  65  65  ASP ASP X . n 
A 1 66  THR 66  66  66  THR THR X . n 
A 1 67  SER 67  67  67  SER SER X . n 
A 1 68  PHE 68  68  68  PHE PHE X . n 
A 1 69  ASN 69  69  69  ASN ASN X . n 
A 1 70  VAL 70  70  70  VAL VAL X . n 
A 1 71  GLU 71  71  71  GLU GLU X . n 
A 1 72  GLY 72  72  72  GLY GLY X . n 
A 1 73  VAL 73  73  73  VAL VAL X . n 
A 1 74  ASP 74  74  74  ASP ASP X . n 
A 1 75  VAL 75  75  75  VAL VAL X . n 
A 1 76  ILE 76  76  76  ILE ILE X . n 
A 1 77  HIS 77  77  77  HIS HIS X . n 
A 1 78  SER 78  78  78  SER SER X . n 
A 1 79  ILE 79  79  79  ILE ILE X . n 
A 1 80  GLU 80  80  80  GLU GLU X . n 
A 1 81  ASP 81  81  81  ASP ASP X . n 
A 1 82  ILE 82  82  82  ILE ILE X . n 
A 1 83  TYR 83  83  83  TYR TYR X . n 
A 1 84  GLN 84  84  84  GLN GLN X . n 
A 1 85  LEU 85  85  85  LEU LEU X . n 
A 1 86  PRO 86  86  86  PRO PRO X . n 
A 1 87  GLY 87  87  87  GLY GLY X . n 
A 1 88  HIS 88  88  88  HIS HIS X . n 
A 1 89  VAL 89  89  89  VAL VAL X . n 
A 1 90  PHE 90  90  90  PHE PHE X . n 
A 1 91  ILE 91  91  91  ILE ILE X . n 
A 1 92  PHE 92  92  92  PHE PHE X . n 
A 1 93  GLY 93  93  93  GLY GLY X . n 
A 1 94  GLY 94  94  94  GLY GLY X . n 
A 1 95  GLN 95  95  95  GLN GLN X . n 
A 1 96  THR 96  96  96  THR THR X . n 
A 1 97  LEU 97  97  97  LEU LEU X . n 
A 1 98  PHE 98  98  98  PHE PHE X . n 
A 1 99  GLU 99  99  99  GLU GLU X . n 
A 1 100 GLU 100 100 100 GLU GLU X . n 
A 1 101 MET 101 101 101 MET MET X . n 
A 1 102 ILE 102 102 102 ILE ILE X . n 
A 1 103 ASP 103 103 103 ASP ASP X . n 
A 1 104 LYS 104 104 104 LYS LYS X . n 
A 1 105 VAL 105 105 105 VAL VAL X . n 
A 1 106 ASP 106 106 106 ASP ASP X . n 
A 1 107 ASP 107 107 107 ASP ASP X . n 
A 1 108 MET 108 108 108 MET MET X . n 
A 1 109 TYR 109 109 109 TYR TYR X . n 
A 1 110 ILE 110 110 110 ILE ILE X . n 
A 1 111 THR 111 111 111 THR THR X . n 
A 1 112 VAL 112 112 112 VAL VAL X . n 
A 1 113 ILE 113 113 113 ILE ILE X . n 
A 1 114 GLU 114 114 114 GLU GLU X . n 
A 1 115 GLY 115 115 115 GLY GLY X . n 
A 1 116 LYS 116 116 116 LYS LYS X . n 
A 1 117 PHE 117 117 117 PHE PHE X . n 
A 1 118 ARG 118 118 118 ARG ARG X . n 
A 1 119 GLY 119 119 119 GLY GLY X . n 
A 1 120 ASP 120 120 120 ASP ASP X . n 
A 1 121 THR 121 121 121 THR THR X . n 
A 1 122 PHE 122 122 122 PHE PHE X . n 
A 1 123 PHE 123 123 123 PHE PHE X . n 
A 1 124 PRO 124 124 124 PRO PRO X . n 
A 1 125 PRO 125 125 125 PRO PRO X . n 
A 1 126 TYR 126 126 126 TYR TYR X . n 
A 1 127 THR 127 127 127 THR THR X . n 
A 1 128 PHE 128 128 128 PHE PHE X . n 
A 1 129 GLU 129 129 129 GLU GLU X . n 
A 1 130 ASP 130 130 130 ASP ASP X . n 
A 1 131 TRP 131 131 131 TRP TRP X . n 
A 1 132 GLU 132 132 132 GLU GLU X . n 
A 1 133 VAL 133 133 133 VAL VAL X . n 
A 1 134 ALA 134 134 134 ALA ALA X . n 
A 1 135 SER 135 135 135 SER SER X . n 
A 1 136 SER 136 136 136 SER SER X . n 
A 1 137 VAL 137 137 137 VAL VAL X . n 
A 1 138 GLU 138 138 138 GLU GLU X . n 
A 1 139 GLY 139 139 139 GLY GLY X . n 
A 1 140 LYS 140 140 140 LYS LYS X . n 
A 1 141 LEU 141 141 141 LEU LEU X . n 
A 1 142 ASP 142 142 142 ASP ASP X . n 
A 1 143 GLU 143 143 143 GLU GLU X . n 
A 1 144 LYS 144 144 144 LYS LYS X . n 
A 1 145 ASN 145 145 145 ASN ASN X . n 
A 1 146 THR 146 146 146 THR THR X . n 
A 1 147 ILE 147 147 147 ILE ILE X . n 
A 1 148 PRO 148 148 148 PRO PRO X . n 
A 1 149 HIS 149 149 149 HIS HIS X . n 
A 1 150 THR 150 150 150 THR THR X . n 
A 1 151 PHE 151 151 151 PHE PHE X . n 
A 1 152 LEU 152 152 152 LEU LEU X . n 
A 1 153 HIS 153 153 153 HIS HIS X . n 
A 1 154 LEU 154 154 154 LEU LEU X . n 
A 1 155 ILE 155 155 155 ILE ILE X . n 
A 1 156 ARG 156 156 156 ARG ARG X . n 
A 1 157 LYS 157 157 157 LYS LYS X . n 
# 
_pdbx_contact_author.id                 2 
_pdbx_contact_author.email              Dennis.wright@uconn.edu 
_pdbx_contact_author.name_first         Dennis 
_pdbx_contact_author.name_last          Wright 
_pdbx_contact_author.name_mi            l 
_pdbx_contact_author.role               'principal investigator/group leader' 
_pdbx_contact_author.identifier_ORCID   0000-0002-0169-5962 
# 
loop_
_pdbx_nonpoly_scheme.asym_id 
_pdbx_nonpoly_scheme.entity_id 
_pdbx_nonpoly_scheme.mon_id 
_pdbx_nonpoly_scheme.ndb_seq_num 
_pdbx_nonpoly_scheme.pdb_seq_num 
_pdbx_nonpoly_scheme.auth_seq_num 
_pdbx_nonpoly_scheme.pdb_mon_id 
_pdbx_nonpoly_scheme.auth_mon_id 
_pdbx_nonpoly_scheme.pdb_strand_id 
_pdbx_nonpoly_scheme.pdb_ins_code 
B 2 NDW 1  201 201 NDW ANA X . 
C 3 06U 1  202 1   06U 06U X . 
D 4 ACT 1  203 701 ACT ACT X . 
E 5 HOH 1  301 14  HOH HOH X . 
E 5 HOH 2  302 6   HOH HOH X . 
E 5 HOH 3  303 27  HOH HOH X . 
E 5 HOH 4  304 14  HOH HOH X . 
E 5 HOH 5  305 2   HOH HOH X . 
E 5 HOH 6  306 5   HOH HOH X . 
E 5 HOH 7  307 7   HOH HOH X . 
E 5 HOH 8  308 23  HOH HOH X . 
E 5 HOH 9  309 15  HOH HOH X . 
E 5 HOH 10 310 33  HOH HOH X . 
E 5 HOH 11 311 13  HOH HOH X . 
E 5 HOH 12 312 28  HOH HOH X . 
E 5 HOH 13 313 11  HOH HOH X . 
E 5 HOH 14 314 4   HOH HOH X . 
E 5 HOH 15 315 29  HOH HOH X . 
E 5 HOH 16 316 11  HOH HOH X . 
E 5 HOH 17 317 8   HOH HOH X . 
E 5 HOH 18 318 3   HOH HOH X . 
E 5 HOH 19 319 10  HOH HOH X . 
E 5 HOH 20 320 16  HOH HOH X . 
E 5 HOH 21 321 1   HOH HOH X . 
E 5 HOH 22 322 30  HOH HOH X . 
E 5 HOH 23 323 24  HOH HOH X . 
E 5 HOH 24 324 6   HOH HOH X . 
E 5 HOH 25 325 12  HOH HOH X . 
E 5 HOH 26 326 17  HOH HOH X . 
E 5 HOH 27 327 25  HOH HOH X . 
E 5 HOH 28 328 8   HOH HOH X . 
E 5 HOH 29 329 12  HOH HOH X . 
E 5 HOH 30 330 18  HOH HOH X . 
E 5 HOH 31 331 5   HOH HOH X . 
E 5 HOH 32 332 32  HOH HOH X . 
E 5 HOH 33 333 3   HOH HOH X . 
E 5 HOH 34 334 13  HOH HOH X . 
E 5 HOH 35 335 4   HOH HOH X . 
E 5 HOH 36 336 1   HOH HOH X . 
E 5 HOH 37 337 21  HOH HOH X . 
E 5 HOH 38 338 26  HOH HOH X . 
E 5 HOH 39 339 31  HOH HOH X . 
E 5 HOH 40 340 22  HOH HOH X . 
E 5 HOH 41 341 10  HOH HOH X . 
E 5 HOH 42 342 19  HOH HOH X . 
E 5 HOH 43 343 9   HOH HOH X . 
E 5 HOH 44 344 9   HOH HOH X . 
E 5 HOH 45 345 2   HOH HOH X . 
E 5 HOH 46 346 20  HOH HOH X . 
# 
_pdbx_struct_assembly.id                   1 
_pdbx_struct_assembly.details              author_defined_assembly 
_pdbx_struct_assembly.method_details       ? 
_pdbx_struct_assembly.oligomeric_details   monomeric 
_pdbx_struct_assembly.oligomeric_count     1 
# 
_pdbx_struct_assembly_gen.assembly_id       1 
_pdbx_struct_assembly_gen.oper_expression   1 
_pdbx_struct_assembly_gen.asym_id_list      A,B,C,D,E 
# 
_pdbx_struct_oper_list.id                   1 
_pdbx_struct_oper_list.type                 'identity operation' 
_pdbx_struct_oper_list.name                 1_555 
_pdbx_struct_oper_list.symmetry_operation   x,y,z 
_pdbx_struct_oper_list.matrix[1][1]         1.0000000000 
_pdbx_struct_oper_list.matrix[1][2]         0.0000000000 
_pdbx_struct_oper_list.matrix[1][3]         0.0000000000 
_pdbx_struct_oper_list.vector[1]            0.0000000000 
_pdbx_struct_oper_list.matrix[2][1]         0.0000000000 
_pdbx_struct_oper_list.matrix[2][2]         1.0000000000 
_pdbx_struct_oper_list.matrix[2][3]         0.0000000000 
_pdbx_struct_oper_list.vector[2]            0.0000000000 
_pdbx_struct_oper_list.matrix[3][1]         0.0000000000 
_pdbx_struct_oper_list.matrix[3][2]         0.0000000000 
_pdbx_struct_oper_list.matrix[3][3]         1.0000000000 
_pdbx_struct_oper_list.vector[3]            0.0000000000 
# 
loop_
_pdbx_audit_revision_history.ordinal 
_pdbx_audit_revision_history.data_content_type 
_pdbx_audit_revision_history.major_revision 
_pdbx_audit_revision_history.minor_revision 
_pdbx_audit_revision_history.revision_date 
1 'Structure model' 1 0 2022-02-02 
2 'Structure model' 1 1 2023-08-16 
3 'Structure model' 1 2 2023-10-18 
# 
_pdbx_audit_revision_details.ordinal             1 
_pdbx_audit_revision_details.revision_ordinal    1 
_pdbx_audit_revision_details.data_content_type   'Structure model' 
_pdbx_audit_revision_details.provider            repository 
_pdbx_audit_revision_details.type                'Initial release' 
_pdbx_audit_revision_details.description         ? 
_pdbx_audit_revision_details.details             ? 
# 
loop_
_pdbx_audit_revision_group.ordinal 
_pdbx_audit_revision_group.revision_ordinal 
_pdbx_audit_revision_group.data_content_type 
_pdbx_audit_revision_group.group 
1 2 'Structure model' 'Data collection'        
2 2 'Structure model' 'Database references'    
3 3 'Structure model' 'Refinement description' 
# 
loop_
_pdbx_audit_revision_category.ordinal 
_pdbx_audit_revision_category.revision_ordinal 
_pdbx_audit_revision_category.data_content_type 
_pdbx_audit_revision_category.category 
1 2 'Structure model' chem_comp_atom                
2 2 'Structure model' chem_comp_bond                
3 2 'Structure model' citation                      
4 2 'Structure model' citation_author               
5 3 'Structure model' pdbx_initial_refinement_model 
# 
loop_
_pdbx_audit_revision_item.ordinal 
_pdbx_audit_revision_item.revision_ordinal 
_pdbx_audit_revision_item.data_content_type 
_pdbx_audit_revision_item.item 
1  2 'Structure model' '_citation.country'                 
2  2 'Structure model' '_citation.journal_abbrev'          
3  2 'Structure model' '_citation.journal_id_CSD'          
4  2 'Structure model' '_citation.journal_id_ISSN'         
5  2 'Structure model' '_citation.journal_volume'          
6  2 'Structure model' '_citation.page_first'              
7  2 'Structure model' '_citation.page_last'               
8  2 'Structure model' '_citation.pdbx_database_id_DOI'    
9  2 'Structure model' '_citation.pdbx_database_id_PubMed' 
10 2 'Structure model' '_citation.title'                   
11 2 'Structure model' '_citation.year'                    
# 
loop_
_space_group_symop.id 
_space_group_symop.operation_xyz 
1  x,y,z          
2  x-y,x,z+1/6    
3  y,-x+y,z+5/6   
4  -y,x-y,z+1/3   
5  -x+y,-x,z+2/3  
6  x-y,-y,-z      
7  -x,-x+y,-z+2/3 
8  -x,-y,z+1/2    
9  y,x,-z+1/3     
10 -y,-x,-z+5/6   
11 -x+y,y,-z+1/2  
12 x,x-y,-z+1/6   
# 
loop_
_software.citation_id 
_software.classification 
_software.compiler_name 
_software.compiler_version 
_software.contact_author 
_software.contact_author_email 
_software.date 
_software.description 
_software.dependencies 
_software.hardware 
_software.language 
_software.location 
_software.mods 
_software.name 
_software.os 
_software.os_version 
_software.type 
_software.version 
_software.pdbx_ordinal 
? refinement       ? ? ? ? ? ? ? ? ? ? ? PHENIX   ? ? ? '(1.14_3260)' 1 
? 'data reduction' ? ? ? ? ? ? ? ? ? ? ? HKL-2000 ? ? ? .             2 
? 'data scaling'   ? ? ? ? ? ? ? ? ? ? ? HKL-2000 ? ? ? .             3 
? phasing          ? ? ? ? ? ? ? ? ? ? ? PHENIX   ? ? ? .             4 
# 
_pdbx_entry_details.entry_id                 7T7Q 
_pdbx_entry_details.nonpolymer_details       ? 
_pdbx_entry_details.sequence_details         ? 
_pdbx_entry_details.compound_details         ? 
_pdbx_entry_details.source_details           ? 
_pdbx_entry_details.has_ligand_of_interest   N 
# 
loop_
_pdbx_validate_torsion.id 
_pdbx_validate_torsion.PDB_model_num 
_pdbx_validate_torsion.auth_comp_id 
_pdbx_validate_torsion.auth_asym_id 
_pdbx_validate_torsion.auth_seq_id 
_pdbx_validate_torsion.PDB_ins_code 
_pdbx_validate_torsion.label_alt_id 
_pdbx_validate_torsion.phi 
_pdbx_validate_torsion.psi 
1 1 HIS X 38  ? ? -125.25 -150.64 
2 1 ASN X 56  ? ? 70.79   31.46   
3 1 ASP X 142 ? ? -162.89 -162.60 
4 1 GLU X 143 ? ? -21.95  -72.83  
# 
loop_
_pdbx_unobs_or_zero_occ_atoms.id 
_pdbx_unobs_or_zero_occ_atoms.PDB_model_num 
_pdbx_unobs_or_zero_occ_atoms.polymer_flag 
_pdbx_unobs_or_zero_occ_atoms.occupancy_flag 
_pdbx_unobs_or_zero_occ_atoms.auth_asym_id 
_pdbx_unobs_or_zero_occ_atoms.auth_comp_id 
_pdbx_unobs_or_zero_occ_atoms.auth_seq_id 
_pdbx_unobs_or_zero_occ_atoms.PDB_ins_code 
_pdbx_unobs_or_zero_occ_atoms.auth_atom_id 
_pdbx_unobs_or_zero_occ_atoms.label_alt_id 
_pdbx_unobs_or_zero_occ_atoms.label_asym_id 
_pdbx_unobs_or_zero_occ_atoms.label_comp_id 
_pdbx_unobs_or_zero_occ_atoms.label_seq_id 
_pdbx_unobs_or_zero_occ_atoms.label_atom_id 
1 1 Y 1 X LYS 52 ? CG ? A LYS 52 CG 
2 1 Y 1 X LYS 52 ? CD ? A LYS 52 CD 
3 1 Y 1 X LYS 52 ? CE ? A LYS 52 CE 
4 1 Y 1 X LYS 52 ? NZ ? A LYS 52 NZ 
# 
loop_
_chem_comp_atom.comp_id 
_chem_comp_atom.atom_id 
_chem_comp_atom.type_symbol 
_chem_comp_atom.pdbx_aromatic_flag 
_chem_comp_atom.pdbx_stereo_config 
_chem_comp_atom.pdbx_ordinal 
06U N1   N Y N 1   
06U C2   C Y N 2   
06U N3   N Y N 3   
06U C4   C Y N 4   
06U C5   C Y N 5   
06U C6   C Y N 6   
06U CAA  C Y N 7   
06U NAH  N N N 8   
06U CAI  C N N 9   
06U NAJ  N N N 10  
06U CAK  C N N 11  
06U CAL  C N N 12  
06U CAM  C N R 13  
06U CAN  C N N 14  
06U CAO  C Y N 15  
06U CAP  C Y N 16  
06U CAQ  C Y N 17  
06U CAR  C Y N 18  
06U CAS  C Y N 19  
06U CAT  C Y N 20  
06U CAU  C Y N 21  
06U CAV  C Y N 22  
06U CAW  C Y N 23  
06U NAX  N Y N 24  
06U CAY  C Y N 25  
06U CAZ  C N N 26  
06U OBA  O N N 27  
06U CBB  C N N 28  
06U HAA  H N N 29  
06U HNAH H N N 30  
06U HNAA H N N 31  
06U HAI  H N N 32  
06U HAIA H N N 33  
06U HNAJ H N N 34  
06U HNAB H N N 35  
06U HAM  H N N 36  
06U HAN  H N N 37  
06U HANA H N N 38  
06U HANB H N N 39  
06U HAP  H N N 40  
06U HAR  H N N 41  
06U HAT  H N N 42  
06U HAV  H N N 43  
06U HAW  H N N 44  
06U HAY  H N N 45  
06U HAZ  H N N 46  
06U HAZA H N N 47  
06U HAZB H N N 48  
06U HBB  H N N 49  
06U HBBA H N N 50  
06U HBBB H N N 51  
ACT C    C N N 52  
ACT O    O N N 53  
ACT OXT  O N N 54  
ACT CH3  C N N 55  
ACT H1   H N N 56  
ACT H2   H N N 57  
ACT H3   H N N 58  
ALA N    N N N 59  
ALA CA   C N S 60  
ALA C    C N N 61  
ALA O    O N N 62  
ALA CB   C N N 63  
ALA OXT  O N N 64  
ALA H    H N N 65  
ALA H2   H N N 66  
ALA HA   H N N 67  
ALA HB1  H N N 68  
ALA HB2  H N N 69  
ALA HB3  H N N 70  
ALA HXT  H N N 71  
ARG N    N N N 72  
ARG CA   C N S 73  
ARG C    C N N 74  
ARG O    O N N 75  
ARG CB   C N N 76  
ARG CG   C N N 77  
ARG CD   C N N 78  
ARG NE   N N N 79  
ARG CZ   C N N 80  
ARG NH1  N N N 81  
ARG NH2  N N N 82  
ARG OXT  O N N 83  
ARG H    H N N 84  
ARG H2   H N N 85  
ARG HA   H N N 86  
ARG HB2  H N N 87  
ARG HB3  H N N 88  
ARG HG2  H N N 89  
ARG HG3  H N N 90  
ARG HD2  H N N 91  
ARG HD3  H N N 92  
ARG HE   H N N 93  
ARG HH11 H N N 94  
ARG HH12 H N N 95  
ARG HH21 H N N 96  
ARG HH22 H N N 97  
ARG HXT  H N N 98  
ASN N    N N N 99  
ASN CA   C N S 100 
ASN C    C N N 101 
ASN O    O N N 102 
ASN CB   C N N 103 
ASN CG   C N N 104 
ASN OD1  O N N 105 
ASN ND2  N N N 106 
ASN OXT  O N N 107 
ASN H    H N N 108 
ASN H2   H N N 109 
ASN HA   H N N 110 
ASN HB2  H N N 111 
ASN HB3  H N N 112 
ASN HD21 H N N 113 
ASN HD22 H N N 114 
ASN HXT  H N N 115 
ASP N    N N N 116 
ASP CA   C N S 117 
ASP C    C N N 118 
ASP O    O N N 119 
ASP CB   C N N 120 
ASP CG   C N N 121 
ASP OD1  O N N 122 
ASP OD2  O N N 123 
ASP OXT  O N N 124 
ASP H    H N N 125 
ASP H2   H N N 126 
ASP HA   H N N 127 
ASP HB2  H N N 128 
ASP HB3  H N N 129 
ASP HD2  H N N 130 
ASP HXT  H N N 131 
GLN N    N N N 132 
GLN CA   C N S 133 
GLN C    C N N 134 
GLN O    O N N 135 
GLN CB   C N N 136 
GLN CG   C N N 137 
GLN CD   C N N 138 
GLN OE1  O N N 139 
GLN NE2  N N N 140 
GLN OXT  O N N 141 
GLN H    H N N 142 
GLN H2   H N N 143 
GLN HA   H N N 144 
GLN HB2  H N N 145 
GLN HB3  H N N 146 
GLN HG2  H N N 147 
GLN HG3  H N N 148 
GLN HE21 H N N 149 
GLN HE22 H N N 150 
GLN HXT  H N N 151 
GLU N    N N N 152 
GLU CA   C N S 153 
GLU C    C N N 154 
GLU O    O N N 155 
GLU CB   C N N 156 
GLU CG   C N N 157 
GLU CD   C N N 158 
GLU OE1  O N N 159 
GLU OE2  O N N 160 
GLU OXT  O N N 161 
GLU H    H N N 162 
GLU H2   H N N 163 
GLU HA   H N N 164 
GLU HB2  H N N 165 
GLU HB3  H N N 166 
GLU HG2  H N N 167 
GLU HG3  H N N 168 
GLU HE2  H N N 169 
GLU HXT  H N N 170 
GLY N    N N N 171 
GLY CA   C N N 172 
GLY C    C N N 173 
GLY O    O N N 174 
GLY OXT  O N N 175 
GLY H    H N N 176 
GLY H2   H N N 177 
GLY HA2  H N N 178 
GLY HA3  H N N 179 
GLY HXT  H N N 180 
HIS N    N N N 181 
HIS CA   C N S 182 
HIS C    C N N 183 
HIS O    O N N 184 
HIS CB   C N N 185 
HIS CG   C Y N 186 
HIS ND1  N Y N 187 
HIS CD2  C Y N 188 
HIS CE1  C Y N 189 
HIS NE2  N Y N 190 
HIS OXT  O N N 191 
HIS H    H N N 192 
HIS H2   H N N 193 
HIS HA   H N N 194 
HIS HB2  H N N 195 
HIS HB3  H N N 196 
HIS HD1  H N N 197 
HIS HD2  H N N 198 
HIS HE1  H N N 199 
HIS HE2  H N N 200 
HIS HXT  H N N 201 
HOH O    O N N 202 
HOH H1   H N N 203 
HOH H2   H N N 204 
ILE N    N N N 205 
ILE CA   C N S 206 
ILE C    C N N 207 
ILE O    O N N 208 
ILE CB   C N S 209 
ILE CG1  C N N 210 
ILE CG2  C N N 211 
ILE CD1  C N N 212 
ILE OXT  O N N 213 
ILE H    H N N 214 
ILE H2   H N N 215 
ILE HA   H N N 216 
ILE HB   H N N 217 
ILE HG12 H N N 218 
ILE HG13 H N N 219 
ILE HG21 H N N 220 
ILE HG22 H N N 221 
ILE HG23 H N N 222 
ILE HD11 H N N 223 
ILE HD12 H N N 224 
ILE HD13 H N N 225 
ILE HXT  H N N 226 
LEU N    N N N 227 
LEU CA   C N S 228 
LEU C    C N N 229 
LEU O    O N N 230 
LEU CB   C N N 231 
LEU CG   C N N 232 
LEU CD1  C N N 233 
LEU CD2  C N N 234 
LEU OXT  O N N 235 
LEU H    H N N 236 
LEU H2   H N N 237 
LEU HA   H N N 238 
LEU HB2  H N N 239 
LEU HB3  H N N 240 
LEU HG   H N N 241 
LEU HD11 H N N 242 
LEU HD12 H N N 243 
LEU HD13 H N N 244 
LEU HD21 H N N 245 
LEU HD22 H N N 246 
LEU HD23 H N N 247 
LEU HXT  H N N 248 
LYS N    N N N 249 
LYS CA   C N S 250 
LYS C    C N N 251 
LYS O    O N N 252 
LYS CB   C N N 253 
LYS CG   C N N 254 
LYS CD   C N N 255 
LYS CE   C N N 256 
LYS NZ   N N N 257 
LYS OXT  O N N 258 
LYS H    H N N 259 
LYS H2   H N N 260 
LYS HA   H N N 261 
LYS HB2  H N N 262 
LYS HB3  H N N 263 
LYS HG2  H N N 264 
LYS HG3  H N N 265 
LYS HD2  H N N 266 
LYS HD3  H N N 267 
LYS HE2  H N N 268 
LYS HE3  H N N 269 
LYS HZ1  H N N 270 
LYS HZ2  H N N 271 
LYS HZ3  H N N 272 
LYS HXT  H N N 273 
MET N    N N N 274 
MET CA   C N S 275 
MET C    C N N 276 
MET O    O N N 277 
MET CB   C N N 278 
MET CG   C N N 279 
MET SD   S N N 280 
MET CE   C N N 281 
MET OXT  O N N 282 
MET H    H N N 283 
MET H2   H N N 284 
MET HA   H N N 285 
MET HB2  H N N 286 
MET HB3  H N N 287 
MET HG2  H N N 288 
MET HG3  H N N 289 
MET HE1  H N N 290 
MET HE2  H N N 291 
MET HE3  H N N 292 
MET HXT  H N N 293 
NDW PA   P N N 294 
NDW O1A  O N N 295 
NDW O2A  O N N 296 
NDW O5B  O N N 297 
NDW C5B  C N N 298 
NDW C4B  C N R 299 
NDW O4B  O N N 300 
NDW C3B  C N R 301 
NDW O3B  O N N 302 
NDW C2B  C N R 303 
NDW O2B  O N N 304 
NDW C1B  C N R 305 
NDW N9A  N Y N 306 
NDW C8A  C Y N 307 
NDW N7A  N Y N 308 
NDW C5A  C Y N 309 
NDW C6A  C Y N 310 
NDW N6A  N N N 311 
NDW N1A  N Y N 312 
NDW C2A  C Y N 313 
NDW N3A  N Y N 314 
NDW C4A  C Y N 315 
NDW O3   O N N 316 
NDW PN   P N N 317 
NDW O1N  O N N 318 
NDW O2N  O N N 319 
NDW O5D  O N N 320 
NDW C5D  C N N 321 
NDW C4D  C N R 322 
NDW O4D  O N N 323 
NDW C3D  C N S 324 
NDW O3D  O N N 325 
NDW C2D  C N R 326 
NDW O2D  O N N 327 
NDW C1D  C N S 328 
NDW N1N  N N N 329 
NDW C2N  C N N 330 
NDW C3N  C N N 331 
NDW C7N  C N N 332 
NDW O7N  O N N 333 
NDW N7N  N N N 334 
NDW C4N  C N N 335 
NDW C5N  C N N 336 
NDW C6N  C N N 337 
NDW P2B  P N N 338 
NDW O1X  O N N 339 
NDW O2X  O N N 340 
NDW O3X  O N N 341 
NDW H1   H N N 342 
NDW H2   H N N 343 
NDW H3   H N N 344 
NDW H4   H N N 345 
NDW H5   H N N 346 
NDW H6   H N N 347 
NDW H7   H N N 348 
NDW H8   H N N 349 
NDW H9   H N N 350 
NDW H10  H N N 351 
NDW H11  H N N 352 
NDW H12  H N N 353 
NDW H13  H N N 354 
NDW H14  H N N 355 
NDW H15  H N N 356 
NDW H16  H N N 357 
NDW H17  H N N 358 
NDW H18  H N N 359 
NDW H19  H N N 360 
NDW H20  H N N 361 
NDW H21  H N N 362 
NDW H23  H N N 363 
NDW H26  H N N 364 
NDW H27  H N N 365 
NDW H28  H N N 366 
NDW H29  H N N 367 
NDW H30  H N N 368 
NDW H32  H N N 369 
NDW H34  H N N 370 
NDW H35  H N N 371 
PHE N    N N N 372 
PHE CA   C N S 373 
PHE C    C N N 374 
PHE O    O N N 375 
PHE CB   C N N 376 
PHE CG   C Y N 377 
PHE CD1  C Y N 378 
PHE CD2  C Y N 379 
PHE CE1  C Y N 380 
PHE CE2  C Y N 381 
PHE CZ   C Y N 382 
PHE OXT  O N N 383 
PHE H    H N N 384 
PHE H2   H N N 385 
PHE HA   H N N 386 
PHE HB2  H N N 387 
PHE HB3  H N N 388 
PHE HD1  H N N 389 
PHE HD2  H N N 390 
PHE HE1  H N N 391 
PHE HE2  H N N 392 
PHE HZ   H N N 393 
PHE HXT  H N N 394 
PRO N    N N N 395 
PRO CA   C N S 396 
PRO C    C N N 397 
PRO O    O N N 398 
PRO CB   C N N 399 
PRO CG   C N N 400 
PRO CD   C N N 401 
PRO OXT  O N N 402 
PRO H    H N N 403 
PRO HA   H N N 404 
PRO HB2  H N N 405 
PRO HB3  H N N 406 
PRO HG2  H N N 407 
PRO HG3  H N N 408 
PRO HD2  H N N 409 
PRO HD3  H N N 410 
PRO HXT  H N N 411 
SER N    N N N 412 
SER CA   C N S 413 
SER C    C N N 414 
SER O    O N N 415 
SER CB   C N N 416 
SER OG   O N N 417 
SER OXT  O N N 418 
SER H    H N N 419 
SER H2   H N N 420 
SER HA   H N N 421 
SER HB2  H N N 422 
SER HB3  H N N 423 
SER HG   H N N 424 
SER HXT  H N N 425 
THR N    N N N 426 
THR CA   C N S 427 
THR C    C N N 428 
THR O    O N N 429 
THR CB   C N R 430 
THR OG1  O N N 431 
THR CG2  C N N 432 
THR OXT  O N N 433 
THR H    H N N 434 
THR H2   H N N 435 
THR HA   H N N 436 
THR HB   H N N 437 
THR HG1  H N N 438 
THR HG21 H N N 439 
THR HG22 H N N 440 
THR HG23 H N N 441 
THR HXT  H N N 442 
TRP N    N N N 443 
TRP CA   C N S 444 
TRP C    C N N 445 
TRP O    O N N 446 
TRP CB   C N N 447 
TRP CG   C Y N 448 
TRP CD1  C Y N 449 
TRP CD2  C Y N 450 
TRP NE1  N Y N 451 
TRP CE2  C Y N 452 
TRP CE3  C Y N 453 
TRP CZ2  C Y N 454 
TRP CZ3  C Y N 455 
TRP CH2  C Y N 456 
TRP OXT  O N N 457 
TRP H    H N N 458 
TRP H2   H N N 459 
TRP HA   H N N 460 
TRP HB2  H N N 461 
TRP HB3  H N N 462 
TRP HD1  H N N 463 
TRP HE1  H N N 464 
TRP HE3  H N N 465 
TRP HZ2  H N N 466 
TRP HZ3  H N N 467 
TRP HH2  H N N 468 
TRP HXT  H N N 469 
TYR N    N N N 470 
TYR CA   C N S 471 
TYR C    C N N 472 
TYR O    O N N 473 
TYR CB   C N N 474 
TYR CG   C Y N 475 
TYR CD1  C Y N 476 
TYR CD2  C Y N 477 
TYR CE1  C Y N 478 
TYR CE2  C Y N 479 
TYR CZ   C Y N 480 
TYR OH   O N N 481 
TYR OXT  O N N 482 
TYR H    H N N 483 
TYR H2   H N N 484 
TYR HA   H N N 485 
TYR HB2  H N N 486 
TYR HB3  H N N 487 
TYR HD1  H N N 488 
TYR HD2  H N N 489 
TYR HE1  H N N 490 
TYR HE2  H N N 491 
TYR HH   H N N 492 
TYR HXT  H N N 493 
VAL N    N N N 494 
VAL CA   C N S 495 
VAL C    C N N 496 
VAL O    O N N 497 
VAL CB   C N N 498 
VAL CG1  C N N 499 
VAL CG2  C N N 500 
VAL OXT  O N N 501 
VAL H    H N N 502 
VAL H2   H N N 503 
VAL HA   H N N 504 
VAL HB   H N N 505 
VAL HG11 H N N 506 
VAL HG12 H N N 507 
VAL HG13 H N N 508 
VAL HG21 H N N 509 
VAL HG22 H N N 510 
VAL HG23 H N N 511 
VAL HXT  H N N 512 
# 
loop_
_chem_comp_bond.comp_id 
_chem_comp_bond.atom_id_1 
_chem_comp_bond.atom_id_2 
_chem_comp_bond.value_order 
_chem_comp_bond.pdbx_aromatic_flag 
_chem_comp_bond.pdbx_stereo_config 
_chem_comp_bond.pdbx_ordinal 
06U C2  N1   doub Y N 1   
06U N1  C6   sing Y N 2   
06U N3  C2   sing Y N 3   
06U NAH C2   sing N N 4   
06U N3  C4   doub Y N 5   
06U CAI C4   sing N N 6   
06U C4  C5   sing Y N 7   
06U C5  CAK  sing N N 8   
06U C5  C6   doub Y N 9   
06U C6  NAJ  sing N N 10  
06U CAY CAA  doub Y N 11  
06U CAA CAU  sing Y N 12  
06U CAA HAA  sing N N 13  
06U NAH HNAH sing N N 14  
06U NAH HNAA sing N N 15  
06U CAZ CAI  sing N N 16  
06U CAI HAI  sing N N 17  
06U CAI HAIA sing N N 18  
06U NAJ HNAJ sing N N 19  
06U NAJ HNAB sing N N 20  
06U CAK CAL  trip N N 21  
06U CAL CAM  sing N N 22  
06U CAO CAM  sing N N 23  
06U CAM CAN  sing N N 24  
06U CAM HAM  sing N N 25  
06U CAN HAN  sing N N 26  
06U CAN HANA sing N N 27  
06U CAN HANB sing N N 28  
06U CAP CAO  doub Y N 29  
06U CAT CAO  sing Y N 30  
06U CAQ CAP  sing Y N 31  
06U CAP HAP  sing N N 32  
06U OBA CAQ  sing N N 33  
06U CAR CAQ  doub Y N 34  
06U CAR CAS  sing Y N 35  
06U CAR HAR  sing N N 36  
06U CAU CAS  sing Y N 37  
06U CAS CAT  doub Y N 38  
06U CAT HAT  sing N N 39  
06U CAU CAV  doub Y N 40  
06U CAW CAV  sing Y N 41  
06U CAV HAV  sing N N 42  
06U NAX CAW  doub Y N 43  
06U CAW HAW  sing N N 44  
06U CAY NAX  sing Y N 45  
06U CAY HAY  sing N N 46  
06U CAZ HAZ  sing N N 47  
06U CAZ HAZA sing N N 48  
06U CAZ HAZB sing N N 49  
06U OBA CBB  sing N N 50  
06U CBB HBB  sing N N 51  
06U CBB HBBA sing N N 52  
06U CBB HBBB sing N N 53  
ACT C   O    doub N N 54  
ACT C   OXT  sing N N 55  
ACT C   CH3  sing N N 56  
ACT CH3 H1   sing N N 57  
ACT CH3 H2   sing N N 58  
ACT CH3 H3   sing N N 59  
ALA N   CA   sing N N 60  
ALA N   H    sing N N 61  
ALA N   H2   sing N N 62  
ALA CA  C    sing N N 63  
ALA CA  CB   sing N N 64  
ALA CA  HA   sing N N 65  
ALA C   O    doub N N 66  
ALA C   OXT  sing N N 67  
ALA CB  HB1  sing N N 68  
ALA CB  HB2  sing N N 69  
ALA CB  HB3  sing N N 70  
ALA OXT HXT  sing N N 71  
ARG N   CA   sing N N 72  
ARG N   H    sing N N 73  
ARG N   H2   sing N N 74  
ARG CA  C    sing N N 75  
ARG CA  CB   sing N N 76  
ARG CA  HA   sing N N 77  
ARG C   O    doub N N 78  
ARG C   OXT  sing N N 79  
ARG CB  CG   sing N N 80  
ARG CB  HB2  sing N N 81  
ARG CB  HB3  sing N N 82  
ARG CG  CD   sing N N 83  
ARG CG  HG2  sing N N 84  
ARG CG  HG3  sing N N 85  
ARG CD  NE   sing N N 86  
ARG CD  HD2  sing N N 87  
ARG CD  HD3  sing N N 88  
ARG NE  CZ   sing N N 89  
ARG NE  HE   sing N N 90  
ARG CZ  NH1  sing N N 91  
ARG CZ  NH2  doub N N 92  
ARG NH1 HH11 sing N N 93  
ARG NH1 HH12 sing N N 94  
ARG NH2 HH21 sing N N 95  
ARG NH2 HH22 sing N N 96  
ARG OXT HXT  sing N N 97  
ASN N   CA   sing N N 98  
ASN N   H    sing N N 99  
ASN N   H2   sing N N 100 
ASN CA  C    sing N N 101 
ASN CA  CB   sing N N 102 
ASN CA  HA   sing N N 103 
ASN C   O    doub N N 104 
ASN C   OXT  sing N N 105 
ASN CB  CG   sing N N 106 
ASN CB  HB2  sing N N 107 
ASN CB  HB3  sing N N 108 
ASN CG  OD1  doub N N 109 
ASN CG  ND2  sing N N 110 
ASN ND2 HD21 sing N N 111 
ASN ND2 HD22 sing N N 112 
ASN OXT HXT  sing N N 113 
ASP N   CA   sing N N 114 
ASP N   H    sing N N 115 
ASP N   H2   sing N N 116 
ASP CA  C    sing N N 117 
ASP CA  CB   sing N N 118 
ASP CA  HA   sing N N 119 
ASP C   O    doub N N 120 
ASP C   OXT  sing N N 121 
ASP CB  CG   sing N N 122 
ASP CB  HB2  sing N N 123 
ASP CB  HB3  sing N N 124 
ASP CG  OD1  doub N N 125 
ASP CG  OD2  sing N N 126 
ASP OD2 HD2  sing N N 127 
ASP OXT HXT  sing N N 128 
GLN N   CA   sing N N 129 
GLN N   H    sing N N 130 
GLN N   H2   sing N N 131 
GLN CA  C    sing N N 132 
GLN CA  CB   sing N N 133 
GLN CA  HA   sing N N 134 
GLN C   O    doub N N 135 
GLN C   OXT  sing N N 136 
GLN CB  CG   sing N N 137 
GLN CB  HB2  sing N N 138 
GLN CB  HB3  sing N N 139 
GLN CG  CD   sing N N 140 
GLN CG  HG2  sing N N 141 
GLN CG  HG3  sing N N 142 
GLN CD  OE1  doub N N 143 
GLN CD  NE2  sing N N 144 
GLN NE2 HE21 sing N N 145 
GLN NE2 HE22 sing N N 146 
GLN OXT HXT  sing N N 147 
GLU N   CA   sing N N 148 
GLU N   H    sing N N 149 
GLU N   H2   sing N N 150 
GLU CA  C    sing N N 151 
GLU CA  CB   sing N N 152 
GLU CA  HA   sing N N 153 
GLU C   O    doub N N 154 
GLU C   OXT  sing N N 155 
GLU CB  CG   sing N N 156 
GLU CB  HB2  sing N N 157 
GLU CB  HB3  sing N N 158 
GLU CG  CD   sing N N 159 
GLU CG  HG2  sing N N 160 
GLU CG  HG3  sing N N 161 
GLU CD  OE1  doub N N 162 
GLU CD  OE2  sing N N 163 
GLU OE2 HE2  sing N N 164 
GLU OXT HXT  sing N N 165 
GLY N   CA   sing N N 166 
GLY N   H    sing N N 167 
GLY N   H2   sing N N 168 
GLY CA  C    sing N N 169 
GLY CA  HA2  sing N N 170 
GLY CA  HA3  sing N N 171 
GLY C   O    doub N N 172 
GLY C   OXT  sing N N 173 
GLY OXT HXT  sing N N 174 
HIS N   CA   sing N N 175 
HIS N   H    sing N N 176 
HIS N   H2   sing N N 177 
HIS CA  C    sing N N 178 
HIS CA  CB   sing N N 179 
HIS CA  HA   sing N N 180 
HIS C   O    doub N N 181 
HIS C   OXT  sing N N 182 
HIS CB  CG   sing N N 183 
HIS CB  HB2  sing N N 184 
HIS CB  HB3  sing N N 185 
HIS CG  ND1  sing Y N 186 
HIS CG  CD2  doub Y N 187 
HIS ND1 CE1  doub Y N 188 
HIS ND1 HD1  sing N N 189 
HIS CD2 NE2  sing Y N 190 
HIS CD2 HD2  sing N N 191 
HIS CE1 NE2  sing Y N 192 
HIS CE1 HE1  sing N N 193 
HIS NE2 HE2  sing N N 194 
HIS OXT HXT  sing N N 195 
HOH O   H1   sing N N 196 
HOH O   H2   sing N N 197 
ILE N   CA   sing N N 198 
ILE N   H    sing N N 199 
ILE N   H2   sing N N 200 
ILE CA  C    sing N N 201 
ILE CA  CB   sing N N 202 
ILE CA  HA   sing N N 203 
ILE C   O    doub N N 204 
ILE C   OXT  sing N N 205 
ILE CB  CG1  sing N N 206 
ILE CB  CG2  sing N N 207 
ILE CB  HB   sing N N 208 
ILE CG1 CD1  sing N N 209 
ILE CG1 HG12 sing N N 210 
ILE CG1 HG13 sing N N 211 
ILE CG2 HG21 sing N N 212 
ILE CG2 HG22 sing N N 213 
ILE CG2 HG23 sing N N 214 
ILE CD1 HD11 sing N N 215 
ILE CD1 HD12 sing N N 216 
ILE CD1 HD13 sing N N 217 
ILE OXT HXT  sing N N 218 
LEU N   CA   sing N N 219 
LEU N   H    sing N N 220 
LEU N   H2   sing N N 221 
LEU CA  C    sing N N 222 
LEU CA  CB   sing N N 223 
LEU CA  HA   sing N N 224 
LEU C   O    doub N N 225 
LEU C   OXT  sing N N 226 
LEU CB  CG   sing N N 227 
LEU CB  HB2  sing N N 228 
LEU CB  HB3  sing N N 229 
LEU CG  CD1  sing N N 230 
LEU CG  CD2  sing N N 231 
LEU CG  HG   sing N N 232 
LEU CD1 HD11 sing N N 233 
LEU CD1 HD12 sing N N 234 
LEU CD1 HD13 sing N N 235 
LEU CD2 HD21 sing N N 236 
LEU CD2 HD22 sing N N 237 
LEU CD2 HD23 sing N N 238 
LEU OXT HXT  sing N N 239 
LYS N   CA   sing N N 240 
LYS N   H    sing N N 241 
LYS N   H2   sing N N 242 
LYS CA  C    sing N N 243 
LYS CA  CB   sing N N 244 
LYS CA  HA   sing N N 245 
LYS C   O    doub N N 246 
LYS C   OXT  sing N N 247 
LYS CB  CG   sing N N 248 
LYS CB  HB2  sing N N 249 
LYS CB  HB3  sing N N 250 
LYS CG  CD   sing N N 251 
LYS CG  HG2  sing N N 252 
LYS CG  HG3  sing N N 253 
LYS CD  CE   sing N N 254 
LYS CD  HD2  sing N N 255 
LYS CD  HD3  sing N N 256 
LYS CE  NZ   sing N N 257 
LYS CE  HE2  sing N N 258 
LYS CE  HE3  sing N N 259 
LYS NZ  HZ1  sing N N 260 
LYS NZ  HZ2  sing N N 261 
LYS NZ  HZ3  sing N N 262 
LYS OXT HXT  sing N N 263 
MET N   CA   sing N N 264 
MET N   H    sing N N 265 
MET N   H2   sing N N 266 
MET CA  C    sing N N 267 
MET CA  CB   sing N N 268 
MET CA  HA   sing N N 269 
MET C   O    doub N N 270 
MET C   OXT  sing N N 271 
MET CB  CG   sing N N 272 
MET CB  HB2  sing N N 273 
MET CB  HB3  sing N N 274 
MET CG  SD   sing N N 275 
MET CG  HG2  sing N N 276 
MET CG  HG3  sing N N 277 
MET SD  CE   sing N N 278 
MET CE  HE1  sing N N 279 
MET CE  HE2  sing N N 280 
MET CE  HE3  sing N N 281 
MET OXT HXT  sing N N 282 
NDW N1A C2A  doub Y N 283 
NDW N1A C6A  sing Y N 284 
NDW N6A C6A  sing N N 285 
NDW C2A N3A  sing Y N 286 
NDW C6A C5A  doub Y N 287 
NDW N3A C4A  doub Y N 288 
NDW C5A C4A  sing Y N 289 
NDW C5A N7A  sing Y N 290 
NDW C4A N9A  sing Y N 291 
NDW N7A C8A  doub Y N 292 
NDW N9A C8A  sing Y N 293 
NDW N9A C1B  sing N N 294 
NDW C1B O4B  sing N N 295 
NDW C1B C2B  sing N N 296 
NDW O3X P2B  doub N N 297 
NDW O4B C4B  sing N N 298 
NDW C2B O2B  sing N N 299 
NDW C2B C3B  sing N N 300 
NDW O2B P2B  sing N N 301 
NDW O2X P2B  sing N N 302 
NDW P2B O1X  sing N N 303 
NDW C4B C3B  sing N N 304 
NDW C4B C5B  sing N N 305 
NDW C3B O3B  sing N N 306 
NDW O1A PA   doub N N 307 
NDW O2A PA   sing N N 308 
NDW C5B O5B  sing N N 309 
NDW O5B PA   sing N N 310 
NDW PA  O3   sing N N 311 
NDW O7N C7N  doub N N 312 
NDW O3  PN   sing N N 313 
NDW O1N PN   doub N N 314 
NDW C7N N7N  sing N N 315 
NDW C7N C3N  sing N N 316 
NDW O2N PN   sing N N 317 
NDW PN  O5D  sing N N 318 
NDW C2N C3N  doub N N 319 
NDW C2N N1N  sing N N 320 
NDW C3N C4N  sing N N 321 
NDW C1D O4D  sing N N 322 
NDW C1D N1N  sing N N 323 
NDW C1D C2D  sing N N 324 
NDW O4D C4D  sing N N 325 
NDW O5D C5D  sing N N 326 
NDW N1N C6N  sing N N 327 
NDW C4N C5N  sing N N 328 
NDW C2D C3D  sing N N 329 
NDW C2D O2D  sing N N 330 
NDW C5D C4D  sing N N 331 
NDW C4D C3D  sing N N 332 
NDW C6N C5N  doub N N 333 
NDW C3D O3D  sing N N 334 
NDW O2A H1   sing N N 335 
NDW C5B H2   sing N N 336 
NDW C5B H3   sing N N 337 
NDW C4B H4   sing N N 338 
NDW C3B H5   sing N N 339 
NDW O3B H6   sing N N 340 
NDW C2B H7   sing N N 341 
NDW C1B H8   sing N N 342 
NDW C8A H9   sing N N 343 
NDW N6A H10  sing N N 344 
NDW N6A H11  sing N N 345 
NDW C2A H12  sing N N 346 
NDW O2N H13  sing N N 347 
NDW C5D H14  sing N N 348 
NDW C5D H15  sing N N 349 
NDW C4D H16  sing N N 350 
NDW C3D H17  sing N N 351 
NDW O3D H18  sing N N 352 
NDW C2D H19  sing N N 353 
NDW O2D H20  sing N N 354 
NDW C1D H21  sing N N 355 
NDW C2N H23  sing N N 356 
NDW N7N H26  sing N N 357 
NDW N7N H27  sing N N 358 
NDW C4N H28  sing N N 359 
NDW C4N H29  sing N N 360 
NDW C5N H30  sing N N 361 
NDW C6N H32  sing N N 362 
NDW O1X H34  sing N N 363 
NDW O2X H35  sing N N 364 
PHE N   CA   sing N N 365 
PHE N   H    sing N N 366 
PHE N   H2   sing N N 367 
PHE CA  C    sing N N 368 
PHE CA  CB   sing N N 369 
PHE CA  HA   sing N N 370 
PHE C   O    doub N N 371 
PHE C   OXT  sing N N 372 
PHE CB  CG   sing N N 373 
PHE CB  HB2  sing N N 374 
PHE CB  HB3  sing N N 375 
PHE CG  CD1  doub Y N 376 
PHE CG  CD2  sing Y N 377 
PHE CD1 CE1  sing Y N 378 
PHE CD1 HD1  sing N N 379 
PHE CD2 CE2  doub Y N 380 
PHE CD2 HD2  sing N N 381 
PHE CE1 CZ   doub Y N 382 
PHE CE1 HE1  sing N N 383 
PHE CE2 CZ   sing Y N 384 
PHE CE2 HE2  sing N N 385 
PHE CZ  HZ   sing N N 386 
PHE OXT HXT  sing N N 387 
PRO N   CA   sing N N 388 
PRO N   CD   sing N N 389 
PRO N   H    sing N N 390 
PRO CA  C    sing N N 391 
PRO CA  CB   sing N N 392 
PRO CA  HA   sing N N 393 
PRO C   O    doub N N 394 
PRO C   OXT  sing N N 395 
PRO CB  CG   sing N N 396 
PRO CB  HB2  sing N N 397 
PRO CB  HB3  sing N N 398 
PRO CG  CD   sing N N 399 
PRO CG  HG2  sing N N 400 
PRO CG  HG3  sing N N 401 
PRO CD  HD2  sing N N 402 
PRO CD  HD3  sing N N 403 
PRO OXT HXT  sing N N 404 
SER N   CA   sing N N 405 
SER N   H    sing N N 406 
SER N   H2   sing N N 407 
SER CA  C    sing N N 408 
SER CA  CB   sing N N 409 
SER CA  HA   sing N N 410 
SER C   O    doub N N 411 
SER C   OXT  sing N N 412 
SER CB  OG   sing N N 413 
SER CB  HB2  sing N N 414 
SER CB  HB3  sing N N 415 
SER OG  HG   sing N N 416 
SER OXT HXT  sing N N 417 
THR N   CA   sing N N 418 
THR N   H    sing N N 419 
THR N   H2   sing N N 420 
THR CA  C    sing N N 421 
THR CA  CB   sing N N 422 
THR CA  HA   sing N N 423 
THR C   O    doub N N 424 
THR C   OXT  sing N N 425 
THR CB  OG1  sing N N 426 
THR CB  CG2  sing N N 427 
THR CB  HB   sing N N 428 
THR OG1 HG1  sing N N 429 
THR CG2 HG21 sing N N 430 
THR CG2 HG22 sing N N 431 
THR CG2 HG23 sing N N 432 
THR OXT HXT  sing N N 433 
TRP N   CA   sing N N 434 
TRP N   H    sing N N 435 
TRP N   H2   sing N N 436 
TRP CA  C    sing N N 437 
TRP CA  CB   sing N N 438 
TRP CA  HA   sing N N 439 
TRP C   O    doub N N 440 
TRP C   OXT  sing N N 441 
TRP CB  CG   sing N N 442 
TRP CB  HB2  sing N N 443 
TRP CB  HB3  sing N N 444 
TRP CG  CD1  doub Y N 445 
TRP CG  CD2  sing Y N 446 
TRP CD1 NE1  sing Y N 447 
TRP CD1 HD1  sing N N 448 
TRP CD2 CE2  doub Y N 449 
TRP CD2 CE3  sing Y N 450 
TRP NE1 CE2  sing Y N 451 
TRP NE1 HE1  sing N N 452 
TRP CE2 CZ2  sing Y N 453 
TRP CE3 CZ3  doub Y N 454 
TRP CE3 HE3  sing N N 455 
TRP CZ2 CH2  doub Y N 456 
TRP CZ2 HZ2  sing N N 457 
TRP CZ3 CH2  sing Y N 458 
TRP CZ3 HZ3  sing N N 459 
TRP CH2 HH2  sing N N 460 
TRP OXT HXT  sing N N 461 
TYR N   CA   sing N N 462 
TYR N   H    sing N N 463 
TYR N   H2   sing N N 464 
TYR CA  C    sing N N 465 
TYR CA  CB   sing N N 466 
TYR CA  HA   sing N N 467 
TYR C   O    doub N N 468 
TYR C   OXT  sing N N 469 
TYR CB  CG   sing N N 470 
TYR CB  HB2  sing N N 471 
TYR CB  HB3  sing N N 472 
TYR CG  CD1  doub Y N 473 
TYR CG  CD2  sing Y N 474 
TYR CD1 CE1  sing Y N 475 
TYR CD1 HD1  sing N N 476 
TYR CD2 CE2  doub Y N 477 
TYR CD2 HD2  sing N N 478 
TYR CE1 CZ   doub Y N 479 
TYR CE1 HE1  sing N N 480 
TYR CE2 CZ   sing Y N 481 
TYR CE2 HE2  sing N N 482 
TYR CZ  OH   sing N N 483 
TYR OH  HH   sing N N 484 
TYR OXT HXT  sing N N 485 
VAL N   CA   sing N N 486 
VAL N   H    sing N N 487 
VAL N   H2   sing N N 488 
VAL CA  C    sing N N 489 
VAL CA  CB   sing N N 490 
VAL CA  HA   sing N N 491 
VAL C   O    doub N N 492 
VAL C   OXT  sing N N 493 
VAL CB  CG1  sing N N 494 
VAL CB  CG2  sing N N 495 
VAL CB  HB   sing N N 496 
VAL CG1 HG11 sing N N 497 
VAL CG1 HG12 sing N N 498 
VAL CG1 HG13 sing N N 499 
VAL CG2 HG21 sing N N 500 
VAL CG2 HG22 sing N N 501 
VAL CG2 HG23 sing N N 502 
VAL OXT HXT  sing N N 503 
# 
loop_
_pdbx_audit_support.funding_organization 
_pdbx_audit_support.country 
_pdbx_audit_support.grant_number 
_pdbx_audit_support.ordinal 
'National Institutes of Health/National Institute Of Allergy and Infectious Diseases (NIH/NIAID)' 'United States' AI104841 1 
'National Institutes of Health/National Institute of General Medical Sciences (NIH/NIGMS)'        'United States' GM078031 2 
'National Institutes of Health/National Institute of General Medical Sciences (NIH/NIGMS)'        'United States' GM118543 3 
# 
loop_
_pdbx_entity_nonpoly.entity_id 
_pdbx_entity_nonpoly.name 
_pdbx_entity_nonpoly.comp_id 
2 alpha-NADPH                                                                                NDW 
3 '6-ethyl-5-{(3R)-3-[3-methoxy-5-(pyridin-4-yl)phenyl]but-1-yn-1-yl}pyrimidine-2,4-diamine' 06U 
4 'ACETATE ION'                                                                              ACT 
5 water                                                                                      HOH 
# 
_pdbx_initial_refinement_model.id               1 
_pdbx_initial_refinement_model.entity_id_list   ? 
_pdbx_initial_refinement_model.type             'experimental model' 
_pdbx_initial_refinement_model.source_name      PDB 
_pdbx_initial_refinement_model.accession_code   3F0Q 
_pdbx_initial_refinement_model.details          ? 
# 
_pdbx_struct_assembly_auth_evidence.id                     1 
_pdbx_struct_assembly_auth_evidence.assembly_id            1 
_pdbx_struct_assembly_auth_evidence.experimental_support   'gel filtration' 
_pdbx_struct_assembly_auth_evidence.details                ? 
# 
_space_group.name_H-M_alt     'P 61 2 2' 
_space_group.name_Hall        'P 61 2 (x,y,z+5/12)' 
_space_group.IT_number        178 
_space_group.crystal_system   hexagonal 
_space_group.id               1 
# 
